data_8SQM
#
_entry.id   8SQM
#
loop_
_entity.id
_entity.type
_entity.pdbx_description
1 polymer 'Metal resistance protein YCF1'
2 polymer 'Unknown peptide from Ycf1p R region'
3 non-polymer '(2R)-3-{[(S)-(2-aminoethoxy)(hydroxy)phosphoryl]oxy}-2-(tetradecanoyloxy)propyl octadecanoate'
#
loop_
_entity_poly.entity_id
_entity_poly.type
_entity_poly.pdbx_seq_one_letter_code
_entity_poly.pdbx_strand_id
1 'polypeptide(L)'
;MAGNLVSWACKLCRSPEGFGPISFYGDFTQCFIDGVILNLSAIFMITFGIRDLVNLCKKKHSGIKYRRNWIIVSRMALVL
LEIAFVSLASLNISKEEAENFTIVSQYASTMLSLFVALALHWIEYDRSVVANTVLLFYWLFETFGNFAKLINILIRHTYE
GIWYSGQTGFILTLFQVITCASILLLEALPKKPLMPHQHIHQTLTRRKPNPYDSANIFSRITFSWMSGLMKTGYEKYLVE
ADLYKLPRNFSSEELSQKLEKNWENELKQKSNPSLSWAICRTFGSKMLLAAFFKAIHDVLAFTQPQLLRILIKFVTDYNS
ERQDDHSSLQGFENNHPQKLPIVRGFLIAFAMFLVGFTQTSVLHQYFLNVFNTGMYIKSALTALIYQKSLVLSNEASGLS
STGDIVNLMSVDVQKLQDLTQWLNLIWSGPFQIIICLYSLYKLLGNSMWVGVIILVIMMPLNSFLMRIQKKLQKSQMKYK
DERTRVISEILNNIKSLKLYAWEKPYREKLEEVRNNKELKNLTKLGCYMAVTSFQFNIVPFLVSCCTFAVFVYTEDRALT
TDLVFPALTLFNLLSFPLMIIPMVLNSFIEASVSIGRLFTFFTNEELQPDSVQRLPKVKNIGDVAINIGDDATFLWQRKP
EYKVALKNINFQAKKGNLTCIVGKVGSGKTALLSCMLGDLFRVKGFATVHGSVAYVSQVPWIMNGTVKENILFGHRYDAE
FYEKTIKACALTIDLAILMDGDKTLVGEKGISLSGGQKARLSLARAVYARADTYLLDDPLAAVDEHVARHLIEHVLGPNG
LLHTKTKVLATNKVSALSIADSIALLDNGEITQQGTYDEITKDADSPLWKLLNNYGKKNNGKSNEFGDSSESSVRESSIP
VEGELEQLQKLNDLDFGNSDAISLRRASDATLGSIDFGDDENIAKREHREQGKVKWNIYLEYAKACNPKSVCVFILFIVI
SMFLSVMGNVWLKHWSEVNSRYGSNPNAARYLAIYFALGIGSALATLIQTIVLWVFCTIHASKYLHNLMTNSVLRAPMTF
FETTPIGRILNRFSNDIYKVDALLGRTFSQFFVNAVKVTFTITVICATTWQFIFIIIPLSVFYIYYQQYYLRTSRELRRL
DSITRSPIYSHFQETLGGLATVRGYSQQKRFSHINQCRIDNNMSAFYPSINANRWLAYRLELIGSIIILGAATLSVFRLK
QGTLTAGMVGLSLSYALQITQTLNWIVRMTVEVETNIVSVERIKEYADLKSEAPLIVEGHRPPKEWPSQGDIKFNNYSTR
YRPELDLVLKHINIHIKPNEKVGIVGRTGAGKSSLTLALFRMIEASEGNIVIDNIAINEIGLYDLRHKLSIIPQDSQVFE
GTVRENIDPINQYTDEAIWRALELSHLKEHVLSMSNDGLDAQLTEGGGNLSVGQRQLLCLARAMLVPSKILVLDEATAAV
DVETDKVVQETIRTAFKDRTILTIAHRLNTIMDSDRIIVLDNGKVAEFDSPGQLLSDNKSLFYSLCMEAGLVNENDYKDH
DGDYKDHDIDYKDDDDK
;
A
2 'polypeptide(L)' (UNK)(UNK)(UNK)(UNK)(UNK)(UNK)(UNK)(UNK)(UNK)(UNK)(UNK)(UNK)(UNK)(UNK) B
#
# COMPACT_ATOMS: atom_id res chain seq x y z
N CYS A 10 23.22 -21.01 -53.98
CA CYS A 10 23.67 -22.27 -53.31
C CYS A 10 24.51 -21.95 -52.07
N LYS A 11 24.61 -22.94 -51.17
CA LYS A 11 25.43 -22.77 -49.97
C LYS A 11 26.90 -22.67 -50.35
N LEU A 12 27.56 -21.64 -49.82
CA LEU A 12 28.97 -21.40 -50.14
C LEU A 12 29.89 -22.03 -49.11
N CYS A 13 29.71 -23.33 -48.89
CA CYS A 13 30.53 -24.10 -47.96
C CYS A 13 30.79 -25.47 -48.56
N ARG A 14 31.75 -26.18 -47.98
CA ARG A 14 32.14 -27.51 -48.44
C ARG A 14 32.21 -28.43 -47.23
N SER A 15 31.10 -29.08 -46.91
CA SER A 15 31.05 -30.02 -45.80
C SER A 15 29.83 -30.92 -45.97
N PRO A 16 29.89 -32.16 -45.51
CA PRO A 16 28.70 -33.03 -45.62
C PRO A 16 27.51 -32.49 -44.87
N GLU A 17 27.74 -31.82 -43.75
CA GLU A 17 26.69 -31.21 -42.96
C GLU A 17 26.60 -29.75 -43.37
N GLY A 18 25.57 -29.41 -44.13
CA GLY A 18 25.46 -28.07 -44.67
C GLY A 18 25.24 -27.06 -43.56
N PHE A 19 24.81 -25.87 -43.98
CA PHE A 19 24.49 -24.82 -43.03
C PHE A 19 23.29 -25.18 -42.16
N GLY A 20 22.57 -26.25 -42.48
CA GLY A 20 21.45 -26.68 -41.67
C GLY A 20 21.82 -26.59 -40.20
N PRO A 21 21.12 -25.75 -39.45
CA PRO A 21 21.62 -25.41 -38.12
C PRO A 21 21.83 -26.61 -37.22
N ILE A 22 21.02 -27.65 -37.35
CA ILE A 22 21.10 -28.81 -36.48
C ILE A 22 21.44 -30.03 -37.33
N SER A 23 22.50 -30.72 -36.94
CA SER A 23 22.99 -31.85 -37.72
C SER A 23 22.12 -33.07 -37.50
N PHE A 24 22.53 -34.19 -38.10
CA PHE A 24 21.87 -35.45 -37.80
C PHE A 24 21.95 -35.75 -36.31
N TYR A 25 23.13 -35.59 -35.73
CA TYR A 25 23.25 -35.60 -34.29
C TYR A 25 22.65 -34.33 -33.73
N GLY A 26 22.48 -34.28 -32.42
CA GLY A 26 21.72 -33.20 -31.82
C GLY A 26 22.37 -31.83 -31.93
N ASP A 27 23.70 -31.77 -31.98
CA ASP A 27 24.41 -30.51 -31.87
C ASP A 27 24.52 -29.82 -33.23
N PHE A 28 25.00 -28.59 -33.21
CA PHE A 28 25.08 -27.77 -34.41
C PHE A 28 26.09 -28.35 -35.40
N THR A 29 25.82 -28.13 -36.69
CA THR A 29 26.76 -28.51 -37.72
C THR A 29 27.99 -27.60 -37.67
N GLN A 30 29.14 -28.19 -37.99
CA GLN A 30 30.38 -27.42 -37.94
C GLN A 30 30.29 -26.15 -38.77
N CYS A 31 29.58 -26.20 -39.90
CA CYS A 31 29.42 -25.01 -40.71
C CYS A 31 28.54 -23.97 -40.02
N PHE A 32 27.57 -24.41 -39.22
CA PHE A 32 26.78 -23.44 -38.47
C PHE A 32 27.58 -22.81 -37.35
N ILE A 33 28.34 -23.63 -36.60
CA ILE A 33 29.13 -23.09 -35.51
C ILE A 33 30.17 -22.11 -36.05
N ASP A 34 30.93 -22.52 -37.06
CA ASP A 34 31.92 -21.62 -37.62
C ASP A 34 31.26 -20.51 -38.44
N GLY A 35 30.19 -20.84 -39.16
CA GLY A 35 29.64 -19.91 -40.12
C GLY A 35 28.66 -18.91 -39.53
N VAL A 36 27.99 -19.26 -38.44
CA VAL A 36 26.92 -18.42 -37.94
C VAL A 36 27.17 -17.99 -36.50
N ILE A 37 27.39 -18.93 -35.59
CA ILE A 37 27.53 -18.56 -34.19
C ILE A 37 28.84 -17.81 -33.96
N LEU A 38 29.97 -18.46 -34.20
CA LEU A 38 31.24 -17.80 -33.96
C LEU A 38 31.54 -16.72 -34.98
N ASN A 39 30.76 -16.62 -36.04
CA ASN A 39 30.92 -15.51 -36.98
C ASN A 39 30.11 -14.30 -36.54
N LEU A 40 28.85 -14.52 -36.16
CA LEU A 40 28.04 -13.42 -35.65
C LEU A 40 28.57 -12.89 -34.34
N SER A 41 29.09 -13.74 -33.47
CA SER A 41 29.70 -13.20 -32.25
C SER A 41 30.85 -12.28 -32.61
N ALA A 42 31.67 -12.69 -33.57
CA ALA A 42 32.81 -11.87 -33.98
C ALA A 42 32.35 -10.57 -34.61
N ILE A 43 31.32 -10.62 -35.46
CA ILE A 43 30.86 -9.40 -36.14
C ILE A 43 30.17 -8.46 -35.16
N PHE A 44 29.33 -9.00 -34.28
CA PHE A 44 28.80 -8.23 -33.17
C PHE A 44 29.94 -7.53 -32.44
N MET A 45 31.01 -8.28 -32.16
CA MET A 45 32.10 -7.67 -31.42
C MET A 45 32.77 -6.60 -32.24
N ILE A 46 33.03 -6.83 -33.53
CA ILE A 46 33.61 -5.78 -34.36
C ILE A 46 32.77 -4.51 -34.25
N THR A 47 31.52 -4.59 -34.70
CA THR A 47 30.70 -3.38 -34.75
C THR A 47 30.60 -2.74 -33.37
N PHE A 48 29.97 -3.42 -32.42
CA PHE A 48 29.69 -2.78 -31.15
C PHE A 48 30.96 -2.51 -30.35
N GLY A 49 32.00 -3.31 -30.52
CA GLY A 49 33.25 -3.04 -29.84
C GLY A 49 33.93 -1.78 -30.31
N ILE A 50 34.03 -1.59 -31.63
CA ILE A 50 34.54 -0.30 -32.11
C ILE A 50 33.65 0.83 -31.64
N ARG A 51 32.34 0.59 -31.65
CA ARG A 51 31.41 1.62 -31.18
C ARG A 51 31.72 2.01 -29.73
N ASP A 52 31.93 1.02 -28.86
CA ASP A 52 32.25 1.32 -27.48
C ASP A 52 33.65 1.91 -27.35
N LEU A 53 34.60 1.47 -28.16
CA LEU A 53 35.92 2.07 -28.12
C LEU A 53 35.83 3.57 -28.34
N VAL A 54 35.16 3.97 -29.42
CA VAL A 54 35.03 5.40 -29.71
C VAL A 54 34.23 6.08 -28.62
N ASN A 55 33.16 5.43 -28.14
CA ASN A 55 32.33 6.04 -27.12
C ASN A 55 33.13 6.35 -25.86
N LEU A 56 33.86 5.36 -25.34
CA LEU A 56 34.64 5.58 -24.14
C LEU A 56 35.73 6.63 -24.38
N CYS A 57 36.37 6.62 -25.55
CA CYS A 57 37.31 7.70 -25.85
C CYS A 57 36.57 9.01 -26.07
N LYS A 58 35.40 8.96 -26.70
CA LYS A 58 34.66 10.18 -27.00
C LYS A 58 33.92 10.73 -25.79
N LYS A 59 33.40 9.86 -24.91
CA LYS A 59 32.55 10.36 -23.84
C LYS A 59 33.32 11.24 -22.86
N LYS A 60 34.58 10.91 -22.61
CA LYS A 60 35.40 11.71 -21.70
C LYS A 60 36.87 11.53 -22.07
N HIS A 61 37.61 12.63 -22.02
CA HIS A 61 39.02 12.59 -22.39
C HIS A 61 39.83 11.75 -21.40
N SER A 62 39.46 11.78 -20.12
CA SER A 62 40.17 11.00 -19.10
C SER A 62 39.25 10.82 -17.91
N GLY A 63 38.93 9.57 -17.59
CA GLY A 63 38.08 9.25 -16.46
C GLY A 63 38.88 8.85 -15.24
N ILE A 64 38.21 8.86 -14.09
CA ILE A 64 38.85 8.46 -12.84
C ILE A 64 39.33 7.03 -12.98
N LYS A 65 40.65 6.83 -12.90
CA LYS A 65 41.22 5.54 -13.24
C LYS A 65 41.17 4.56 -12.07
N TYR A 66 41.17 3.28 -12.42
CA TYR A 66 41.19 2.18 -11.47
C TYR A 66 42.59 1.62 -11.39
N ARG A 67 42.89 0.94 -10.28
CA ARG A 67 44.19 0.32 -10.11
C ARG A 67 44.32 -0.83 -11.11
N ARG A 68 45.41 -0.82 -11.89
CA ARG A 68 45.66 -1.92 -12.83
C ARG A 68 46.17 -3.14 -12.05
N ASN A 69 45.28 -3.69 -11.24
CA ASN A 69 45.58 -4.81 -10.37
C ASN A 69 45.75 -6.07 -11.20
N TRP A 70 45.93 -7.19 -10.51
CA TRP A 70 46.09 -8.47 -11.19
C TRP A 70 44.94 -8.77 -12.16
N ILE A 71 43.74 -8.25 -11.88
CA ILE A 71 42.58 -8.56 -12.70
C ILE A 71 42.81 -8.17 -14.15
N ILE A 72 43.10 -6.91 -14.40
CA ILE A 72 43.21 -6.42 -15.77
C ILE A 72 44.31 -7.16 -16.50
N VAL A 73 45.46 -7.34 -15.84
CA VAL A 73 46.57 -8.01 -16.50
C VAL A 73 46.22 -9.47 -16.79
N SER A 74 45.47 -10.12 -15.91
CA SER A 74 45.16 -11.53 -16.11
C SER A 74 44.19 -11.71 -17.28
N ARG A 75 43.13 -10.92 -17.32
CA ARG A 75 42.23 -11.03 -18.47
C ARG A 75 42.93 -10.60 -19.75
N MET A 76 43.83 -9.63 -19.66
CA MET A 76 44.64 -9.26 -20.82
C MET A 76 45.43 -10.47 -21.32
N ALA A 77 46.06 -11.18 -20.38
CA ALA A 77 46.84 -12.36 -20.71
C ALA A 77 45.98 -13.41 -21.38
N LEU A 78 44.78 -13.62 -20.85
CA LEU A 78 43.91 -14.64 -21.44
C LEU A 78 43.46 -14.24 -22.85
N VAL A 79 43.24 -12.96 -23.09
CA VAL A 79 42.95 -12.55 -24.46
C VAL A 79 44.13 -12.87 -25.37
N LEU A 80 45.35 -12.59 -24.91
CA LEU A 80 46.51 -12.92 -25.73
C LEU A 80 46.59 -14.43 -25.97
N LEU A 81 46.32 -15.22 -24.93
CA LEU A 81 46.36 -16.67 -25.07
C LEU A 81 45.37 -17.14 -26.13
N GLU A 82 44.15 -16.62 -26.08
CA GLU A 82 43.17 -17.08 -27.05
C GLU A 82 43.51 -16.60 -28.44
N ILE A 83 44.14 -15.42 -28.55
CA ILE A 83 44.64 -14.99 -29.85
C ILE A 83 45.66 -15.99 -30.37
N ALA A 84 46.56 -16.44 -29.50
CA ALA A 84 47.51 -17.46 -29.89
C ALA A 84 46.79 -18.70 -30.40
N PHE A 85 45.74 -19.12 -29.70
CA PHE A 85 45.02 -20.33 -30.10
C PHE A 85 44.30 -20.15 -31.43
N VAL A 86 43.66 -19.01 -31.66
CA VAL A 86 43.01 -18.81 -32.95
C VAL A 86 44.04 -18.80 -34.07
N SER A 87 45.17 -18.12 -33.86
CA SER A 87 46.22 -18.13 -34.86
C SER A 87 46.69 -19.55 -35.13
N LEU A 88 46.89 -20.34 -34.07
CA LEU A 88 47.32 -21.72 -34.25
C LEU A 88 46.28 -22.53 -34.98
N ALA A 89 44.99 -22.27 -34.75
CA ALA A 89 43.96 -22.98 -35.47
C ALA A 89 44.01 -22.66 -36.96
N SER A 90 44.18 -21.38 -37.28
CA SER A 90 44.29 -21.02 -38.70
C SER A 90 45.50 -21.68 -39.33
N LEU A 91 46.61 -21.71 -38.61
CA LEU A 91 47.81 -22.39 -39.09
C LEU A 91 47.56 -23.88 -39.28
N ASN A 92 46.83 -24.49 -38.35
CA ASN A 92 46.68 -25.94 -38.31
C ASN A 92 45.76 -26.44 -39.41
N ILE A 93 44.63 -25.76 -39.63
CA ILE A 93 43.57 -26.34 -40.45
C ILE A 93 43.71 -26.02 -41.93
N SER A 94 44.66 -25.17 -42.32
CA SER A 94 44.76 -24.75 -43.71
C SER A 94 44.79 -25.94 -44.66
N LYS A 95 45.65 -26.92 -44.38
CA LYS A 95 45.82 -28.05 -45.29
C LYS A 95 44.56 -28.89 -45.38
N GLU A 96 43.84 -29.06 -44.27
CA GLU A 96 42.70 -29.97 -44.23
C GLU A 96 41.48 -29.35 -44.93
N GLU A 97 41.64 -29.14 -46.24
CA GLU A 97 40.57 -28.61 -47.09
C GLU A 97 39.99 -27.34 -46.50
N ALA A 98 40.86 -26.42 -46.14
CA ALA A 98 40.40 -25.12 -45.65
C ALA A 98 39.69 -24.31 -46.72
N GLU A 99 39.56 -24.84 -47.93
CA GLU A 99 38.77 -24.16 -48.95
C GLU A 99 37.32 -24.00 -48.53
N ASN A 100 36.87 -24.78 -47.54
CA ASN A 100 35.55 -24.57 -46.97
C ASN A 100 35.50 -23.18 -46.37
N PHE A 101 34.71 -22.29 -46.96
CA PHE A 101 34.79 -20.88 -46.63
C PHE A 101 34.54 -20.61 -45.16
N THR A 102 33.77 -21.48 -44.50
CA THR A 102 33.32 -21.19 -43.15
C THR A 102 34.49 -21.08 -42.18
N ILE A 103 35.45 -21.99 -42.27
CA ILE A 103 36.54 -22.00 -41.30
C ILE A 103 37.38 -20.73 -41.43
N VAL A 104 37.71 -20.34 -42.66
CA VAL A 104 38.51 -19.15 -42.86
C VAL A 104 37.72 -17.91 -42.44
N SER A 105 36.42 -17.86 -42.74
CA SER A 105 35.62 -16.73 -42.28
C SER A 105 35.65 -16.65 -40.76
N GLN A 106 35.45 -17.80 -40.10
CA GLN A 106 35.49 -17.84 -38.65
C GLN A 106 36.79 -17.27 -38.12
N TYR A 107 37.92 -17.75 -38.64
CA TYR A 107 39.19 -17.32 -38.06
C TYR A 107 39.52 -15.88 -38.40
N ALA A 108 39.18 -15.42 -39.59
CA ALA A 108 39.37 -14.00 -39.89
C ALA A 108 38.58 -13.15 -38.92
N SER A 109 37.27 -13.42 -38.81
CA SER A 109 36.43 -12.62 -37.95
C SER A 109 36.86 -12.73 -36.50
N THR A 110 37.23 -13.93 -36.06
CA THR A 110 37.62 -14.13 -34.67
C THR A 110 38.93 -13.42 -34.36
N MET A 111 39.88 -13.41 -35.30
CA MET A 111 41.12 -12.69 -35.05
C MET A 111 40.86 -11.19 -34.93
N LEU A 112 40.08 -10.64 -35.86
CA LEU A 112 39.77 -9.21 -35.75
C LEU A 112 39.02 -8.92 -34.46
N SER A 113 38.07 -9.77 -34.11
CA SER A 113 37.30 -9.60 -32.89
C SER A 113 38.20 -9.66 -31.67
N LEU A 114 39.12 -10.61 -31.63
CA LEU A 114 40.00 -10.73 -30.49
C LEU A 114 40.87 -9.50 -30.34
N PHE A 115 41.36 -8.95 -31.45
CA PHE A 115 42.12 -7.70 -31.31
C PHE A 115 41.25 -6.59 -30.73
N VAL A 116 40.02 -6.45 -31.23
CA VAL A 116 39.19 -5.36 -30.73
C VAL A 116 38.94 -5.54 -29.25
N ALA A 117 38.70 -6.77 -28.80
CA ALA A 117 38.54 -7.03 -27.37
C ALA A 117 39.84 -6.75 -26.61
N LEU A 118 40.97 -7.12 -27.22
CA LEU A 118 42.27 -6.83 -26.64
C LEU A 118 42.32 -5.38 -26.22
N ALA A 119 41.93 -4.50 -27.13
CA ALA A 119 41.92 -3.07 -26.82
C ALA A 119 40.84 -2.73 -25.80
N LEU A 120 39.64 -3.29 -25.96
CA LEU A 120 38.51 -2.75 -25.25
C LEU A 120 38.57 -3.12 -23.77
N HIS A 121 39.17 -4.25 -23.43
CA HIS A 121 39.33 -4.54 -22.00
C HIS A 121 40.19 -3.49 -21.33
N TRP A 122 41.30 -3.11 -21.96
CA TRP A 122 42.13 -2.04 -21.45
C TRP A 122 41.31 -0.76 -21.27
N ILE A 123 40.63 -0.36 -22.33
CA ILE A 123 39.92 0.91 -22.29
C ILE A 123 38.79 0.87 -21.25
N GLU A 124 38.04 -0.23 -21.16
CA GLU A 124 36.98 -0.27 -20.16
C GLU A 124 37.57 -0.22 -18.77
N TYR A 125 38.67 -0.94 -18.53
CA TYR A 125 39.25 -0.95 -17.20
C TYR A 125 39.67 0.45 -16.79
N ASP A 126 40.14 1.23 -17.75
CA ASP A 126 40.47 2.62 -17.41
C ASP A 126 39.24 3.50 -17.25
N ARG A 127 38.19 3.30 -18.06
CA ARG A 127 37.19 4.34 -18.26
C ARG A 127 35.79 4.06 -17.75
N SER A 128 35.42 2.81 -17.47
CA SER A 128 34.03 2.50 -17.15
C SER A 128 33.95 1.67 -15.88
N VAL A 129 33.02 2.03 -15.00
CA VAL A 129 32.87 1.33 -13.73
C VAL A 129 32.29 -0.07 -13.95
N VAL A 130 31.27 -0.17 -14.78
CA VAL A 130 30.58 -1.44 -15.01
C VAL A 130 31.38 -2.28 -16.00
N ALA A 131 31.55 -3.56 -15.68
CA ALA A 131 32.17 -4.47 -16.64
C ALA A 131 31.37 -4.46 -17.93
N ASN A 132 32.02 -4.11 -19.04
CA ASN A 132 31.29 -3.64 -20.20
C ASN A 132 30.31 -4.70 -20.68
N THR A 133 29.16 -4.25 -21.17
CA THR A 133 28.15 -5.18 -21.67
C THR A 133 28.68 -5.98 -22.86
N VAL A 134 29.34 -5.30 -23.80
CA VAL A 134 29.68 -5.95 -25.05
C VAL A 134 30.69 -7.06 -24.83
N LEU A 135 31.66 -6.88 -23.94
CA LEU A 135 32.59 -7.96 -23.65
C LEU A 135 31.93 -9.13 -22.95
N LEU A 136 31.03 -8.86 -22.00
CA LEU A 136 30.35 -9.97 -21.37
C LEU A 136 29.59 -10.79 -22.39
N PHE A 137 28.86 -10.14 -23.29
CA PHE A 137 28.11 -10.94 -24.26
C PHE A 137 29.00 -11.51 -25.35
N TYR A 138 30.05 -10.81 -25.76
CA TYR A 138 30.99 -11.39 -26.69
C TYR A 138 31.59 -12.66 -26.14
N TRP A 139 32.09 -12.63 -24.91
CA TRP A 139 32.67 -13.84 -24.35
C TRP A 139 31.62 -14.89 -24.06
N LEU A 140 30.39 -14.49 -23.72
CA LEU A 140 29.35 -15.51 -23.61
C LEU A 140 29.19 -16.24 -24.93
N PHE A 141 29.16 -15.50 -26.03
CA PHE A 141 29.00 -16.15 -27.34
C PHE A 141 30.25 -16.88 -27.78
N GLU A 142 31.45 -16.41 -27.38
CA GLU A 142 32.65 -17.18 -27.68
C GLU A 142 32.68 -18.49 -26.93
N THR A 143 32.41 -18.46 -25.63
CA THR A 143 32.36 -19.71 -24.88
C THR A 143 31.27 -20.62 -25.42
N PHE A 144 30.11 -20.06 -25.76
CA PHE A 144 29.03 -20.90 -26.27
C PHE A 144 29.40 -21.50 -27.62
N GLY A 145 29.89 -20.68 -28.55
CA GLY A 145 30.24 -21.20 -29.86
C GLY A 145 31.37 -22.20 -29.79
N ASN A 146 32.39 -21.92 -28.98
CA ASN A 146 33.52 -22.84 -28.90
C ASN A 146 33.15 -24.09 -28.14
N PHE A 147 32.23 -24.00 -27.19
CA PHE A 147 31.71 -25.21 -26.56
C PHE A 147 30.90 -26.02 -27.57
N ALA A 148 30.15 -25.34 -28.43
CA ALA A 148 29.44 -26.04 -29.50
C ALA A 148 30.43 -26.74 -30.42
N LYS A 149 31.54 -26.08 -30.75
CA LYS A 149 32.53 -26.71 -31.61
C LYS A 149 33.20 -27.88 -30.90
N LEU A 150 33.52 -27.73 -29.62
CA LEU A 150 34.10 -28.84 -28.87
C LEU A 150 33.15 -30.02 -28.87
N ILE A 151 31.88 -29.79 -28.61
CA ILE A 151 30.90 -30.88 -28.59
C ILE A 151 30.76 -31.50 -29.97
N ASN A 152 30.70 -30.67 -31.01
CA ASN A 152 30.63 -31.21 -32.36
C ASN A 152 31.82 -32.12 -32.65
N ILE A 153 33.02 -31.66 -32.35
CA ILE A 153 34.20 -32.46 -32.61
C ILE A 153 34.14 -33.75 -31.81
N LEU A 154 33.77 -33.66 -30.54
CA LEU A 154 33.79 -34.84 -29.69
C LEU A 154 32.73 -35.83 -30.11
N ILE A 155 31.57 -35.34 -30.55
CA ILE A 155 30.51 -36.23 -31.01
C ILE A 155 30.91 -36.93 -32.29
N ARG A 156 31.41 -36.18 -33.27
CA ARG A 156 31.91 -36.82 -34.48
C ARG A 156 33.00 -37.81 -34.15
N HIS A 157 33.92 -37.48 -33.25
CA HIS A 157 34.91 -38.46 -32.85
C HIS A 157 34.24 -39.73 -32.35
N THR A 158 33.46 -39.61 -31.29
CA THR A 158 32.93 -40.81 -30.63
C THR A 158 31.96 -41.58 -31.51
N TYR A 159 31.41 -40.98 -32.56
CA TYR A 159 30.46 -41.69 -33.40
C TYR A 159 31.03 -42.17 -34.72
N GLU A 160 31.73 -41.31 -35.46
CA GLU A 160 32.26 -41.67 -36.76
C GLU A 160 33.74 -42.04 -36.71
N GLY A 161 34.36 -42.01 -35.53
CA GLY A 161 35.70 -42.52 -35.35
C GLY A 161 36.83 -41.59 -35.75
N ILE A 162 36.54 -40.39 -36.26
CA ILE A 162 37.58 -39.54 -36.84
C ILE A 162 37.40 -38.11 -36.39
N TRP A 163 38.52 -37.44 -36.10
CA TRP A 163 38.55 -36.05 -35.66
C TRP A 163 38.48 -35.14 -36.88
N TYR A 164 37.40 -34.38 -37.04
CA TYR A 164 37.30 -33.53 -38.21
C TYR A 164 38.25 -32.34 -38.18
N SER A 165 38.91 -32.06 -37.06
CA SER A 165 40.00 -31.10 -37.04
C SER A 165 41.28 -31.72 -36.50
N GLY A 166 41.39 -33.04 -36.53
CA GLY A 166 42.59 -33.71 -36.08
C GLY A 166 42.78 -33.61 -34.59
N GLN A 167 43.61 -34.49 -34.04
CA GLN A 167 43.88 -34.47 -32.60
C GLN A 167 44.33 -33.09 -32.15
N THR A 168 45.09 -32.39 -32.99
CA THR A 168 45.57 -31.06 -32.62
C THR A 168 44.44 -30.05 -32.57
N GLY A 169 43.56 -30.10 -33.58
CA GLY A 169 42.45 -29.16 -33.60
C GLY A 169 41.53 -29.32 -32.41
N PHE A 170 41.29 -30.56 -31.99
CA PHE A 170 40.45 -30.80 -30.83
C PHE A 170 41.05 -30.16 -29.58
N ILE A 171 42.31 -30.46 -29.30
CA ILE A 171 42.91 -29.97 -28.06
C ILE A 171 43.01 -28.45 -28.11
N LEU A 172 43.32 -27.90 -29.28
CA LEU A 172 43.37 -26.45 -29.41
C LEU A 172 42.00 -25.83 -29.14
N THR A 173 40.93 -26.43 -29.66
CA THR A 173 39.60 -25.91 -29.37
C THR A 173 39.26 -26.06 -27.89
N LEU A 174 39.73 -27.12 -27.27
CA LEU A 174 39.51 -27.27 -25.83
C LEU A 174 40.19 -26.14 -25.07
N PHE A 175 41.41 -25.77 -25.46
CA PHE A 175 42.03 -24.62 -24.83
C PHE A 175 41.27 -23.33 -25.13
N GLN A 176 40.72 -23.20 -26.33
CA GLN A 176 39.92 -22.00 -26.59
C GLN A 176 38.72 -21.94 -25.67
N VAL A 177 38.04 -23.06 -25.44
CA VAL A 177 36.90 -23.06 -24.53
C VAL A 177 37.35 -22.72 -23.12
N ILE A 178 38.47 -23.29 -22.67
CA ILE A 178 38.96 -22.98 -21.33
C ILE A 178 39.26 -21.50 -21.19
N THR A 179 39.97 -20.94 -22.18
CA THR A 179 40.34 -19.52 -22.09
C THR A 179 39.10 -18.65 -22.14
N CYS A 180 38.15 -18.96 -23.01
CA CYS A 180 36.95 -18.14 -23.11
C CYS A 180 36.14 -18.19 -21.83
N ALA A 181 35.96 -19.38 -21.24
CA ALA A 181 35.25 -19.46 -19.97
C ALA A 181 35.99 -18.67 -18.90
N SER A 182 37.31 -18.86 -18.82
CA SER A 182 38.06 -18.20 -17.76
C SER A 182 37.99 -16.69 -17.92
N ILE A 183 38.12 -16.19 -19.14
CA ILE A 183 38.05 -14.76 -19.35
C ILE A 183 36.65 -14.23 -19.08
N LEU A 184 35.61 -15.00 -19.41
CA LEU A 184 34.26 -14.53 -19.12
C LEU A 184 34.03 -14.40 -17.62
N LEU A 185 34.47 -15.40 -16.85
CA LEU A 185 34.33 -15.29 -15.40
C LEU A 185 35.19 -14.17 -14.83
N LEU A 186 36.42 -14.05 -15.33
CA LEU A 186 37.31 -12.99 -14.87
C LEU A 186 36.80 -11.62 -15.29
N GLU A 187 35.91 -11.57 -16.27
CA GLU A 187 35.21 -10.34 -16.64
C GLU A 187 34.06 -10.05 -15.69
N ALA A 188 33.18 -11.03 -15.51
CA ALA A 188 31.93 -10.76 -14.79
C ALA A 188 32.18 -10.62 -13.29
N LEU A 189 32.95 -11.52 -12.71
CA LEU A 189 32.94 -11.67 -11.25
C LEU A 189 33.68 -10.56 -10.50
N PRO A 190 34.90 -10.20 -10.89
CA PRO A 190 35.71 -9.35 -10.02
C PRO A 190 35.04 -8.04 -9.67
N LYS A 191 35.17 -7.64 -8.41
CA LYS A 191 34.94 -6.26 -8.02
C LYS A 191 36.21 -5.46 -8.28
N LYS A 192 36.03 -4.20 -8.63
CA LYS A 192 37.04 -3.45 -9.35
C LYS A 192 37.64 -2.37 -8.44
N PRO A 193 38.94 -2.42 -8.12
CA PRO A 193 39.51 -1.53 -7.10
C PRO A 193 39.75 -0.12 -7.65
N LEU A 194 39.23 0.89 -6.93
CA LEU A 194 39.31 2.27 -7.38
C LEU A 194 40.48 3.05 -6.79
N MET A 195 41.14 2.51 -5.75
CA MET A 195 42.28 3.12 -5.08
C MET A 195 42.08 4.62 -4.83
N PRO A 196 40.94 5.05 -4.25
CA PRO A 196 40.76 6.49 -4.03
C PRO A 196 41.88 7.14 -3.24
N THR A 205 24.98 7.78 7.40
CA THR A 205 25.24 8.72 6.31
C THR A 205 24.20 8.57 5.20
N ARG A 206 24.42 9.27 4.10
CA ARG A 206 23.50 9.19 2.97
C ARG A 206 23.43 7.76 2.46
N ARG A 207 22.24 7.38 1.99
CA ARG A 207 22.00 6.01 1.55
C ARG A 207 22.93 5.66 0.39
N LYS A 208 23.45 4.44 0.41
CA LYS A 208 24.49 4.07 -0.54
C LYS A 208 23.93 4.04 -1.96
N PRO A 209 24.76 4.34 -2.96
CA PRO A 209 24.27 4.36 -4.35
C PRO A 209 23.67 3.02 -4.74
N ASN A 210 22.66 3.07 -5.59
CA ASN A 210 21.99 1.86 -5.99
C ASN A 210 22.97 0.91 -6.67
N PRO A 211 22.93 -0.39 -6.36
CA PRO A 211 23.80 -1.33 -7.07
C PRO A 211 23.41 -1.53 -8.52
N TYR A 212 22.19 -1.16 -8.91
CA TYR A 212 21.79 -1.33 -10.29
C TYR A 212 22.60 -0.47 -11.24
N ASP A 213 23.25 0.57 -10.73
CA ASP A 213 24.10 1.41 -11.57
C ASP A 213 25.43 0.74 -11.88
N SER A 214 25.96 -0.04 -10.93
CA SER A 214 27.25 -0.70 -11.10
C SER A 214 27.13 -2.13 -11.59
N ALA A 215 25.92 -2.66 -11.73
CA ALA A 215 25.74 -4.06 -12.09
C ALA A 215 26.01 -4.28 -13.57
N ASN A 216 26.93 -5.18 -13.87
CA ASN A 216 27.22 -5.56 -15.24
C ASN A 216 26.06 -6.35 -15.82
N ILE A 217 26.07 -6.53 -17.14
CA ILE A 217 24.85 -6.98 -17.82
C ILE A 217 24.37 -8.31 -17.31
N PHE A 218 25.28 -9.19 -16.87
CA PHE A 218 24.80 -10.44 -16.27
C PHE A 218 24.14 -10.19 -14.93
N SER A 219 24.64 -9.23 -14.15
CA SER A 219 23.93 -8.90 -12.93
C SER A 219 22.58 -8.26 -13.22
N ARG A 220 22.49 -7.42 -14.24
CA ARG A 220 21.18 -6.89 -14.61
C ARG A 220 20.23 -7.99 -15.03
N ILE A 221 20.71 -8.98 -15.79
CA ILE A 221 19.84 -10.05 -16.24
C ILE A 221 19.39 -10.91 -15.07
N THR A 222 20.33 -11.31 -14.22
CA THR A 222 20.05 -12.25 -13.14
C THR A 222 19.68 -11.57 -11.83
N PHE A 223 19.52 -10.26 -11.81
CA PHE A 223 19.10 -9.52 -10.63
C PHE A 223 19.94 -9.87 -9.41
N SER A 224 21.16 -10.38 -9.61
CA SER A 224 22.04 -10.64 -8.48
C SER A 224 22.49 -9.37 -7.78
N TRP A 225 22.28 -8.20 -8.36
CA TRP A 225 22.53 -6.98 -7.62
C TRP A 225 21.54 -6.78 -6.49
N MET A 226 20.46 -7.54 -6.47
CA MET A 226 19.56 -7.59 -5.32
C MET A 226 20.06 -8.51 -4.22
N SER A 227 21.10 -9.29 -4.45
CA SER A 227 21.49 -10.28 -3.45
C SER A 227 21.94 -9.61 -2.17
N GLY A 228 22.66 -8.50 -2.27
CA GLY A 228 23.09 -7.80 -1.06
C GLY A 228 21.92 -7.31 -0.23
N LEU A 229 20.96 -6.66 -0.89
CA LEU A 229 19.80 -6.20 -0.16
C LEU A 229 19.04 -7.37 0.43
N MET A 230 18.93 -8.48 -0.30
CA MET A 230 18.21 -9.63 0.23
C MET A 230 18.90 -10.17 1.46
N LYS A 231 20.22 -10.26 1.43
CA LYS A 231 20.94 -10.72 2.62
C LYS A 231 20.67 -9.81 3.80
N THR A 232 20.76 -8.49 3.59
CA THR A 232 20.52 -7.60 4.71
C THR A 232 19.09 -7.74 5.23
N GLY A 233 18.12 -7.83 4.33
CA GLY A 233 16.74 -7.96 4.75
C GLY A 233 16.49 -9.26 5.51
N TYR A 234 17.20 -10.32 5.15
CA TYR A 234 17.09 -11.56 5.90
C TYR A 234 17.75 -11.43 7.26
N GLU A 235 18.90 -10.78 7.33
CA GLU A 235 19.66 -10.74 8.58
C GLU A 235 19.04 -9.80 9.59
N LYS A 236 18.36 -8.74 9.14
CA LYS A 236 17.79 -7.77 10.07
C LYS A 236 16.57 -7.13 9.42
N TYR A 237 15.78 -6.44 10.24
CA TYR A 237 14.71 -5.64 9.70
C TYR A 237 15.27 -4.50 8.87
N LEU A 238 14.51 -4.08 7.87
CA LEU A 238 14.91 -2.98 7.01
C LEU A 238 14.20 -1.69 7.42
N VAL A 239 14.92 -0.59 7.30
CA VAL A 239 14.34 0.74 7.45
C VAL A 239 14.94 1.64 6.38
N GLU A 240 14.28 2.77 6.15
CA GLU A 240 14.66 3.63 5.04
C GLU A 240 16.13 4.02 5.08
N ALA A 241 16.82 3.78 6.19
CA ALA A 241 18.27 3.93 6.20
C ALA A 241 18.97 2.82 5.43
N ASP A 242 18.29 1.70 5.19
CA ASP A 242 18.90 0.56 4.51
C ASP A 242 18.65 0.55 3.01
N LEU A 243 17.54 1.10 2.56
CA LEU A 243 17.21 1.06 1.14
C LEU A 243 18.15 1.95 0.35
N TYR A 244 18.69 1.43 -0.74
CA TYR A 244 19.59 2.19 -1.57
C TYR A 244 18.85 3.31 -2.30
N LYS A 245 19.58 4.38 -2.56
CA LYS A 245 19.04 5.51 -3.32
C LYS A 245 18.48 5.01 -4.64
N LEU A 246 17.62 5.79 -5.28
CA LEU A 246 17.12 5.40 -6.58
C LEU A 246 18.27 5.39 -7.59
N PRO A 247 18.23 4.50 -8.57
CA PRO A 247 19.18 4.60 -9.67
C PRO A 247 18.93 5.88 -10.44
N ARG A 248 19.94 6.27 -11.22
CA ARG A 248 20.07 7.65 -11.68
C ARG A 248 18.75 8.28 -12.12
N ASN A 249 18.08 7.68 -13.10
CA ASN A 249 17.05 8.37 -13.85
C ASN A 249 15.68 8.32 -13.22
N PHE A 250 15.53 7.80 -12.00
CA PHE A 250 14.21 7.59 -11.42
C PHE A 250 13.75 8.74 -10.54
N SER A 251 14.51 9.82 -10.45
CA SER A 251 14.13 10.93 -9.59
C SER A 251 12.87 11.58 -10.10
N SER A 252 11.93 11.82 -9.19
CA SER A 252 10.64 12.34 -9.60
C SER A 252 10.77 13.68 -10.29
N GLU A 253 11.77 14.48 -9.92
CA GLU A 253 11.93 15.77 -10.56
C GLU A 253 12.27 15.61 -12.04
N GLU A 254 13.27 14.78 -12.35
CA GLU A 254 13.65 14.59 -13.75
C GLU A 254 12.52 13.92 -14.54
N LEU A 255 11.87 12.92 -13.95
CA LEU A 255 10.77 12.27 -14.66
C LEU A 255 9.65 13.27 -14.95
N SER A 256 9.28 14.06 -13.95
CA SER A 256 8.20 15.02 -14.13
C SER A 256 8.59 16.08 -15.14
N GLN A 257 9.84 16.54 -15.12
CA GLN A 257 10.26 17.53 -16.10
C GLN A 257 10.18 16.97 -17.52
N LYS A 258 10.63 15.73 -17.71
CA LYS A 258 10.53 15.13 -19.03
C LYS A 258 9.08 15.07 -19.49
N LEU A 259 8.23 14.46 -18.66
CA LEU A 259 6.84 14.29 -19.07
C LEU A 259 6.17 15.63 -19.27
N GLU A 260 6.55 16.63 -18.46
CA GLU A 260 5.93 17.94 -18.55
C GLU A 260 6.38 18.67 -19.80
N LYS A 261 7.64 18.52 -20.20
CA LYS A 261 8.09 19.09 -21.45
C LYS A 261 7.31 18.48 -22.62
N ASN A 262 7.18 17.16 -22.63
CA ASN A 262 6.42 16.55 -23.71
C ASN A 262 4.96 16.97 -23.67
N TRP A 263 4.38 17.07 -22.48
CA TRP A 263 2.99 17.49 -22.34
C TRP A 263 2.80 18.92 -22.82
N GLU A 264 3.75 19.80 -22.51
CA GLU A 264 3.68 21.17 -22.99
C GLU A 264 3.79 21.21 -24.51
N ASN A 265 4.68 20.39 -25.08
CA ASN A 265 4.76 20.32 -26.52
C ASN A 265 3.40 19.91 -27.10
N GLU A 266 2.75 18.94 -26.48
CA GLU A 266 1.42 18.56 -26.90
C GLU A 266 0.44 19.74 -26.81
N LEU A 267 0.49 20.47 -25.70
CA LEU A 267 -0.48 21.53 -25.47
C LEU A 267 -0.31 22.68 -26.47
N LYS A 268 0.93 23.09 -26.71
CA LYS A 268 1.20 24.32 -27.46
C LYS A 268 1.53 24.08 -28.92
N GLN A 269 2.27 23.03 -29.24
CA GLN A 269 2.67 22.75 -30.61
C GLN A 269 1.63 21.97 -31.40
N LYS A 270 0.60 21.45 -30.75
CA LYS A 270 -0.42 20.65 -31.42
C LYS A 270 -1.80 21.23 -31.18
N SER A 271 -2.69 21.01 -32.15
CA SER A 271 -4.04 21.55 -32.08
C SER A 271 -4.94 20.76 -31.13
N ASN A 272 -4.69 19.46 -30.98
CA ASN A 272 -5.51 18.60 -30.12
C ASN A 272 -4.59 17.86 -29.15
N PRO A 273 -4.23 18.50 -28.04
CA PRO A 273 -3.30 17.85 -27.10
C PRO A 273 -3.89 16.57 -26.51
N SER A 274 -3.00 15.63 -26.20
CA SER A 274 -3.43 14.32 -25.72
C SER A 274 -2.41 13.82 -24.70
N LEU A 275 -2.84 13.68 -23.45
CA LEU A 275 -1.94 13.22 -22.41
C LEU A 275 -1.47 11.80 -22.68
N SER A 276 -2.32 10.96 -23.29
CA SER A 276 -1.89 9.60 -23.59
C SER A 276 -0.70 9.60 -24.52
N TRP A 277 -0.73 10.41 -25.58
CA TRP A 277 0.45 10.52 -26.42
C TRP A 277 1.60 11.22 -25.71
N ALA A 278 1.33 12.12 -24.77
CA ALA A 278 2.43 12.67 -24.01
C ALA A 278 3.17 11.55 -23.28
N ILE A 279 2.42 10.71 -22.57
CA ILE A 279 3.01 9.62 -21.82
C ILE A 279 3.74 8.67 -22.76
N CYS A 280 3.14 8.37 -23.92
CA CYS A 280 3.83 7.51 -24.87
C CYS A 280 5.13 8.13 -25.34
N ARG A 281 5.09 9.38 -25.80
CA ARG A 281 6.32 10.02 -26.26
C ARG A 281 7.40 9.94 -25.20
N THR A 282 7.02 10.08 -23.93
CA THR A 282 8.04 10.12 -22.88
C THR A 282 8.54 8.72 -22.53
N PHE A 283 7.65 7.78 -22.23
CA PHE A 283 8.03 6.49 -21.67
C PHE A 283 7.69 5.33 -22.60
N GLY A 284 7.74 5.54 -23.92
CA GLY A 284 7.42 4.45 -24.83
C GLY A 284 8.58 3.56 -25.18
N SER A 285 9.80 4.07 -25.15
CA SER A 285 10.93 3.26 -25.59
C SER A 285 11.09 2.03 -24.72
N LYS A 286 11.01 2.20 -23.40
CA LYS A 286 11.14 1.06 -22.51
C LYS A 286 10.01 0.07 -22.70
N MET A 287 8.79 0.56 -22.92
CA MET A 287 7.70 -0.38 -23.15
C MET A 287 7.89 -1.12 -24.46
N LEU A 288 8.44 -0.47 -25.47
CA LEU A 288 8.67 -1.16 -26.73
C LEU A 288 9.73 -2.24 -26.58
N LEU A 289 10.78 -1.94 -25.82
CA LEU A 289 11.78 -2.98 -25.53
C LEU A 289 11.16 -4.11 -24.72
N ALA A 290 10.30 -3.78 -23.77
CA ALA A 290 9.61 -4.81 -23.02
C ALA A 290 8.75 -5.66 -23.93
N ALA A 291 8.10 -5.03 -24.91
CA ALA A 291 7.30 -5.79 -25.86
C ALA A 291 8.17 -6.74 -26.67
N PHE A 292 9.35 -6.28 -27.08
CA PHE A 292 10.27 -7.16 -27.78
C PHE A 292 10.63 -8.37 -26.93
N PHE A 293 10.97 -8.14 -25.66
CA PHE A 293 11.30 -9.27 -24.79
C PHE A 293 10.10 -10.18 -24.59
N LYS A 294 8.90 -9.61 -24.53
CA LYS A 294 7.72 -10.46 -24.40
C LYS A 294 7.53 -11.31 -25.64
N ALA A 295 7.82 -10.77 -26.82
CA ALA A 295 7.72 -11.56 -28.03
C ALA A 295 8.70 -12.72 -28.00
N ILE A 296 9.95 -12.44 -27.61
CA ILE A 296 10.94 -13.52 -27.54
C ILE A 296 10.53 -14.54 -26.49
N HIS A 297 9.98 -14.08 -25.37
CA HIS A 297 9.49 -15.01 -24.37
C HIS A 297 8.38 -15.89 -24.92
N ASP A 298 7.45 -15.31 -25.68
CA ASP A 298 6.37 -16.10 -26.22
C ASP A 298 6.91 -17.18 -27.16
N VAL A 299 7.80 -16.78 -28.05
CA VAL A 299 8.38 -17.73 -29.00
C VAL A 299 9.07 -18.86 -28.25
N LEU A 300 9.82 -18.55 -27.20
CA LEU A 300 10.49 -19.61 -26.45
C LEU A 300 9.49 -20.47 -25.69
N ALA A 301 8.49 -19.85 -25.06
CA ALA A 301 7.52 -20.62 -24.32
C ALA A 301 6.86 -21.64 -25.21
N PHE A 302 6.70 -21.32 -26.48
CA PHE A 302 6.03 -22.25 -27.38
C PHE A 302 6.98 -23.10 -28.20
N THR A 303 8.28 -22.83 -28.19
CA THR A 303 9.20 -23.83 -28.72
C THR A 303 9.37 -24.95 -27.71
N GLN A 304 9.36 -24.64 -26.42
CA GLN A 304 9.65 -25.68 -25.44
C GLN A 304 8.71 -26.88 -25.52
N PRO A 305 7.39 -26.73 -25.63
CA PRO A 305 6.56 -27.91 -25.89
C PRO A 305 6.94 -28.62 -27.18
N GLN A 306 7.44 -27.88 -28.17
CA GLN A 306 7.90 -28.54 -29.38
C GLN A 306 9.16 -29.34 -29.13
N LEU A 307 10.04 -28.87 -28.23
CA LEU A 307 11.16 -29.73 -27.85
C LEU A 307 10.69 -30.93 -27.06
N LEU A 308 9.62 -30.79 -26.28
CA LEU A 308 9.07 -31.98 -25.63
C LEU A 308 8.59 -32.98 -26.65
N ARG A 309 7.87 -32.51 -27.66
CA ARG A 309 7.42 -33.41 -28.71
C ARG A 309 8.58 -34.03 -29.45
N ILE A 310 9.61 -33.24 -29.74
CA ILE A 310 10.77 -33.80 -30.44
C ILE A 310 11.46 -34.84 -29.58
N LEU A 311 11.56 -34.60 -28.28
CA LEU A 311 12.18 -35.59 -27.41
C LEU A 311 11.39 -36.87 -27.34
N ILE A 312 10.07 -36.78 -27.23
CA ILE A 312 9.27 -38.01 -27.14
C ILE A 312 9.32 -38.76 -28.46
N LYS A 313 9.24 -38.04 -29.58
CA LYS A 313 9.32 -38.69 -30.87
C LYS A 313 10.68 -39.34 -31.07
N PHE A 314 11.74 -38.67 -30.65
CA PHE A 314 13.06 -39.29 -30.68
C PHE A 314 13.11 -40.53 -29.81
N VAL A 315 12.57 -40.45 -28.60
CA VAL A 315 12.66 -41.61 -27.71
C VAL A 315 11.94 -42.80 -28.32
N THR A 316 10.76 -42.59 -28.88
CA THR A 316 10.06 -43.72 -29.47
C THR A 316 10.80 -44.25 -30.69
N ASP A 317 11.32 -43.36 -31.54
CA ASP A 317 12.09 -43.84 -32.69
C ASP A 317 13.28 -44.67 -32.24
N TYR A 318 14.08 -44.12 -31.34
CA TYR A 318 15.29 -44.82 -30.92
C TYR A 318 14.97 -46.12 -30.23
N ASN A 319 13.95 -46.12 -29.36
CA ASN A 319 13.63 -47.33 -28.64
C ASN A 319 13.13 -48.42 -29.58
N SER A 320 12.31 -48.05 -30.56
CA SER A 320 11.84 -49.04 -31.53
C SER A 320 13.00 -49.60 -32.33
N GLU A 321 13.94 -48.75 -32.74
CA GLU A 321 15.08 -49.27 -33.48
C GLU A 321 15.94 -50.18 -32.62
N ARG A 322 16.19 -49.78 -31.37
CA ARG A 322 17.08 -50.56 -30.53
C ARG A 322 16.49 -51.91 -30.19
N GLN A 323 15.17 -52.02 -30.08
CA GLN A 323 14.57 -53.33 -29.85
C GLN A 323 14.64 -54.17 -31.11
N ASP A 324 14.81 -55.48 -30.94
CA ASP A 324 14.84 -56.42 -32.05
C ASP A 324 15.77 -55.93 -33.17
N PRO A 337 20.79 -49.47 -41.03
CA PRO A 337 22.01 -48.66 -40.99
C PRO A 337 21.76 -47.23 -40.54
N GLN A 338 22.75 -46.62 -39.89
CA GLN A 338 22.66 -45.24 -39.40
C GLN A 338 21.58 -45.13 -38.32
N LYS A 339 21.72 -45.98 -37.31
CA LYS A 339 20.79 -45.98 -36.19
C LYS A 339 20.92 -44.67 -35.41
N LEU A 340 19.81 -44.24 -34.82
CA LEU A 340 19.81 -42.95 -34.16
C LEU A 340 20.88 -42.89 -33.08
N PRO A 341 21.46 -41.73 -32.82
CA PRO A 341 22.45 -41.62 -31.75
C PRO A 341 21.81 -41.20 -30.45
N ILE A 342 22.26 -41.81 -29.35
CA ILE A 342 21.75 -41.43 -28.03
C ILE A 342 22.29 -40.09 -27.57
N VAL A 343 23.12 -39.42 -28.38
CA VAL A 343 23.55 -38.08 -28.03
C VAL A 343 22.53 -37.04 -28.42
N ARG A 344 21.61 -37.37 -29.33
CA ARG A 344 20.58 -36.40 -29.67
C ARG A 344 19.61 -36.22 -28.53
N GLY A 345 19.35 -37.27 -27.75
CA GLY A 345 18.52 -37.10 -26.57
C GLY A 345 19.14 -36.14 -25.57
N PHE A 346 20.45 -36.26 -25.35
CA PHE A 346 21.11 -35.36 -24.42
C PHE A 346 21.14 -33.94 -24.94
N LEU A 347 21.42 -33.75 -26.23
CA LEU A 347 21.35 -32.39 -26.79
C LEU A 347 19.94 -31.83 -26.76
N ILE A 348 18.91 -32.65 -26.90
CA ILE A 348 17.56 -32.11 -26.81
C ILE A 348 17.24 -31.72 -25.38
N ALA A 349 17.66 -32.53 -24.41
CA ALA A 349 17.48 -32.12 -23.03
C ALA A 349 18.20 -30.80 -22.75
N PHE A 350 19.41 -30.65 -23.29
CA PHE A 350 20.13 -29.39 -23.09
C PHE A 350 19.45 -28.26 -23.84
N ALA A 351 18.85 -28.53 -24.99
CA ALA A 351 18.08 -27.51 -25.66
C ALA A 351 16.90 -27.08 -24.80
N MET A 352 16.28 -28.02 -24.09
CA MET A 352 15.21 -27.66 -23.18
C MET A 352 15.74 -26.75 -22.08
N PHE A 353 16.93 -27.04 -21.57
CA PHE A 353 17.49 -26.15 -20.56
C PHE A 353 17.81 -24.77 -21.12
N LEU A 354 18.40 -24.71 -22.31
CA LEU A 354 18.73 -23.40 -22.87
C LEU A 354 17.47 -22.59 -23.12
N VAL A 355 16.42 -23.24 -23.61
CA VAL A 355 15.17 -22.53 -23.81
C VAL A 355 14.61 -22.05 -22.49
N GLY A 356 14.61 -22.89 -21.47
CA GLY A 356 14.13 -22.44 -20.17
C GLY A 356 14.91 -21.24 -19.67
N PHE A 357 16.23 -21.30 -19.75
CA PHE A 357 17.06 -20.24 -19.23
C PHE A 357 16.86 -18.95 -20.02
N THR A 358 16.97 -19.01 -21.35
CA THR A 358 16.76 -17.81 -22.14
C THR A 358 15.37 -17.26 -21.92
N GLN A 359 14.39 -18.14 -21.78
CA GLN A 359 13.02 -17.70 -21.55
C GLN A 359 12.92 -16.91 -20.27
N THR A 360 13.52 -17.41 -19.18
CA THR A 360 13.37 -16.68 -17.93
C THR A 360 14.16 -15.37 -17.94
N SER A 361 15.33 -15.37 -18.57
CA SER A 361 16.09 -14.12 -18.67
C SER A 361 15.31 -13.06 -19.43
N VAL A 362 14.79 -13.41 -20.60
CA VAL A 362 14.06 -12.43 -21.40
C VAL A 362 12.77 -12.04 -20.72
N LEU A 363 12.08 -13.00 -20.10
CA LEU A 363 10.85 -12.68 -19.41
C LEU A 363 11.09 -11.63 -18.33
N HIS A 364 12.08 -11.85 -17.48
CA HIS A 364 12.27 -10.89 -16.39
C HIS A 364 12.90 -9.61 -16.86
N GLN A 365 13.59 -9.57 -17.99
CA GLN A 365 13.90 -8.26 -18.56
C GLN A 365 12.63 -7.54 -19.01
N TYR A 366 11.67 -8.28 -19.56
CA TYR A 366 10.41 -7.65 -19.94
C TYR A 366 9.71 -7.09 -18.72
N PHE A 367 9.67 -7.87 -17.64
CA PHE A 367 9.02 -7.38 -16.43
C PHE A 367 9.77 -6.18 -15.86
N LEU A 368 11.10 -6.24 -15.84
CA LEU A 368 11.87 -5.11 -15.38
C LEU A 368 11.48 -3.85 -16.13
N ASN A 369 11.40 -3.94 -17.46
CA ASN A 369 11.14 -2.73 -18.23
C ASN A 369 9.71 -2.24 -18.05
N VAL A 370 8.73 -3.14 -18.01
CA VAL A 370 7.36 -2.66 -17.84
C VAL A 370 7.19 -2.03 -16.46
N PHE A 371 7.74 -2.64 -15.42
CA PHE A 371 7.57 -2.03 -14.11
C PHE A 371 8.39 -0.75 -13.95
N ASN A 372 9.53 -0.64 -14.63
CA ASN A 372 10.23 0.63 -14.63
C ASN A 372 9.37 1.71 -15.28
N THR A 373 8.70 1.37 -16.38
CA THR A 373 7.79 2.36 -16.96
C THR A 373 6.63 2.64 -16.03
N GLY A 374 6.18 1.65 -15.28
CA GLY A 374 5.10 1.89 -14.32
C GLY A 374 5.51 2.87 -13.24
N MET A 375 6.69 2.66 -12.67
CA MET A 375 7.16 3.58 -11.63
C MET A 375 7.45 4.95 -12.20
N TYR A 376 7.92 5.02 -13.44
CA TYR A 376 8.04 6.32 -14.09
C TYR A 376 6.70 7.02 -14.15
N ILE A 377 5.68 6.35 -14.68
CA ILE A 377 4.42 7.02 -14.92
C ILE A 377 3.76 7.42 -13.61
N LYS A 378 3.91 6.62 -12.55
CA LYS A 378 3.41 7.09 -11.26
C LYS A 378 4.21 8.28 -10.77
N SER A 379 5.54 8.17 -10.76
CA SER A 379 6.36 9.27 -10.29
C SER A 379 6.18 10.50 -11.16
N ALA A 380 6.16 10.32 -12.47
CA ALA A 380 6.06 11.47 -13.36
C ALA A 380 4.73 12.16 -13.19
N LEU A 381 3.65 11.39 -13.04
CA LEU A 381 2.33 12.00 -12.88
C LEU A 381 2.06 12.40 -11.43
N THR A 382 2.46 11.59 -10.46
CA THR A 382 2.16 11.95 -9.08
C THR A 382 2.81 13.26 -8.70
N ALA A 383 3.89 13.65 -9.38
CA ALA A 383 4.50 14.94 -9.14
C ALA A 383 3.91 16.03 -10.02
N LEU A 384 3.57 15.69 -11.26
CA LEU A 384 3.07 16.72 -12.16
C LEU A 384 1.66 17.13 -11.78
N ILE A 385 0.86 16.21 -11.25
CA ILE A 385 -0.45 16.58 -10.71
C ILE A 385 -0.28 17.60 -9.60
N TYR A 386 0.68 17.38 -8.72
CA TYR A 386 0.90 18.29 -7.61
C TYR A 386 1.36 19.66 -8.08
N GLN A 387 2.30 19.67 -9.01
CA GLN A 387 2.74 20.95 -9.58
C GLN A 387 1.58 21.66 -10.28
N LYS A 388 0.65 20.91 -10.85
CA LYS A 388 -0.55 21.51 -11.42
C LYS A 388 -1.46 22.04 -10.32
N SER A 389 -1.57 21.30 -9.22
CA SER A 389 -2.44 21.70 -8.13
C SER A 389 -2.02 23.04 -7.59
N LEU A 390 -0.72 23.25 -7.43
CA LEU A 390 -0.26 24.55 -6.95
C LEU A 390 -0.52 25.67 -7.95
N VAL A 391 -0.92 25.36 -9.18
CA VAL A 391 -1.24 26.41 -10.15
C VAL A 391 -2.73 26.55 -10.39
N LEU A 392 -3.54 25.59 -9.97
CA LEU A 392 -4.98 25.68 -10.23
C LEU A 392 -5.54 27.02 -9.84
N SER A 393 -6.47 27.52 -10.64
CA SER A 393 -7.26 28.68 -10.24
C SER A 393 -8.07 28.36 -9.00
N ASN A 394 -8.39 29.38 -8.21
CA ASN A 394 -9.17 29.16 -7.00
C ASN A 394 -10.57 28.65 -7.34
N GLU A 395 -11.20 29.24 -8.35
CA GLU A 395 -12.50 28.75 -8.79
C GLU A 395 -12.43 27.27 -9.10
N ALA A 396 -11.45 26.86 -9.90
CA ALA A 396 -11.36 25.45 -10.28
C ALA A 396 -11.05 24.57 -9.09
N SER A 397 -10.18 25.03 -8.19
CA SER A 397 -9.83 24.22 -7.03
C SER A 397 -11.03 23.99 -6.13
N GLY A 398 -11.90 25.00 -5.99
CA GLY A 398 -13.11 24.79 -5.24
C GLY A 398 -14.15 23.99 -6.01
N LEU A 399 -14.14 24.11 -7.33
CA LEU A 399 -15.02 23.32 -8.17
C LEU A 399 -14.73 21.83 -7.99
N SER A 400 -13.46 21.47 -7.99
CA SER A 400 -13.06 20.10 -7.71
C SER A 400 -13.09 19.84 -6.22
N SER A 401 -13.59 18.66 -5.84
CA SER A 401 -13.55 18.26 -4.44
C SER A 401 -12.11 17.91 -4.05
N THR A 402 -11.75 18.23 -2.80
CA THR A 402 -10.43 17.85 -2.32
C THR A 402 -10.25 16.35 -2.35
N GLY A 403 -11.28 15.60 -1.95
CA GLY A 403 -11.20 14.15 -2.05
C GLY A 403 -11.09 13.68 -3.48
N ASP A 404 -11.79 14.34 -4.40
CA ASP A 404 -11.66 14.00 -5.80
C ASP A 404 -10.23 14.16 -6.28
N ILE A 405 -9.63 15.32 -6.03
CA ILE A 405 -8.29 15.56 -6.54
C ILE A 405 -7.29 14.64 -5.87
N VAL A 406 -7.47 14.34 -4.58
CA VAL A 406 -6.57 13.39 -3.93
C VAL A 406 -6.70 12.03 -4.58
N ASN A 407 -7.93 11.59 -4.87
CA ASN A 407 -8.10 10.37 -5.65
C ASN A 407 -7.42 10.49 -7.00
N LEU A 408 -7.32 11.70 -7.53
CA LEU A 408 -6.77 11.88 -8.86
C LEU A 408 -5.34 11.36 -8.95
N MET A 409 -4.65 11.19 -7.83
CA MET A 409 -3.36 10.51 -7.88
C MET A 409 -3.22 9.42 -6.82
N SER A 410 -4.27 9.12 -6.07
CA SER A 410 -4.24 7.93 -5.24
C SER A 410 -4.88 6.73 -5.92
N VAL A 411 -5.67 6.96 -6.96
CA VAL A 411 -6.29 5.88 -7.71
C VAL A 411 -5.99 6.04 -9.19
N ASP A 412 -6.31 7.19 -9.76
CA ASP A 412 -6.22 7.36 -11.20
C ASP A 412 -4.80 7.13 -11.70
N VAL A 413 -3.80 7.72 -11.03
CA VAL A 413 -2.44 7.48 -11.47
C VAL A 413 -2.03 6.04 -11.18
N GLN A 414 -2.63 5.44 -10.15
CA GLN A 414 -2.38 4.02 -9.91
C GLN A 414 -2.86 3.18 -11.09
N LYS A 415 -4.00 3.53 -11.66
CA LYS A 415 -4.52 2.78 -12.79
C LYS A 415 -3.53 2.83 -13.95
N LEU A 416 -2.98 4.02 -14.22
CA LEU A 416 -2.00 4.14 -15.29
C LEU A 416 -0.77 3.31 -15.00
N GLN A 417 -0.32 3.29 -13.75
CA GLN A 417 0.83 2.46 -13.40
C GLN A 417 0.52 0.99 -13.62
N ASP A 418 -0.65 0.54 -13.16
CA ASP A 418 -1.01 -0.86 -13.34
C ASP A 418 -1.45 -1.17 -14.77
N LEU A 419 -1.78 -0.17 -15.57
CA LEU A 419 -2.05 -0.42 -16.98
C LEU A 419 -0.79 -0.85 -17.71
N THR A 420 0.35 -0.27 -17.36
CA THR A 420 1.58 -0.59 -18.09
C THR A 420 1.92 -2.07 -17.95
N GLN A 421 1.77 -2.63 -16.76
CA GLN A 421 2.08 -4.04 -16.58
C GLN A 421 1.36 -4.88 -17.62
N TRP A 422 0.11 -4.55 -17.91
CA TRP A 422 -0.73 -5.34 -18.79
C TRP A 422 -0.85 -4.77 -20.19
N LEU A 423 -0.12 -3.70 -20.51
CA LEU A 423 -0.30 -3.08 -21.81
C LEU A 423 0.12 -4.01 -22.94
N ASN A 424 1.22 -4.73 -22.74
CA ASN A 424 1.76 -5.53 -23.83
C ASN A 424 0.95 -6.79 -24.12
N LEU A 425 -0.01 -7.13 -23.28
CA LEU A 425 -0.85 -8.29 -23.58
C LEU A 425 -1.90 -7.99 -24.63
N ILE A 426 -2.16 -6.72 -24.94
CA ILE A 426 -3.13 -6.44 -25.99
C ILE A 426 -2.67 -7.00 -27.31
N TRP A 427 -1.36 -7.16 -27.50
CA TRP A 427 -0.82 -7.89 -28.64
C TRP A 427 -0.21 -9.22 -28.26
N SER A 428 0.49 -9.32 -27.14
CA SER A 428 0.98 -10.62 -26.70
C SER A 428 -0.15 -11.54 -26.30
N GLY A 429 -1.35 -11.01 -26.11
CA GLY A 429 -2.51 -11.84 -25.90
C GLY A 429 -2.80 -12.66 -27.14
N PRO A 430 -3.20 -12.00 -28.23
CA PRO A 430 -3.42 -12.75 -29.48
C PRO A 430 -2.17 -13.43 -29.99
N PHE A 431 -1.02 -12.78 -29.86
CA PHE A 431 0.21 -13.37 -30.38
C PHE A 431 0.51 -14.68 -29.70
N GLN A 432 0.29 -14.74 -28.39
CA GLN A 432 0.49 -15.99 -27.66
C GLN A 432 -0.62 -16.98 -27.92
N ILE A 433 -1.76 -16.52 -28.45
CA ILE A 433 -2.83 -17.43 -28.83
C ILE A 433 -2.64 -17.95 -30.25
N ILE A 434 -2.27 -17.06 -31.18
CA ILE A 434 -2.17 -17.48 -32.57
C ILE A 434 -1.13 -18.57 -32.73
N ILE A 435 0.05 -18.40 -32.14
CA ILE A 435 1.07 -19.42 -32.33
C ILE A 435 0.73 -20.67 -31.54
N CYS A 436 -0.03 -20.55 -30.46
CA CYS A 436 -0.46 -21.75 -29.75
C CYS A 436 -1.47 -22.55 -30.56
N LEU A 437 -2.44 -21.87 -31.17
CA LEU A 437 -3.38 -22.55 -32.04
C LEU A 437 -2.67 -23.15 -33.24
N TYR A 438 -1.71 -22.43 -33.81
CA TYR A 438 -0.97 -23.02 -34.91
C TYR A 438 -0.24 -24.28 -34.46
N SER A 439 0.42 -24.23 -33.31
CA SER A 439 1.16 -25.40 -32.87
C SER A 439 0.23 -26.57 -32.61
N LEU A 440 -0.93 -26.30 -31.98
CA LEU A 440 -1.89 -27.38 -31.76
C LEU A 440 -2.41 -27.93 -33.07
N TYR A 441 -2.76 -27.08 -34.03
CA TYR A 441 -3.19 -27.59 -35.31
C TYR A 441 -2.11 -28.45 -35.93
N LYS A 442 -0.91 -27.89 -36.06
CA LYS A 442 0.25 -28.63 -36.55
C LYS A 442 0.26 -30.04 -36.01
N LEU A 443 0.28 -30.19 -34.69
CA LEU A 443 0.60 -31.51 -34.17
C LEU A 443 -0.63 -32.39 -34.01
N LEU A 444 -1.72 -31.84 -33.49
CA LEU A 444 -2.88 -32.63 -33.12
C LEU A 444 -3.95 -32.68 -34.21
N GLY A 445 -3.76 -32.00 -35.33
CA GLY A 445 -4.75 -32.05 -36.38
C GLY A 445 -5.90 -31.10 -36.11
N ASN A 446 -6.94 -31.24 -36.93
CA ASN A 446 -8.03 -30.28 -36.92
C ASN A 446 -8.87 -30.37 -35.66
N SER A 447 -8.80 -31.48 -34.92
CA SER A 447 -9.68 -31.65 -33.78
C SER A 447 -9.46 -30.61 -32.69
N MET A 448 -8.31 -29.96 -32.67
CA MET A 448 -8.01 -28.88 -31.74
C MET A 448 -9.19 -27.93 -31.52
N TRP A 449 -9.94 -27.67 -32.58
CA TRP A 449 -10.96 -26.65 -32.49
C TRP A 449 -11.94 -26.94 -31.39
N VAL A 450 -12.10 -28.21 -31.01
CA VAL A 450 -12.97 -28.53 -29.88
C VAL A 450 -12.42 -27.91 -28.61
N GLY A 451 -11.11 -28.03 -28.38
CA GLY A 451 -10.52 -27.44 -27.19
C GLY A 451 -10.58 -25.92 -27.21
N VAL A 452 -10.31 -25.32 -28.37
CA VAL A 452 -10.40 -23.88 -28.45
C VAL A 452 -11.84 -23.42 -28.20
N ILE A 453 -12.81 -24.15 -28.73
CA ILE A 453 -14.21 -23.81 -28.53
C ILE A 453 -14.57 -23.90 -27.06
N ILE A 454 -14.08 -24.94 -26.36
CA ILE A 454 -14.41 -25.06 -24.95
C ILE A 454 -13.83 -23.89 -24.16
N LEU A 455 -12.58 -23.50 -24.42
CA LEU A 455 -12.04 -22.35 -23.71
C LEU A 455 -12.83 -21.08 -24.04
N VAL A 456 -13.16 -20.88 -25.31
CA VAL A 456 -13.91 -19.67 -25.68
C VAL A 456 -15.25 -19.66 -24.97
N ILE A 457 -15.94 -20.80 -24.95
CA ILE A 457 -17.23 -20.87 -24.28
C ILE A 457 -17.07 -20.57 -22.80
N MET A 458 -15.98 -21.05 -22.20
CA MET A 458 -15.77 -20.79 -20.79
C MET A 458 -15.51 -19.31 -20.53
N MET A 459 -14.88 -18.62 -21.47
CA MET A 459 -14.49 -17.22 -21.21
C MET A 459 -15.68 -16.35 -20.82
N PRO A 460 -16.80 -16.34 -21.55
CA PRO A 460 -17.97 -15.61 -21.04
C PRO A 460 -18.38 -16.05 -19.64
N LEU A 461 -18.47 -17.36 -19.43
CA LEU A 461 -18.89 -17.86 -18.12
C LEU A 461 -17.89 -17.46 -17.05
N ASN A 462 -16.59 -17.57 -17.34
CA ASN A 462 -15.60 -17.22 -16.34
C ASN A 462 -15.64 -15.74 -16.00
N SER A 463 -15.82 -14.89 -17.02
CA SER A 463 -15.94 -13.45 -16.75
C SER A 463 -17.20 -13.15 -15.95
N PHE A 464 -18.29 -13.84 -16.25
CA PHE A 464 -19.52 -13.64 -15.49
C PHE A 464 -19.33 -14.02 -14.03
N LEU A 465 -18.63 -15.12 -13.77
CA LEU A 465 -18.31 -15.46 -12.40
C LEU A 465 -17.35 -14.45 -11.77
N MET A 466 -16.43 -13.86 -12.55
CA MET A 466 -15.64 -12.78 -11.96
C MET A 466 -16.55 -11.63 -11.50
N ARG A 467 -17.53 -11.28 -12.32
CA ARG A 467 -18.47 -10.23 -11.91
C ARG A 467 -19.23 -10.64 -10.64
N ILE A 468 -19.69 -11.90 -10.58
CA ILE A 468 -20.44 -12.33 -9.41
C ILE A 468 -19.57 -12.35 -8.16
N GLN A 469 -18.34 -12.85 -8.29
CA GLN A 469 -17.40 -12.82 -7.18
C GLN A 469 -17.20 -11.39 -6.70
N LYS A 470 -17.04 -10.46 -7.64
CA LYS A 470 -16.88 -9.05 -7.28
C LYS A 470 -18.10 -8.53 -6.54
N LYS A 471 -19.30 -8.86 -7.03
CA LYS A 471 -20.51 -8.40 -6.37
C LYS A 471 -20.57 -8.89 -4.93
N LEU A 472 -20.34 -10.18 -4.72
CA LEU A 472 -20.39 -10.71 -3.37
C LEU A 472 -19.27 -10.15 -2.50
N GLN A 473 -18.11 -9.87 -3.09
CA GLN A 473 -17.01 -9.32 -2.30
C GLN A 473 -17.30 -7.88 -1.89
N LYS A 474 -17.93 -7.11 -2.77
CA LYS A 474 -18.34 -5.76 -2.41
C LYS A 474 -19.45 -5.79 -1.37
N SER A 475 -20.37 -6.74 -1.46
CA SER A 475 -21.36 -6.91 -0.41
C SER A 475 -20.69 -7.25 0.92
N GLN A 476 -19.67 -8.09 0.88
CA GLN A 476 -18.94 -8.42 2.09
C GLN A 476 -18.25 -7.18 2.66
N MET A 477 -17.65 -6.37 1.80
CA MET A 477 -17.05 -5.13 2.28
C MET A 477 -18.11 -4.19 2.86
N LYS A 478 -19.30 -4.20 2.29
CA LYS A 478 -20.39 -3.38 2.81
C LYS A 478 -20.78 -3.82 4.22
N TYR A 479 -21.00 -5.13 4.41
CA TYR A 479 -21.28 -5.61 5.75
C TYR A 479 -20.09 -5.40 6.68
N LYS A 480 -18.87 -5.43 6.15
CA LYS A 480 -17.71 -5.13 6.97
C LYS A 480 -17.80 -3.70 7.48
N ASP A 481 -18.18 -2.78 6.62
CA ASP A 481 -18.35 -1.39 7.05
C ASP A 481 -19.47 -1.29 8.08
N GLU A 482 -20.54 -2.06 7.89
CA GLU A 482 -21.63 -2.07 8.87
C GLU A 482 -21.12 -2.46 10.25
N ARG A 483 -20.43 -3.60 10.31
CA ARG A 483 -19.86 -4.06 11.57
C ARG A 483 -18.82 -3.08 12.09
N THR A 484 -18.07 -2.44 11.20
CA THR A 484 -17.10 -1.46 11.63
C THR A 484 -17.79 -0.29 12.32
N ARG A 485 -18.93 0.15 11.79
CA ARG A 485 -19.68 1.22 12.45
C ARG A 485 -20.17 0.79 13.81
N VAL A 486 -20.72 -0.43 13.91
CA VAL A 486 -21.23 -0.88 15.20
C VAL A 486 -20.09 -0.95 16.21
N ILE A 487 -18.97 -1.58 15.83
CA ILE A 487 -17.83 -1.65 16.73
C ILE A 487 -17.33 -0.26 17.04
N SER A 488 -17.39 0.65 16.07
CA SER A 488 -16.89 1.99 16.32
C SER A 488 -17.66 2.65 17.44
N GLU A 489 -18.99 2.59 17.40
CA GLU A 489 -19.73 3.20 18.49
C GLU A 489 -19.44 2.48 19.80
N ILE A 490 -19.44 1.13 19.76
CA ILE A 490 -19.27 0.38 21.00
C ILE A 490 -17.94 0.72 21.65
N LEU A 491 -16.86 0.72 20.89
CA LEU A 491 -15.56 1.03 21.46
C LEU A 491 -15.48 2.50 21.86
N ASN A 492 -15.92 3.41 21.00
CA ASN A 492 -15.79 4.84 21.28
C ASN A 492 -16.46 5.21 22.60
N ASN A 493 -17.65 4.67 22.86
CA ASN A 493 -18.36 4.97 24.10
C ASN A 493 -18.46 3.76 25.02
N ILE A 494 -17.45 2.88 24.95
CA ILE A 494 -17.34 1.76 25.88
C ILE A 494 -17.48 2.21 27.32
N LYS A 495 -16.95 3.38 27.67
CA LYS A 495 -17.04 3.77 29.08
C LYS A 495 -18.49 3.75 29.52
N SER A 496 -19.36 4.44 28.80
CA SER A 496 -20.77 4.44 29.13
C SER A 496 -21.37 3.04 28.99
N LEU A 497 -21.05 2.34 27.90
CA LEU A 497 -21.67 1.04 27.67
C LEU A 497 -21.41 0.11 28.84
N LYS A 498 -20.15 0.03 29.28
CA LYS A 498 -19.82 -0.78 30.44
C LYS A 498 -20.48 -0.22 31.69
N LEU A 499 -20.59 1.10 31.78
CA LEU A 499 -21.12 1.71 32.99
C LEU A 499 -22.58 1.33 33.21
N TYR A 500 -23.37 1.27 32.15
CA TYR A 500 -24.75 0.82 32.28
C TYR A 500 -24.89 -0.70 32.30
N ALA A 501 -23.82 -1.44 32.06
CA ALA A 501 -23.87 -2.90 31.90
C ALA A 501 -24.54 -3.31 30.60
N TRP A 502 -24.52 -2.45 29.59
CA TRP A 502 -25.07 -2.74 28.28
C TRP A 502 -24.16 -3.62 27.43
N GLU A 503 -23.19 -4.29 28.04
CA GLU A 503 -22.27 -5.12 27.26
C GLU A 503 -23.03 -6.20 26.49
N LYS A 504 -23.84 -6.99 27.20
CA LYS A 504 -24.47 -8.14 26.54
C LYS A 504 -25.46 -7.72 25.46
N PRO A 505 -26.35 -6.76 25.69
CA PRO A 505 -27.28 -6.39 24.61
C PRO A 505 -26.59 -5.91 23.35
N TYR A 506 -25.56 -5.07 23.46
CA TYR A 506 -24.87 -4.60 22.26
C TYR A 506 -24.01 -5.70 21.68
N ARG A 507 -23.51 -6.63 22.50
CA ARG A 507 -22.87 -7.82 21.97
C ARG A 507 -23.85 -8.61 21.12
N GLU A 508 -25.08 -8.77 21.60
CA GLU A 508 -26.11 -9.45 20.83
C GLU A 508 -26.39 -8.72 19.53
N LYS A 509 -26.50 -7.39 19.59
CA LYS A 509 -26.70 -6.62 18.37
C LYS A 509 -25.58 -6.89 17.38
N LEU A 510 -24.34 -6.81 17.86
CA LEU A 510 -23.18 -7.01 17.00
C LEU A 510 -23.17 -8.39 16.38
N GLU A 511 -23.42 -9.42 17.20
CA GLU A 511 -23.34 -10.78 16.68
C GLU A 511 -24.52 -11.09 15.79
N GLU A 512 -25.68 -10.49 16.03
CA GLU A 512 -26.76 -10.60 15.06
C GLU A 512 -26.31 -10.06 13.71
N VAL A 513 -25.81 -8.83 13.70
CA VAL A 513 -25.33 -8.26 12.44
C VAL A 513 -24.33 -9.21 11.79
N ARG A 514 -23.29 -9.58 12.52
CA ARG A 514 -22.27 -10.43 11.93
C ARG A 514 -22.84 -11.75 11.45
N ASN A 515 -23.27 -12.60 12.39
CA ASN A 515 -23.71 -13.94 12.07
C ASN A 515 -24.68 -13.94 10.89
N ASN A 516 -25.75 -13.14 10.96
CA ASN A 516 -26.73 -13.19 9.89
C ASN A 516 -26.21 -12.51 8.64
N LYS A 517 -25.99 -11.20 8.68
CA LYS A 517 -25.78 -10.45 7.46
C LYS A 517 -24.42 -10.75 6.83
N GLU A 518 -23.36 -10.85 7.64
CA GLU A 518 -22.01 -10.88 7.10
C GLU A 518 -21.51 -12.30 6.81
N LEU A 519 -21.60 -13.21 7.76
CA LEU A 519 -21.11 -14.56 7.51
C LEU A 519 -22.00 -15.35 6.55
N LYS A 520 -23.31 -15.08 6.52
CA LYS A 520 -24.09 -15.75 5.49
C LYS A 520 -23.63 -15.31 4.11
N ASN A 521 -23.36 -14.02 3.94
CA ASN A 521 -22.79 -13.54 2.70
C ASN A 521 -21.43 -14.18 2.45
N LEU A 522 -20.66 -14.41 3.50
CA LEU A 522 -19.36 -15.04 3.33
C LEU A 522 -19.50 -16.48 2.86
N THR A 523 -20.49 -17.21 3.38
CA THR A 523 -20.74 -18.57 2.88
C THR A 523 -21.15 -18.53 1.43
N LYS A 524 -21.97 -17.54 1.05
CA LYS A 524 -22.30 -17.43 -0.37
C LYS A 524 -21.03 -17.22 -1.20
N LEU A 525 -20.15 -16.34 -0.74
CA LEU A 525 -18.90 -16.11 -1.44
C LEU A 525 -18.08 -17.39 -1.52
N GLY A 526 -18.07 -18.17 -0.45
CA GLY A 526 -17.32 -19.42 -0.46
C GLY A 526 -17.91 -20.43 -1.41
N CYS A 527 -19.24 -20.51 -1.48
CA CYS A 527 -19.87 -21.43 -2.42
C CYS A 527 -19.49 -21.07 -3.85
N TYR A 528 -19.60 -19.80 -4.21
CA TYR A 528 -19.22 -19.44 -5.58
C TYR A 528 -17.73 -19.50 -5.79
N MET A 529 -16.93 -19.36 -4.73
CA MET A 529 -15.49 -19.59 -4.84
C MET A 529 -15.20 -21.05 -5.14
N ALA A 530 -15.93 -21.96 -4.51
CA ALA A 530 -15.78 -23.37 -4.84
C ALA A 530 -16.19 -23.64 -6.28
N VAL A 531 -17.25 -22.98 -6.75
CA VAL A 531 -17.66 -23.14 -8.14
C VAL A 531 -16.55 -22.66 -9.08
N THR A 532 -15.97 -21.50 -8.79
CA THR A 532 -14.92 -21.01 -9.69
C THR A 532 -13.68 -21.87 -9.62
N SER A 533 -13.37 -22.45 -8.45
CA SER A 533 -12.24 -23.38 -8.38
C SER A 533 -12.52 -24.64 -9.18
N PHE A 534 -13.74 -25.14 -9.12
CA PHE A 534 -14.11 -26.30 -9.93
C PHE A 534 -13.94 -25.99 -11.41
N GLN A 535 -14.39 -24.81 -11.85
CA GLN A 535 -14.18 -24.44 -13.25
C GLN A 535 -12.70 -24.35 -13.58
N PHE A 536 -11.95 -23.67 -12.73
CA PHE A 536 -10.51 -23.49 -12.97
C PHE A 536 -9.81 -24.83 -13.12
N ASN A 537 -10.24 -25.84 -12.36
CA ASN A 537 -9.58 -27.13 -12.46
C ASN A 537 -10.11 -27.97 -13.61
N ILE A 538 -11.40 -27.88 -13.93
CA ILE A 538 -11.99 -28.77 -14.91
C ILE A 538 -11.64 -28.30 -16.32
N VAL A 539 -11.78 -27.01 -16.61
CA VAL A 539 -11.68 -26.55 -17.99
C VAL A 539 -10.36 -26.93 -18.62
N PRO A 540 -9.20 -26.79 -17.97
CA PRO A 540 -7.97 -27.25 -18.63
C PRO A 540 -7.97 -28.75 -18.85
N PHE A 541 -8.56 -29.50 -17.94
CA PHE A 541 -8.75 -30.93 -18.19
C PHE A 541 -9.76 -31.16 -19.31
N LEU A 542 -10.93 -30.54 -19.21
CA LEU A 542 -12.02 -30.88 -20.11
C LEU A 542 -11.67 -30.52 -21.55
N VAL A 543 -10.89 -29.46 -21.74
CA VAL A 543 -10.43 -29.13 -23.09
C VAL A 543 -9.67 -30.29 -23.69
N SER A 544 -8.70 -30.82 -22.95
CA SER A 544 -7.90 -31.91 -23.47
C SER A 544 -8.74 -33.16 -23.66
N CYS A 545 -9.64 -33.44 -22.72
CA CYS A 545 -10.46 -34.64 -22.85
C CYS A 545 -11.31 -34.59 -24.11
N CYS A 546 -11.98 -33.46 -24.35
CA CYS A 546 -12.82 -33.36 -25.53
C CYS A 546 -11.99 -33.35 -26.81
N THR A 547 -10.82 -32.70 -26.78
CA THR A 547 -10.01 -32.66 -27.98
C THR A 547 -9.51 -34.06 -28.35
N PHE A 548 -9.04 -34.82 -27.36
CA PHE A 548 -8.65 -36.19 -27.64
C PHE A 548 -9.83 -37.03 -28.08
N ALA A 549 -11.01 -36.78 -27.50
CA ALA A 549 -12.19 -37.53 -27.95
C ALA A 549 -12.44 -37.33 -29.43
N VAL A 550 -12.51 -36.07 -29.86
CA VAL A 550 -12.82 -35.81 -31.26
C VAL A 550 -11.69 -36.26 -32.16
N PHE A 551 -10.45 -36.09 -31.73
CA PHE A 551 -9.32 -36.62 -32.48
C PHE A 551 -9.47 -38.11 -32.69
N VAL A 552 -9.79 -38.85 -31.64
CA VAL A 552 -9.86 -40.29 -31.73
C VAL A 552 -10.98 -40.71 -32.66
N TYR A 553 -12.13 -40.04 -32.55
CA TYR A 553 -13.31 -40.45 -33.31
C TYR A 553 -13.45 -39.74 -34.65
N THR A 554 -12.46 -38.97 -35.09
CA THR A 554 -12.53 -38.42 -36.43
C THR A 554 -11.25 -38.65 -37.22
N GLU A 555 -10.11 -38.70 -36.54
CA GLU A 555 -8.82 -38.80 -37.23
C GLU A 555 -8.45 -40.25 -37.46
N ASP A 556 -7.88 -40.52 -38.64
CA ASP A 556 -7.41 -41.87 -38.93
C ASP A 556 -6.09 -42.16 -38.23
N ARG A 557 -5.40 -41.14 -37.74
CA ARG A 557 -4.12 -41.33 -37.05
C ARG A 557 -4.35 -41.93 -35.66
N ALA A 558 -3.32 -42.60 -35.16
CA ALA A 558 -3.35 -43.10 -33.79
C ALA A 558 -2.88 -42.02 -32.84
N LEU A 559 -3.56 -41.92 -31.69
CA LEU A 559 -3.26 -40.88 -30.71
C LEU A 559 -1.96 -41.22 -30.00
N THR A 560 -0.86 -40.95 -30.69
CA THR A 560 0.45 -41.32 -30.18
C THR A 560 0.82 -40.49 -28.95
N THR A 561 1.73 -41.05 -28.15
CA THR A 561 2.21 -40.37 -26.96
C THR A 561 3.03 -39.14 -27.25
N ASP A 562 3.46 -38.92 -28.50
CA ASP A 562 4.05 -37.63 -28.83
C ASP A 562 3.00 -36.62 -29.25
N LEU A 563 1.75 -37.03 -29.42
CA LEU A 563 0.66 -36.11 -29.69
C LEU A 563 -0.08 -35.74 -28.43
N VAL A 564 -0.23 -36.67 -27.49
CA VAL A 564 -1.05 -36.40 -26.31
C VAL A 564 -0.38 -35.37 -25.41
N PHE A 565 0.90 -35.53 -25.13
CA PHE A 565 1.52 -34.73 -24.07
C PHE A 565 1.89 -33.33 -24.52
N PRO A 566 2.54 -33.16 -25.66
CA PRO A 566 2.74 -31.79 -26.16
C PRO A 566 1.43 -31.06 -26.35
N ALA A 567 0.37 -31.76 -26.77
CA ALA A 567 -0.93 -31.13 -26.85
C ALA A 567 -1.41 -30.68 -25.47
N LEU A 568 -1.17 -31.51 -24.46
CA LEU A 568 -1.59 -31.16 -23.12
C LEU A 568 -0.83 -29.92 -22.63
N THR A 569 0.47 -29.85 -22.89
CA THR A 569 1.24 -28.67 -22.50
C THR A 569 0.76 -27.45 -23.25
N LEU A 570 0.44 -27.60 -24.53
CA LEU A 570 0.00 -26.45 -25.30
C LEU A 570 -1.35 -25.94 -24.81
N PHE A 571 -2.25 -26.83 -24.41
CA PHE A 571 -3.49 -26.34 -23.82
C PHE A 571 -3.22 -25.64 -22.50
N ASN A 572 -2.31 -26.17 -21.68
CA ASN A 572 -1.98 -25.49 -20.44
C ASN A 572 -1.48 -24.08 -20.70
N LEU A 573 -0.63 -23.92 -21.72
CA LEU A 573 -0.18 -22.57 -22.08
C LEU A 573 -1.33 -21.72 -22.59
N LEU A 574 -2.20 -22.30 -23.41
CA LEU A 574 -3.32 -21.54 -23.96
C LEU A 574 -4.24 -21.04 -22.87
N SER A 575 -4.28 -21.73 -21.74
CA SER A 575 -5.17 -21.31 -20.66
C SER A 575 -4.96 -19.85 -20.31
N PHE A 576 -3.70 -19.44 -20.16
CA PHE A 576 -3.43 -18.12 -19.61
C PHE A 576 -3.89 -16.98 -20.52
N PRO A 577 -3.53 -16.93 -21.80
CA PRO A 577 -3.98 -15.79 -22.62
C PRO A 577 -5.49 -15.62 -22.64
N LEU A 578 -6.23 -16.72 -22.77
CA LEU A 578 -7.67 -16.65 -22.78
C LEU A 578 -8.23 -16.37 -21.39
N MET A 579 -7.47 -16.69 -20.34
CA MET A 579 -7.87 -16.29 -19.00
C MET A 579 -7.70 -14.79 -18.80
N ILE A 580 -6.69 -14.20 -19.45
CA ILE A 580 -6.25 -12.86 -19.07
C ILE A 580 -6.87 -11.80 -19.95
N ILE A 581 -7.10 -12.07 -21.23
CA ILE A 581 -7.43 -11.01 -22.18
C ILE A 581 -8.64 -10.20 -21.71
N PRO A 582 -9.74 -10.80 -21.22
CA PRO A 582 -10.86 -9.94 -20.79
C PRO A 582 -10.47 -9.02 -19.66
N MET A 583 -9.69 -9.52 -18.70
CA MET A 583 -9.26 -8.70 -17.59
C MET A 583 -8.36 -7.59 -18.07
N VAL A 584 -7.55 -7.86 -19.11
CA VAL A 584 -6.74 -6.81 -19.70
C VAL A 584 -7.62 -5.73 -20.28
N LEU A 585 -8.68 -6.10 -20.99
CA LEU A 585 -9.54 -5.06 -21.56
C LEU A 585 -10.26 -4.27 -20.47
N ASN A 586 -10.64 -4.93 -19.37
CA ASN A 586 -11.23 -4.21 -18.26
C ASN A 586 -10.27 -3.18 -17.70
N SER A 587 -9.04 -3.61 -17.41
CA SER A 587 -8.03 -2.66 -16.94
C SER A 587 -7.79 -1.57 -17.96
N PHE A 588 -7.92 -1.89 -19.24
CA PHE A 588 -7.70 -0.90 -20.29
C PHE A 588 -8.77 0.18 -20.27
N ILE A 589 -10.04 -0.21 -20.14
CA ILE A 589 -11.09 0.80 -20.09
C ILE A 589 -10.95 1.64 -18.83
N GLU A 590 -10.62 1.01 -17.69
CA GLU A 590 -10.39 1.80 -16.48
C GLU A 590 -9.28 2.82 -16.70
N ALA A 591 -8.17 2.38 -17.29
CA ALA A 591 -7.07 3.30 -17.54
C ALA A 591 -7.46 4.40 -18.48
N SER A 592 -8.31 4.11 -19.46
CA SER A 592 -8.78 5.17 -20.36
C SER A 592 -9.59 6.21 -19.61
N VAL A 593 -10.47 5.77 -18.72
CA VAL A 593 -11.22 6.73 -17.91
C VAL A 593 -10.26 7.56 -17.06
N SER A 594 -9.26 6.92 -16.48
CA SER A 594 -8.32 7.65 -15.63
C SER A 594 -7.55 8.69 -16.44
N ILE A 595 -7.11 8.33 -17.64
CA ILE A 595 -6.42 9.32 -18.47
C ILE A 595 -7.36 10.46 -18.81
N GLY A 596 -8.64 10.16 -19.00
CA GLY A 596 -9.60 11.23 -19.22
C GLY A 596 -9.66 12.18 -18.05
N ARG A 597 -9.72 11.63 -16.84
CA ARG A 597 -9.77 12.48 -15.65
C ARG A 597 -8.51 13.34 -15.55
N LEU A 598 -7.35 12.73 -15.76
CA LEU A 598 -6.12 13.49 -15.70
C LEU A 598 -6.08 14.58 -16.76
N PHE A 599 -6.58 14.28 -17.97
CA PHE A 599 -6.55 15.30 -19.01
C PHE A 599 -7.45 16.47 -18.67
N THR A 600 -8.65 16.20 -18.17
CA THR A 600 -9.48 17.32 -17.75
C THR A 600 -8.84 18.08 -16.61
N PHE A 601 -8.02 17.40 -15.81
CA PHE A 601 -7.34 18.10 -14.72
C PHE A 601 -6.25 19.02 -15.26
N PHE A 602 -5.28 18.48 -16.00
CA PHE A 602 -4.15 19.30 -16.43
C PHE A 602 -4.62 20.46 -17.29
N THR A 603 -5.72 20.31 -17.99
CA THR A 603 -6.29 21.42 -18.75
C THR A 603 -7.09 22.38 -17.87
N ASN A 604 -7.20 22.09 -16.58
CA ASN A 604 -8.00 22.92 -15.69
C ASN A 604 -7.43 24.33 -15.62
N GLU A 605 -8.29 25.30 -15.35
CA GLU A 605 -7.94 26.70 -15.53
C GLU A 605 -6.85 27.12 -14.55
N GLU A 606 -5.85 27.84 -15.06
CA GLU A 606 -4.78 28.38 -14.23
C GLU A 606 -5.20 29.70 -13.61
N LEU A 607 -4.55 30.03 -12.50
CA LEU A 607 -4.50 31.41 -12.06
C LEU A 607 -3.59 32.18 -13.01
N GLN A 608 -4.00 33.38 -13.39
CA GLN A 608 -3.16 34.13 -14.31
C GLN A 608 -1.95 34.70 -13.57
N PRO A 609 -0.73 34.47 -14.05
CA PRO A 609 0.44 34.94 -13.30
C PRO A 609 0.52 36.44 -13.19
N ASP A 610 -0.20 37.17 -14.04
CA ASP A 610 -0.18 38.63 -14.04
C ASP A 610 -1.35 39.24 -13.28
N SER A 611 -2.10 38.44 -12.52
CA SER A 611 -3.19 38.99 -11.73
C SER A 611 -2.70 40.15 -10.87
N VAL A 612 -1.55 39.98 -10.23
CA VAL A 612 -0.85 41.07 -9.55
C VAL A 612 0.61 41.02 -9.95
N GLN A 613 1.12 42.13 -10.47
CA GLN A 613 2.55 42.22 -10.77
C GLN A 613 3.30 42.42 -9.46
N ARG A 614 4.51 41.87 -9.40
CA ARG A 614 5.25 41.84 -8.15
C ARG A 614 6.65 42.40 -8.33
N LEU A 615 7.09 43.17 -7.34
CA LEU A 615 8.34 43.91 -7.32
C LEU A 615 9.07 43.63 -6.02
N PRO A 616 10.38 43.86 -5.98
CA PRO A 616 11.12 43.66 -4.73
C PRO A 616 10.70 44.65 -3.67
N LYS A 617 11.21 44.42 -2.46
CA LYS A 617 10.97 45.31 -1.33
C LYS A 617 11.65 46.66 -1.54
N VAL A 618 11.12 47.68 -0.85
CA VAL A 618 11.65 49.04 -0.91
C VAL A 618 12.45 49.30 0.35
N LYS A 619 13.65 49.85 0.18
CA LYS A 619 14.54 50.05 1.32
C LYS A 619 14.00 51.09 2.30
N ASN A 620 13.27 52.08 1.81
CA ASN A 620 12.83 53.18 2.67
C ASN A 620 11.63 52.76 3.50
N ILE A 621 11.02 53.72 4.19
CA ILE A 621 9.99 53.45 5.19
C ILE A 621 8.84 54.43 4.99
N GLY A 622 7.62 53.91 5.06
CA GLY A 622 6.44 54.79 5.07
C GLY A 622 6.06 55.45 3.78
N ASP A 623 7.04 56.06 3.10
CA ASP A 623 6.73 56.93 1.97
C ASP A 623 6.05 56.16 0.84
N VAL A 624 6.56 54.99 0.54
CA VAL A 624 6.21 54.31 -0.72
C VAL A 624 4.99 53.43 -0.51
N ALA A 625 4.19 53.33 -1.57
CA ALA A 625 3.09 52.38 -1.61
C ALA A 625 3.65 50.96 -1.75
N ILE A 626 3.35 50.12 -0.76
CA ILE A 626 3.86 48.75 -0.84
C ILE A 626 3.04 47.94 -1.83
N ASN A 627 1.78 48.30 -2.03
CA ASN A 627 0.91 47.63 -2.98
C ASN A 627 -0.14 48.62 -3.49
N ILE A 628 -0.59 48.41 -4.72
CA ILE A 628 -1.43 49.38 -5.41
C ILE A 628 -2.51 48.65 -6.20
N GLY A 629 -3.67 49.29 -6.31
CA GLY A 629 -4.70 48.90 -7.24
C GLY A 629 -5.25 50.10 -8.00
N ASP A 630 -5.11 50.10 -9.32
CA ASP A 630 -5.51 51.24 -10.15
C ASP A 630 -6.90 51.00 -10.71
N ASP A 631 -7.92 51.38 -9.94
CA ASP A 631 -9.31 51.27 -10.39
C ASP A 631 -9.59 49.89 -10.97
N ALA A 632 -8.87 48.89 -10.49
CA ALA A 632 -8.85 47.58 -11.12
C ALA A 632 -10.04 46.74 -10.72
N THR A 633 -10.40 45.80 -11.58
CA THR A 633 -11.50 44.87 -11.37
C THR A 633 -10.95 43.45 -11.30
N PHE A 634 -11.62 42.62 -10.50
CA PHE A 634 -11.17 41.25 -10.26
C PHE A 634 -12.37 40.32 -10.32
N LEU A 635 -12.44 39.52 -11.38
CA LEU A 635 -13.44 38.46 -11.46
C LEU A 635 -12.99 37.26 -10.66
N TRP A 636 -13.96 36.60 -10.02
CA TRP A 636 -13.67 35.31 -9.41
C TRP A 636 -13.32 34.28 -10.47
N GLN A 637 -14.05 34.27 -11.58
CA GLN A 637 -13.74 33.37 -12.69
C GLN A 637 -14.41 33.91 -13.94
N ARG A 638 -13.97 33.40 -15.10
CA ARG A 638 -14.59 33.73 -16.37
C ARG A 638 -15.56 32.66 -16.85
N LYS A 639 -15.05 31.46 -17.07
CA LYS A 639 -15.74 30.50 -17.94
C LYS A 639 -16.85 29.78 -17.18
N PRO A 640 -16.60 29.22 -15.99
CA PRO A 640 -17.73 28.72 -15.20
C PRO A 640 -18.81 29.78 -15.02
N GLU A 641 -18.42 31.01 -14.73
CA GLU A 641 -19.37 32.11 -14.62
C GLU A 641 -18.59 33.42 -14.70
N TYR A 642 -18.84 34.20 -15.75
CA TYR A 642 -18.17 35.47 -15.96
C TYR A 642 -18.78 36.62 -15.16
N LYS A 643 -19.92 36.39 -14.51
CA LYS A 643 -20.77 37.50 -14.06
C LYS A 643 -20.24 38.18 -12.80
N VAL A 644 -19.64 37.45 -11.87
CA VAL A 644 -19.35 37.96 -10.54
C VAL A 644 -17.90 38.44 -10.49
N ALA A 645 -17.69 39.61 -9.90
CA ALA A 645 -16.35 40.20 -9.86
C ALA A 645 -16.29 41.23 -8.75
N LEU A 646 -15.07 41.50 -8.30
CA LEU A 646 -14.82 42.64 -7.42
C LEU A 646 -14.66 43.88 -8.30
N LYS A 647 -15.40 44.94 -7.95
CA LYS A 647 -15.59 46.05 -8.85
C LYS A 647 -14.29 46.84 -9.02
N ASN A 648 -14.37 47.91 -9.83
CA ASN A 648 -13.20 48.75 -10.10
C ASN A 648 -12.88 49.58 -8.87
N ILE A 649 -11.74 49.30 -8.24
CA ILE A 649 -11.35 49.91 -6.98
C ILE A 649 -10.00 50.58 -7.13
N ASN A 650 -9.88 51.79 -6.60
CA ASN A 650 -8.59 52.37 -6.30
C ASN A 650 -8.24 52.01 -4.86
N PHE A 651 -7.03 51.47 -4.66
CA PHE A 651 -6.63 51.06 -3.33
C PHE A 651 -5.15 51.35 -3.13
N GLN A 652 -4.76 51.50 -1.87
CA GLN A 652 -3.42 51.89 -1.50
C GLN A 652 -3.07 51.28 -0.15
N ALA A 653 -1.78 51.11 0.11
CA ALA A 653 -1.31 50.68 1.41
C ALA A 653 0.13 51.15 1.58
N LYS A 654 0.40 51.85 2.68
CA LYS A 654 1.72 52.43 2.90
C LYS A 654 2.66 51.41 3.52
N LYS A 655 3.96 51.57 3.23
CA LYS A 655 4.97 50.74 3.86
C LYS A 655 5.10 51.06 5.34
N GLY A 656 5.42 50.05 6.13
CA GLY A 656 5.65 50.29 7.54
C GLY A 656 4.46 50.88 8.25
N ASN A 657 3.26 50.63 7.76
CA ASN A 657 2.03 51.13 8.34
C ASN A 657 1.04 49.98 8.45
N LEU A 658 -0.11 50.25 9.05
CA LEU A 658 -1.22 49.32 9.03
C LEU A 658 -2.33 49.93 8.18
N THR A 659 -2.72 49.22 7.14
CA THR A 659 -3.92 49.53 6.38
C THR A 659 -4.97 48.49 6.77
N CYS A 660 -6.19 48.94 7.02
CA CYS A 660 -7.23 48.05 7.50
C CYS A 660 -8.40 48.03 6.53
N ILE A 661 -9.07 46.88 6.46
CA ILE A 661 -10.22 46.65 5.60
C ILE A 661 -11.41 46.34 6.49
N VAL A 662 -12.55 46.99 6.21
CA VAL A 662 -13.76 46.79 6.99
C VAL A 662 -14.93 46.59 6.04
N GLY A 663 -15.97 45.95 6.55
CA GLY A 663 -17.13 45.60 5.77
C GLY A 663 -17.80 44.36 6.33
N LYS A 664 -19.04 44.14 5.90
CA LYS A 664 -19.81 43.02 6.40
C LYS A 664 -19.27 41.71 5.86
N VAL A 665 -19.62 40.62 6.55
CA VAL A 665 -19.11 39.30 6.19
C VAL A 665 -19.53 38.96 4.77
N GLY A 666 -18.64 38.30 4.04
CA GLY A 666 -18.95 37.85 2.70
C GLY A 666 -19.17 38.94 1.69
N SER A 667 -18.77 40.16 1.99
CA SER A 667 -18.97 41.28 1.07
C SER A 667 -17.79 41.52 0.15
N GLY A 668 -16.71 40.74 0.28
CA GLY A 668 -15.53 40.92 -0.56
C GLY A 668 -14.24 41.15 0.19
N LYS A 669 -14.21 41.08 1.53
CA LYS A 669 -12.94 41.21 2.24
C LYS A 669 -11.95 40.14 1.79
N THR A 670 -12.38 38.88 1.87
CA THR A 670 -11.50 37.79 1.48
C THR A 670 -11.09 37.92 0.03
N ALA A 671 -12.01 38.33 -0.83
CA ALA A 671 -11.68 38.52 -2.24
C ALA A 671 -10.62 39.59 -2.41
N LEU A 672 -10.78 40.71 -1.73
CA LEU A 672 -9.80 41.78 -1.83
C LEU A 672 -8.41 41.29 -1.44
N LEU A 673 -8.32 40.61 -0.30
CA LEU A 673 -7.02 40.11 0.14
C LEU A 673 -6.47 39.10 -0.86
N SER A 674 -7.30 38.14 -1.27
CA SER A 674 -6.87 37.16 -2.25
C SER A 674 -6.32 37.84 -3.50
N CYS A 675 -6.88 38.99 -3.87
CA CYS A 675 -6.41 39.67 -5.08
C CYS A 675 -4.91 39.95 -4.99
N MET A 676 -4.47 40.57 -3.91
CA MET A 676 -3.03 40.73 -3.73
C MET A 676 -2.35 39.38 -3.54
N LEU A 677 -3.09 38.34 -3.14
CA LEU A 677 -2.52 37.01 -3.22
C LEU A 677 -2.59 36.41 -4.62
N GLY A 678 -3.30 37.06 -5.54
CA GLY A 678 -3.35 36.60 -6.91
C GLY A 678 -4.38 35.52 -7.21
N ASP A 679 -5.09 35.02 -6.21
CA ASP A 679 -6.10 33.99 -6.45
C ASP A 679 -7.28 34.51 -7.25
N LEU A 680 -7.43 35.82 -7.39
CA LEU A 680 -8.51 36.42 -8.16
C LEU A 680 -8.01 36.85 -9.53
N PHE A 681 -8.94 36.96 -10.47
CA PHE A 681 -8.60 37.14 -11.88
C PHE A 681 -8.81 38.61 -12.25
N ARG A 682 -7.70 39.35 -12.30
CA ARG A 682 -7.72 40.73 -12.75
C ARG A 682 -8.07 40.80 -14.23
N VAL A 683 -8.88 41.80 -14.59
CA VAL A 683 -9.25 42.01 -15.99
C VAL A 683 -8.94 43.43 -16.44
N LYS A 684 -8.97 44.38 -15.50
CA LYS A 684 -8.73 45.78 -15.83
C LYS A 684 -8.00 46.45 -14.68
N GLY A 685 -7.31 47.54 -15.00
CA GLY A 685 -6.51 48.25 -14.04
C GLY A 685 -5.26 47.47 -13.69
N PHE A 686 -4.19 48.16 -13.31
CA PHE A 686 -2.99 47.46 -12.88
C PHE A 686 -2.97 47.38 -11.36
N ALA A 687 -2.52 46.23 -10.86
CA ALA A 687 -2.34 46.00 -9.44
C ALA A 687 -0.92 45.50 -9.21
N THR A 688 -0.33 45.93 -8.10
CA THR A 688 1.05 45.59 -7.82
C THR A 688 1.25 45.48 -6.32
N VAL A 689 2.20 44.63 -5.93
CA VAL A 689 2.56 44.43 -4.54
C VAL A 689 4.06 44.19 -4.48
N HIS A 690 4.68 44.62 -3.39
CA HIS A 690 6.13 44.66 -3.28
C HIS A 690 6.63 43.58 -2.32
N GLY A 691 7.62 42.82 -2.78
CA GLY A 691 8.38 41.95 -1.92
C GLY A 691 7.63 40.71 -1.50
N SER A 692 8.32 39.90 -0.70
CA SER A 692 7.71 38.71 -0.14
C SER A 692 6.58 39.09 0.78
N VAL A 693 5.57 38.22 0.85
CA VAL A 693 4.37 38.50 1.61
C VAL A 693 4.12 37.36 2.58
N ALA A 694 3.32 37.65 3.59
CA ALA A 694 2.78 36.64 4.48
C ALA A 694 1.27 36.70 4.40
N TYR A 695 0.64 35.55 4.58
CA TYR A 695 -0.82 35.45 4.47
C TYR A 695 -1.37 34.68 5.66
N VAL A 696 -2.48 35.17 6.19
CA VAL A 696 -3.25 34.47 7.19
C VAL A 696 -4.65 34.30 6.64
N SER A 697 -5.09 33.06 6.52
CA SER A 697 -6.36 32.78 5.87
C SER A 697 -7.53 33.10 6.80
N GLN A 698 -8.73 33.14 6.21
CA GLN A 698 -9.94 33.29 7.02
C GLN A 698 -9.99 32.22 8.09
N VAL A 699 -9.83 30.97 7.70
CA VAL A 699 -9.65 29.86 8.62
C VAL A 699 -8.16 29.56 8.70
N PRO A 700 -7.54 29.62 9.87
CA PRO A 700 -6.09 29.43 9.95
C PRO A 700 -5.74 28.00 9.54
N TRP A 701 -4.98 27.88 8.45
CA TRP A 701 -4.54 26.58 8.01
C TRP A 701 -3.48 26.02 8.96
N ILE A 702 -3.60 24.73 9.27
CA ILE A 702 -2.65 24.03 10.11
C ILE A 702 -2.19 22.80 9.36
N MET A 703 -0.88 22.68 9.17
CA MET A 703 -0.31 21.54 8.46
C MET A 703 0.19 20.53 9.47
N ASN A 704 -0.24 19.28 9.31
CA ASN A 704 0.12 18.25 10.27
C ASN A 704 1.64 18.15 10.40
N GLY A 705 2.10 17.95 11.62
CA GLY A 705 3.51 17.96 11.95
C GLY A 705 3.72 18.68 13.27
N THR A 706 4.98 18.94 13.58
CA THR A 706 5.30 19.59 14.85
C THR A 706 4.81 21.02 14.84
N VAL A 707 4.36 21.48 16.01
CA VAL A 707 3.94 22.87 16.14
C VAL A 707 5.10 23.80 15.86
N LYS A 708 6.31 23.42 16.29
CA LYS A 708 7.49 24.16 15.89
C LYS A 708 7.58 24.26 14.38
N GLU A 709 7.20 23.19 13.68
CA GLU A 709 7.21 23.24 12.22
C GLU A 709 6.13 24.17 11.69
N ASN A 710 4.96 24.19 12.32
CA ASN A 710 3.94 25.14 11.87
C ASN A 710 4.33 26.57 12.15
N ILE A 711 5.23 26.80 13.12
CA ILE A 711 5.78 28.14 13.31
C ILE A 711 6.81 28.45 12.23
N LEU A 712 7.83 27.61 12.12
CA LEU A 712 8.96 27.89 11.25
C LEU A 712 8.54 27.94 9.79
N PHE A 713 7.71 26.98 9.37
CA PHE A 713 7.19 26.88 8.02
C PHE A 713 8.32 26.99 6.99
N GLY A 714 9.38 26.22 7.23
CA GLY A 714 10.49 26.16 6.32
C GLY A 714 11.53 27.25 6.50
N HIS A 715 11.29 28.23 7.37
CA HIS A 715 12.25 29.27 7.63
C HIS A 715 13.21 28.85 8.72
N ARG A 716 14.48 29.24 8.59
CA ARG A 716 15.51 28.73 9.47
C ARG A 716 15.25 29.17 10.91
N TYR A 717 15.51 28.25 11.85
CA TYR A 717 15.28 28.54 13.26
C TYR A 717 16.27 29.58 13.75
N ASP A 718 15.75 30.64 14.37
CA ASP A 718 16.57 31.71 14.94
C ASP A 718 15.97 32.04 16.30
N ALA A 719 16.58 31.55 17.37
CA ALA A 719 15.98 31.62 18.70
C ALA A 719 15.51 33.03 19.05
N GLU A 720 16.45 33.97 19.15
CA GLU A 720 16.14 35.28 19.73
C GLU A 720 14.90 35.90 19.11
N PHE A 721 14.53 35.49 17.90
CA PHE A 721 13.28 35.90 17.31
C PHE A 721 12.18 34.87 17.49
N TYR A 722 12.52 33.58 17.57
CA TYR A 722 11.50 32.56 17.75
C TYR A 722 10.77 32.75 19.07
N GLU A 723 11.51 32.86 20.18
CA GLU A 723 10.81 32.96 21.46
C GLU A 723 10.15 34.33 21.61
N LYS A 724 10.77 35.39 21.09
CA LYS A 724 10.10 36.68 21.11
C LYS A 724 8.77 36.60 20.37
N THR A 725 8.77 35.95 19.21
CA THR A 725 7.54 35.84 18.42
C THR A 725 6.50 35.00 19.16
N ILE A 726 6.90 33.85 19.67
CA ILE A 726 5.92 32.97 20.31
C ILE A 726 5.31 33.67 21.52
N LYS A 727 6.13 34.42 22.26
CA LYS A 727 5.58 35.24 23.34
C LYS A 727 4.61 36.27 22.80
N ALA A 728 5.01 36.99 21.75
CA ALA A 728 4.14 38.01 21.19
C ALA A 728 2.81 37.44 20.75
N CYS A 729 2.78 36.16 20.39
CA CYS A 729 1.55 35.51 19.95
C CYS A 729 0.78 34.90 21.10
N ALA A 730 1.25 35.04 22.33
CA ALA A 730 0.45 34.75 23.51
C ALA A 730 -0.12 33.34 23.48
N LEU A 731 0.67 32.37 23.05
CA LEU A 731 0.30 30.97 23.18
C LEU A 731 1.39 30.16 23.88
N THR A 732 2.40 30.82 24.44
CA THR A 732 3.35 30.10 25.30
C THR A 732 2.60 29.35 26.39
N ILE A 733 1.49 29.91 26.87
CA ILE A 733 0.63 29.21 27.80
C ILE A 733 0.12 27.92 27.17
N ASP A 734 -0.20 27.94 25.88
CA ASP A 734 -0.71 26.73 25.24
C ASP A 734 0.40 25.73 25.01
N LEU A 735 1.62 26.19 24.76
CA LEU A 735 2.76 25.28 24.73
C LEU A 735 2.98 24.64 26.10
N ALA A 736 2.76 25.40 27.17
CA ALA A 736 2.87 24.85 28.51
C ALA A 736 1.81 23.81 28.78
N ILE A 737 0.59 24.03 28.28
CA ILE A 737 -0.46 23.03 28.42
C ILE A 737 -0.16 21.81 27.57
N LEU A 738 0.39 22.01 26.38
CA LEU A 738 0.67 20.92 25.47
C LEU A 738 1.72 19.99 26.07
N MET A 739 1.54 18.70 25.85
CA MET A 739 2.39 17.70 26.50
C MET A 739 3.85 17.94 26.16
N ASP A 740 4.16 18.07 24.86
CA ASP A 740 5.54 18.23 24.39
C ASP A 740 5.79 19.65 23.91
N GLY A 741 4.93 20.59 24.25
CA GLY A 741 5.11 21.96 23.79
C GLY A 741 5.08 22.05 22.28
N ASP A 742 5.91 22.95 21.75
CA ASP A 742 5.95 23.13 20.30
C ASP A 742 6.43 21.87 19.59
N LYS A 743 7.16 21.00 20.29
CA LYS A 743 7.54 19.72 19.70
C LYS A 743 6.35 18.78 19.56
N THR A 744 5.20 19.13 20.12
CA THR A 744 4.02 18.30 19.95
C THR A 744 3.64 18.24 18.48
N LEU A 745 3.11 17.10 18.07
CA LEU A 745 2.68 16.89 16.69
C LEU A 745 1.23 17.30 16.54
N VAL A 746 0.97 18.23 15.62
CA VAL A 746 -0.40 18.49 15.22
C VAL A 746 -0.98 17.18 14.70
N GLY A 747 -2.07 16.73 15.31
CA GLY A 747 -2.58 15.41 15.01
C GLY A 747 -2.98 15.26 13.55
N GLU A 748 -3.09 14.01 13.14
CA GLU A 748 -3.46 13.69 11.76
C GLU A 748 -4.68 14.49 11.35
N LYS A 749 -4.53 15.28 10.30
CA LYS A 749 -5.56 16.21 9.85
C LYS A 749 -5.85 17.30 10.87
N GLY A 750 -4.92 17.53 11.80
CA GLY A 750 -5.03 18.66 12.70
C GLY A 750 -6.01 18.50 13.85
N ILE A 751 -6.40 17.28 14.19
CA ILE A 751 -7.43 17.09 15.21
C ILE A 751 -6.97 17.51 16.60
N SER A 752 -5.65 17.61 16.84
CA SER A 752 -5.18 17.80 18.21
C SER A 752 -5.46 19.22 18.71
N LEU A 753 -5.46 20.21 17.82
CA LEU A 753 -5.59 21.60 18.21
C LEU A 753 -7.03 22.09 18.05
N SER A 754 -7.27 23.32 18.49
CA SER A 754 -8.56 23.97 18.38
C SER A 754 -8.39 25.38 17.86
N GLY A 755 -9.50 25.98 17.44
CA GLY A 755 -9.43 27.24 16.70
C GLY A 755 -8.73 28.34 17.46
N GLY A 756 -8.95 28.43 18.77
CA GLY A 756 -8.30 29.46 19.54
C GLY A 756 -6.79 29.37 19.45
N GLN A 757 -6.24 28.16 19.59
CA GLN A 757 -4.81 27.99 19.40
C GLN A 757 -4.42 28.22 17.95
N LYS A 758 -5.26 27.76 17.01
CA LYS A 758 -4.90 27.76 15.60
C LYS A 758 -4.72 29.17 15.06
N ALA A 759 -5.62 30.09 15.41
CA ALA A 759 -5.51 31.44 14.89
C ALA A 759 -4.20 32.09 15.36
N ARG A 760 -3.91 31.97 16.65
CA ARG A 760 -2.66 32.48 17.18
C ARG A 760 -1.47 31.83 16.50
N LEU A 761 -1.54 30.52 16.27
CA LEU A 761 -0.41 29.80 15.69
C LEU A 761 -0.17 30.24 14.25
N SER A 762 -1.24 30.44 13.49
CA SER A 762 -1.11 30.95 12.14
C SER A 762 -0.49 32.35 12.14
N LEU A 763 -0.96 33.22 13.02
CA LEU A 763 -0.38 34.54 13.08
C LEU A 763 1.08 34.46 13.51
N ALA A 764 1.43 33.49 14.33
CA ALA A 764 2.81 33.30 14.72
C ALA A 764 3.66 32.91 13.51
N ARG A 765 3.14 32.00 12.69
CA ARG A 765 3.84 31.68 11.44
C ARG A 765 4.05 32.93 10.61
N ALA A 766 2.99 33.73 10.47
CA ALA A 766 3.10 34.93 9.65
C ALA A 766 4.17 35.86 10.17
N VAL A 767 4.12 36.19 11.47
CA VAL A 767 5.08 37.13 12.02
C VAL A 767 6.49 36.57 11.93
N TYR A 768 6.66 35.29 12.25
CA TYR A 768 8.00 34.72 12.20
C TYR A 768 8.57 34.77 10.80
N ALA A 769 7.72 34.66 9.78
CA ALA A 769 8.21 34.82 8.43
C ALA A 769 8.84 36.19 8.21
N ARG A 770 8.49 37.18 9.03
CA ARG A 770 8.97 38.55 8.85
C ARG A 770 8.75 39.01 7.42
N ALA A 771 7.61 38.64 6.85
CA ALA A 771 7.39 38.91 5.44
C ALA A 771 7.37 40.41 5.18
N ASP A 772 7.84 40.79 4.00
CA ASP A 772 7.92 42.20 3.64
C ASP A 772 6.54 42.85 3.59
N THR A 773 5.49 42.04 3.51
CA THR A 773 4.12 42.50 3.58
C THR A 773 3.34 41.50 4.40
N TYR A 774 2.20 41.93 4.94
CA TYR A 774 1.30 41.02 5.64
C TYR A 774 -0.11 41.23 5.14
N LEU A 775 -0.69 40.17 4.58
CA LEU A 775 -2.09 40.11 4.21
C LEU A 775 -2.79 39.27 5.25
N LEU A 776 -3.68 39.89 6.01
CA LEU A 776 -4.25 39.25 7.19
C LEU A 776 -5.77 39.29 7.08
N ASP A 777 -6.38 38.15 6.81
CA ASP A 777 -7.83 38.02 6.70
C ASP A 777 -8.37 37.58 8.06
N ASP A 778 -8.88 38.52 8.84
CA ASP A 778 -9.42 38.25 10.17
C ASP A 778 -8.43 37.43 11.00
N PRO A 779 -7.18 37.88 11.13
CA PRO A 779 -6.22 37.08 11.90
C PRO A 779 -6.58 36.91 13.35
N LEU A 780 -7.36 37.82 13.92
CA LEU A 780 -7.59 37.85 15.36
C LEU A 780 -9.07 37.83 15.72
N ALA A 781 -9.97 37.67 14.75
CA ALA A 781 -11.39 37.76 15.05
C ALA A 781 -11.90 36.55 15.81
N ALA A 782 -11.35 35.37 15.54
CA ALA A 782 -11.89 34.13 16.08
C ALA A 782 -11.38 33.81 17.49
N VAL A 783 -10.84 34.77 18.21
CA VAL A 783 -10.33 34.55 19.56
C VAL A 783 -10.79 35.69 20.47
N ASP A 784 -10.69 35.45 21.78
CA ASP A 784 -11.21 36.38 22.76
C ASP A 784 -10.56 37.75 22.65
N GLU A 785 -11.23 38.75 23.23
CA GLU A 785 -10.76 40.13 23.13
C GLU A 785 -9.48 40.35 23.91
N HIS A 786 -9.28 39.63 25.02
CA HIS A 786 -8.01 39.75 25.74
C HIS A 786 -6.85 39.32 24.86
N VAL A 787 -7.01 38.17 24.19
CA VAL A 787 -5.98 37.70 23.27
C VAL A 787 -5.82 38.68 22.11
N ALA A 788 -6.93 39.22 21.61
CA ALA A 788 -6.85 40.19 20.52
C ALA A 788 -6.03 41.40 20.95
N ARG A 789 -6.29 41.92 22.14
CA ARG A 789 -5.54 43.07 22.64
C ARG A 789 -4.06 42.73 22.81
N HIS A 790 -3.78 41.52 23.29
CA HIS A 790 -2.38 41.10 23.42
C HIS A 790 -1.68 41.14 22.07
N LEU A 791 -2.29 40.52 21.06
CA LEU A 791 -1.69 40.51 19.73
C LEU A 791 -1.56 41.92 19.18
N ILE A 792 -2.57 42.76 19.40
CA ILE A 792 -2.48 44.14 18.92
C ILE A 792 -1.30 44.85 19.56
N GLU A 793 -1.15 44.72 20.88
CA GLU A 793 -0.14 45.50 21.57
C GLU A 793 1.27 45.00 21.29
N HIS A 794 1.44 43.74 20.88
CA HIS A 794 2.78 43.25 20.60
C HIS A 794 3.13 43.14 19.12
N VAL A 795 2.18 42.85 18.24
CA VAL A 795 2.46 42.57 16.84
C VAL A 795 2.02 43.71 15.94
N LEU A 796 0.77 44.16 16.09
CA LEU A 796 0.19 45.10 15.14
C LEU A 796 0.43 46.55 15.51
N GLY A 797 0.44 46.87 16.81
CA GLY A 797 0.63 48.23 17.26
C GLY A 797 1.93 48.81 16.78
N PRO A 798 2.02 50.14 16.71
CA PRO A 798 3.27 50.75 16.23
C PRO A 798 4.48 50.33 17.03
N ASN A 799 4.31 50.17 18.34
CA ASN A 799 5.38 49.63 19.17
C ASN A 799 5.62 48.16 18.93
N GLY A 800 4.75 47.48 18.17
CA GLY A 800 4.90 46.07 17.96
C GLY A 800 6.16 45.72 17.20
N LEU A 801 6.58 44.46 17.36
CA LEU A 801 7.85 44.02 16.80
C LEU A 801 7.86 44.00 15.27
N LEU A 802 6.70 44.22 14.64
CA LEU A 802 6.59 44.13 13.20
C LEU A 802 6.21 45.47 12.58
N HIS A 803 6.46 46.57 13.29
CA HIS A 803 5.94 47.86 12.86
C HIS A 803 6.42 48.22 11.46
N THR A 804 7.67 47.86 11.12
CA THR A 804 8.22 48.26 9.84
C THR A 804 7.64 47.48 8.68
N LYS A 805 6.87 46.44 8.92
CA LYS A 805 6.28 45.62 7.87
C LYS A 805 4.81 45.95 7.71
N THR A 806 4.38 46.10 6.45
CA THR A 806 3.01 46.49 6.17
C THR A 806 2.03 45.44 6.64
N LYS A 807 0.86 45.90 7.07
CA LYS A 807 -0.27 45.04 7.36
C LYS A 807 -1.47 45.52 6.56
N VAL A 808 -2.19 44.60 5.95
CA VAL A 808 -3.46 44.88 5.31
C VAL A 808 -4.47 43.96 5.99
N LEU A 809 -5.06 44.44 7.08
CA LEU A 809 -5.78 43.57 8.01
C LEU A 809 -7.27 43.80 7.84
N ALA A 810 -7.99 42.73 7.51
CA ALA A 810 -9.43 42.79 7.39
C ALA A 810 -10.08 42.41 8.72
N THR A 811 -10.93 43.28 9.22
CA THR A 811 -11.59 43.06 10.51
C THR A 811 -12.65 44.12 10.68
N ASN A 812 -13.28 44.13 11.86
CA ASN A 812 -14.24 45.16 12.22
C ASN A 812 -14.08 45.64 13.66
N LYS A 813 -13.14 45.08 14.42
CA LYS A 813 -13.03 45.39 15.84
C LYS A 813 -12.37 46.75 16.03
N VAL A 814 -12.99 47.58 16.87
CA VAL A 814 -12.54 48.96 17.02
C VAL A 814 -11.13 49.01 17.60
N SER A 815 -10.81 48.09 18.50
CA SER A 815 -9.48 48.07 19.10
C SER A 815 -8.41 47.99 18.03
N ALA A 816 -8.57 47.04 17.10
CA ALA A 816 -7.64 46.95 15.98
C ALA A 816 -7.69 48.21 15.13
N LEU A 817 -8.90 48.68 14.80
CA LEU A 817 -9.03 49.83 13.92
C LEU A 817 -8.28 51.04 14.46
N SER A 818 -8.16 51.14 15.79
CA SER A 818 -7.48 52.28 16.37
C SER A 818 -6.05 52.41 15.89
N ILE A 819 -5.45 51.32 15.43
CA ILE A 819 -4.06 51.35 14.96
C ILE A 819 -3.94 51.73 13.49
N ALA A 820 -5.04 51.67 12.74
CA ALA A 820 -4.95 51.78 11.29
C ALA A 820 -4.42 53.14 10.86
N ASP A 821 -3.41 53.13 9.99
CA ASP A 821 -2.98 54.34 9.32
C ASP A 821 -3.81 54.65 8.08
N SER A 822 -4.52 53.66 7.55
CA SER A 822 -5.43 53.85 6.45
C SER A 822 -6.52 52.80 6.54
N ILE A 823 -7.73 53.15 6.08
CA ILE A 823 -8.85 52.24 6.16
C ILE A 823 -9.68 52.37 4.89
N ALA A 824 -10.29 51.27 4.48
CA ALA A 824 -11.23 51.26 3.38
C ALA A 824 -12.39 50.34 3.74
N LEU A 825 -13.61 50.80 3.47
CA LEU A 825 -14.81 50.02 3.71
C LEU A 825 -15.41 49.64 2.36
N LEU A 826 -15.69 48.35 2.20
CA LEU A 826 -16.20 47.83 0.94
C LEU A 826 -17.55 47.15 1.17
N ASP A 827 -18.43 47.26 0.17
CA ASP A 827 -19.71 46.57 0.18
C ASP A 827 -19.96 46.01 -1.20
N ASN A 828 -20.49 44.78 -1.23
CA ASN A 828 -20.79 44.07 -2.48
C ASN A 828 -19.68 44.26 -3.51
N GLY A 829 -18.43 44.14 -3.08
CA GLY A 829 -17.31 44.21 -4.00
C GLY A 829 -16.92 45.60 -4.43
N GLU A 830 -17.40 46.64 -3.77
CA GLU A 830 -17.03 48.01 -4.06
C GLU A 830 -16.54 48.69 -2.81
N ILE A 831 -15.37 49.34 -2.89
CA ILE A 831 -14.84 50.13 -1.79
C ILE A 831 -15.68 51.40 -1.68
N THR A 832 -16.49 51.49 -0.64
CA THR A 832 -17.35 52.67 -0.47
C THR A 832 -16.53 53.91 -0.18
N GLN A 833 -15.53 53.79 0.70
CA GLN A 833 -14.72 54.93 1.08
C GLN A 833 -13.36 54.44 1.55
N GLN A 834 -12.34 55.27 1.34
CA GLN A 834 -10.98 54.91 1.70
C GLN A 834 -10.25 56.15 2.18
N GLY A 835 -9.47 56.00 3.25
CA GLY A 835 -8.73 57.11 3.79
C GLY A 835 -8.18 56.76 5.16
N THR A 836 -7.47 57.74 5.73
CA THR A 836 -6.88 57.56 7.05
C THR A 836 -7.94 57.72 8.14
N TYR A 837 -7.54 57.42 9.38
CA TYR A 837 -8.48 57.38 10.48
C TYR A 837 -9.10 58.76 10.72
N ASP A 838 -8.30 59.82 10.59
CA ASP A 838 -8.84 61.16 10.74
C ASP A 838 -9.92 61.45 9.71
N GLU A 839 -9.67 61.07 8.46
CA GLU A 839 -10.68 61.25 7.41
C GLU A 839 -11.93 60.45 7.72
N ILE A 840 -11.76 59.20 8.17
CA ILE A 840 -12.91 58.40 8.57
C ILE A 840 -13.71 59.11 9.65
N THR A 841 -13.01 59.71 10.61
CA THR A 841 -13.69 60.45 11.67
C THR A 841 -14.47 61.63 11.10
N LYS A 842 -13.84 62.39 10.19
CA LYS A 842 -14.49 63.56 9.63
C LYS A 842 -15.61 63.20 8.66
N ASP A 843 -15.61 61.98 8.12
CA ASP A 843 -16.62 61.60 7.14
C ASP A 843 -18.02 61.61 7.75
N ALA A 844 -18.14 61.33 9.04
CA ALA A 844 -19.42 61.29 9.75
C ALA A 844 -20.37 60.23 9.22
N ASP A 845 -19.87 59.27 8.44
CA ASP A 845 -20.71 58.19 7.96
C ASP A 845 -21.12 57.28 9.11
N SER A 846 -22.20 56.54 8.91
CA SER A 846 -22.72 55.65 9.95
C SER A 846 -21.62 54.73 10.46
N PRO A 847 -20.95 53.99 9.58
CA PRO A 847 -19.83 53.17 10.06
C PRO A 847 -18.58 53.98 10.33
N LEU A 848 -18.33 55.04 9.54
CA LEU A 848 -17.17 55.88 9.78
C LEU A 848 -17.24 56.55 11.16
N TRP A 849 -18.42 57.09 11.50
CA TRP A 849 -18.61 57.64 12.83
C TRP A 849 -18.52 56.55 13.89
N LYS A 850 -19.13 55.39 13.63
CA LYS A 850 -19.04 54.30 14.60
C LYS A 850 -17.60 53.82 14.76
N LEU A 851 -16.87 53.71 13.65
CA LEU A 851 -15.48 53.27 13.72
C LEU A 851 -14.56 54.37 14.25
N LEU A 852 -14.93 55.63 14.06
CA LEU A 852 -14.12 56.75 14.53
C LEU A 852 -14.99 57.90 15.00
N ARG A 926 8.42 -0.92 16.82
CA ARG A 926 7.38 -1.91 17.07
C ARG A 926 7.99 -3.23 17.54
N GLU A 927 9.11 -3.60 16.93
CA GLU A 927 9.81 -4.83 17.29
C GLU A 927 11.30 -4.63 17.05
N HIS A 928 12.12 -5.31 17.84
CA HIS A 928 13.55 -5.19 17.66
C HIS A 928 13.95 -5.73 16.29
N ARG A 929 14.96 -5.08 15.70
CA ARG A 929 15.29 -5.33 14.31
C ARG A 929 16.03 -6.63 14.08
N GLU A 930 16.21 -7.45 15.11
CA GLU A 930 16.68 -8.82 14.91
C GLU A 930 15.53 -9.68 14.43
N GLN A 931 15.77 -10.46 13.37
CA GLN A 931 14.70 -11.19 12.68
C GLN A 931 14.42 -12.49 13.43
N GLY A 932 13.56 -12.39 14.44
CA GLY A 932 13.11 -13.58 15.14
C GLY A 932 12.29 -14.49 14.24
N LYS A 933 12.39 -15.79 14.49
CA LYS A 933 11.76 -16.77 13.62
C LYS A 933 10.25 -16.56 13.56
N VAL A 934 9.62 -17.31 12.68
CA VAL A 934 8.17 -17.21 12.47
C VAL A 934 7.44 -17.73 13.70
N LYS A 935 6.22 -17.24 13.90
CA LYS A 935 5.41 -17.59 15.07
C LYS A 935 4.54 -18.80 14.73
N TRP A 936 5.13 -19.98 14.84
CA TRP A 936 4.38 -21.21 14.56
C TRP A 936 3.18 -21.33 15.48
N ASN A 937 3.31 -20.87 16.72
CA ASN A 937 2.20 -20.98 17.65
C ASN A 937 0.94 -20.35 17.09
N ILE A 938 1.08 -19.28 16.30
CA ILE A 938 -0.10 -18.65 15.71
C ILE A 938 -0.71 -19.55 14.64
N TYR A 939 0.11 -20.27 13.89
CA TYR A 939 -0.45 -21.23 12.95
C TYR A 939 -1.22 -22.31 13.70
N LEU A 940 -0.69 -22.77 14.82
CA LEU A 940 -1.44 -23.74 15.62
C LEU A 940 -2.74 -23.14 16.12
N GLU A 941 -2.72 -21.89 16.56
CA GLU A 941 -3.95 -21.23 17.00
C GLU A 941 -4.97 -21.20 15.87
N TYR A 942 -4.54 -20.86 14.66
CA TYR A 942 -5.48 -20.84 13.55
C TYR A 942 -6.01 -22.23 13.24
N ALA A 943 -5.14 -23.23 13.24
CA ALA A 943 -5.59 -24.60 13.00
C ALA A 943 -6.53 -25.07 14.09
N LYS A 944 -6.47 -24.46 15.27
CA LYS A 944 -7.45 -24.75 16.31
C LYS A 944 -8.74 -23.97 16.11
N ALA A 945 -8.66 -22.79 15.50
CA ALA A 945 -9.87 -22.04 15.20
C ALA A 945 -10.64 -22.68 14.07
N CYS A 946 -9.96 -23.09 13.01
CA CYS A 946 -10.53 -24.07 12.10
C CYS A 946 -10.57 -25.40 12.81
N ASN A 947 -11.58 -26.19 12.53
CA ASN A 947 -11.65 -27.47 13.20
C ASN A 947 -10.41 -28.26 12.80
N PRO A 948 -9.60 -28.73 13.76
CA PRO A 948 -8.33 -29.36 13.38
C PRO A 948 -8.50 -30.62 12.58
N LYS A 949 -9.69 -31.21 12.56
CA LYS A 949 -9.98 -32.30 11.65
C LYS A 949 -10.53 -31.82 10.32
N SER A 950 -11.28 -30.72 10.32
CA SER A 950 -11.73 -30.16 9.05
C SER A 950 -10.55 -29.74 8.20
N VAL A 951 -9.51 -29.18 8.82
CA VAL A 951 -8.34 -28.80 8.04
C VAL A 951 -7.68 -30.04 7.44
N CYS A 952 -7.63 -31.14 8.18
CA CYS A 952 -7.06 -32.36 7.62
C CYS A 952 -7.93 -32.92 6.50
N VAL A 953 -9.25 -32.76 6.59
CA VAL A 953 -10.11 -33.15 5.47
C VAL A 953 -9.79 -32.28 4.25
N PHE A 954 -9.61 -30.99 4.46
CA PHE A 954 -9.14 -30.11 3.40
C PHE A 954 -7.89 -30.64 2.73
N ILE A 955 -6.86 -30.96 3.52
CA ILE A 955 -5.62 -31.42 2.90
C ILE A 955 -5.83 -32.77 2.24
N LEU A 956 -6.67 -33.62 2.82
CA LEU A 956 -6.94 -34.92 2.19
C LEU A 956 -7.57 -34.74 0.82
N PHE A 957 -8.50 -33.80 0.69
CA PHE A 957 -9.14 -33.62 -0.60
C PHE A 957 -8.23 -32.91 -1.58
N ILE A 958 -7.32 -32.06 -1.12
CA ILE A 958 -6.29 -31.56 -2.03
C ILE A 958 -5.44 -32.72 -2.54
N VAL A 959 -5.04 -33.62 -1.65
CA VAL A 959 -4.22 -34.75 -2.07
C VAL A 959 -4.97 -35.62 -3.04
N ILE A 960 -6.26 -35.86 -2.79
CA ILE A 960 -7.04 -36.66 -3.72
C ILE A 960 -7.15 -35.96 -5.07
N SER A 961 -7.36 -34.64 -5.08
CA SER A 961 -7.46 -33.93 -6.34
C SER A 961 -6.19 -34.07 -7.15
N MET A 962 -5.05 -33.78 -6.54
CA MET A 962 -3.81 -33.86 -7.29
C MET A 962 -3.47 -35.29 -7.65
N PHE A 963 -3.76 -36.24 -6.76
CA PHE A 963 -3.52 -37.64 -7.09
C PHE A 963 -4.35 -38.06 -8.29
N LEU A 964 -5.60 -37.63 -8.35
CA LEU A 964 -6.42 -38.02 -9.49
C LEU A 964 -5.99 -37.29 -10.75
N SER A 965 -5.41 -36.10 -10.63
CA SER A 965 -4.86 -35.49 -11.83
C SER A 965 -3.63 -36.25 -12.32
N VAL A 966 -2.76 -36.64 -11.39
CA VAL A 966 -1.60 -37.45 -11.77
C VAL A 966 -2.03 -38.76 -12.39
N MET A 967 -3.06 -39.38 -11.84
CA MET A 967 -3.54 -40.62 -12.42
C MET A 967 -4.29 -40.38 -13.72
N GLY A 968 -4.88 -39.20 -13.90
CA GLY A 968 -5.39 -38.86 -15.21
C GLY A 968 -4.29 -38.86 -16.24
N ASN A 969 -3.16 -38.23 -15.90
CA ASN A 969 -2.05 -38.21 -16.85
C ASN A 969 -1.40 -39.60 -17.00
N VAL A 970 -1.38 -40.40 -15.94
CA VAL A 970 -0.81 -41.74 -16.07
C VAL A 970 -1.71 -42.61 -16.94
N TRP A 971 -3.02 -42.46 -16.80
CA TRP A 971 -3.92 -43.15 -17.72
C TRP A 971 -3.77 -42.62 -19.13
N LEU A 972 -3.53 -41.34 -19.29
CA LEU A 972 -3.29 -40.83 -20.63
C LEU A 972 -2.02 -41.41 -21.20
N LYS A 973 -1.00 -41.59 -20.37
CA LYS A 973 0.24 -42.23 -20.80
C LYS A 973 -0.01 -43.67 -21.23
N HIS A 974 -0.77 -44.41 -20.42
CA HIS A 974 -1.11 -45.79 -20.78
C HIS A 974 -1.91 -45.84 -22.07
N TRP A 975 -2.88 -44.95 -22.21
CA TRP A 975 -3.69 -44.89 -23.42
C TRP A 975 -2.84 -44.59 -24.63
N SER A 976 -1.89 -43.66 -24.51
CA SER A 976 -1.07 -43.31 -25.66
C SER A 976 -0.05 -44.39 -25.97
N GLU A 977 0.46 -45.09 -24.96
CA GLU A 977 1.32 -46.23 -25.24
C GLU A 977 0.54 -47.31 -25.96
N VAL A 978 -0.71 -47.55 -25.58
CA VAL A 978 -1.52 -48.52 -26.30
C VAL A 978 -1.76 -48.06 -27.73
N ASN A 979 -2.08 -46.78 -27.92
CA ASN A 979 -2.35 -46.29 -29.25
C ASN A 979 -1.10 -46.24 -30.12
N SER A 980 0.09 -46.21 -29.52
CA SER A 980 1.31 -46.29 -30.30
C SER A 980 1.70 -47.73 -30.59
N ARG A 981 1.45 -48.63 -29.64
CA ARG A 981 1.66 -50.05 -29.89
C ARG A 981 0.78 -50.51 -31.04
N TYR A 982 -0.51 -50.23 -30.96
CA TYR A 982 -1.39 -50.44 -32.09
C TYR A 982 -1.20 -49.32 -33.09
N GLY A 983 -1.63 -49.56 -34.31
CA GLY A 983 -1.62 -48.51 -35.30
C GLY A 983 -2.82 -47.60 -35.25
N SER A 984 -3.79 -47.88 -34.39
CA SER A 984 -5.03 -47.11 -34.35
C SER A 984 -5.65 -47.27 -32.99
N ASN A 985 -6.64 -46.44 -32.72
CA ASN A 985 -7.24 -46.33 -31.39
C ASN A 985 -8.07 -47.57 -31.09
N PRO A 986 -7.59 -48.51 -30.28
CA PRO A 986 -8.32 -49.78 -30.15
C PRO A 986 -9.64 -49.69 -29.40
N ASN A 987 -9.64 -49.19 -28.17
CA ASN A 987 -10.88 -49.02 -27.40
C ASN A 987 -10.98 -47.56 -26.98
N ALA A 988 -11.46 -46.74 -27.92
CA ALA A 988 -11.66 -45.33 -27.62
C ALA A 988 -12.60 -45.14 -26.46
N ALA A 989 -13.74 -45.84 -26.48
CA ALA A 989 -14.74 -45.65 -25.44
C ALA A 989 -14.16 -45.97 -24.08
N ARG A 990 -13.52 -47.13 -23.93
CA ARG A 990 -12.98 -47.51 -22.63
C ARG A 990 -11.95 -46.51 -22.15
N TYR A 991 -10.91 -46.28 -22.96
CA TYR A 991 -9.82 -45.44 -22.48
C TYR A 991 -10.31 -44.03 -22.19
N LEU A 992 -11.09 -43.46 -23.11
CA LEU A 992 -11.59 -42.11 -22.92
C LEU A 992 -12.50 -42.00 -21.72
N ALA A 993 -13.39 -42.98 -21.51
CA ALA A 993 -14.29 -42.93 -20.38
C ALA A 993 -13.51 -42.97 -19.08
N ILE A 994 -12.47 -43.82 -19.01
CA ILE A 994 -11.69 -43.84 -17.78
C ILE A 994 -10.96 -42.52 -17.59
N TYR A 995 -10.44 -41.94 -18.66
CA TYR A 995 -9.77 -40.65 -18.55
C TYR A 995 -10.72 -39.57 -18.05
N PHE A 996 -11.94 -39.53 -18.60
CA PHE A 996 -12.93 -38.58 -18.14
C PHE A 996 -13.32 -38.83 -16.69
N ALA A 997 -13.42 -40.09 -16.30
CA ALA A 997 -13.74 -40.40 -14.91
C ALA A 997 -12.67 -39.86 -13.99
N LEU A 998 -11.40 -40.05 -14.35
CA LEU A 998 -10.33 -39.54 -13.49
C LEU A 998 -10.33 -38.02 -13.45
N GLY A 999 -10.56 -37.37 -14.59
CA GLY A 999 -10.59 -35.92 -14.57
C GLY A 999 -11.71 -35.36 -13.72
N ILE A 1000 -12.92 -35.90 -13.89
CA ILE A 1000 -14.03 -35.43 -13.07
C ILE A 1000 -13.82 -35.81 -11.62
N GLY A 1001 -13.12 -36.91 -11.35
CA GLY A 1001 -12.74 -37.19 -9.98
C GLY A 1001 -11.88 -36.08 -9.41
N SER A 1002 -10.88 -35.63 -10.17
CA SER A 1002 -10.06 -34.53 -9.70
C SER A 1002 -10.89 -33.29 -9.48
N ALA A 1003 -11.79 -32.99 -10.41
CA ALA A 1003 -12.59 -31.77 -10.31
C ALA A 1003 -13.48 -31.81 -9.07
N LEU A 1004 -14.15 -32.94 -8.83
CA LEU A 1004 -14.96 -33.05 -7.63
C LEU A 1004 -14.11 -32.97 -6.38
N ALA A 1005 -12.90 -33.53 -6.42
CA ALA A 1005 -12.03 -33.42 -5.28
C ALA A 1005 -11.71 -31.96 -4.99
N THR A 1006 -11.48 -31.17 -6.02
CA THR A 1006 -11.22 -29.75 -5.79
C THR A 1006 -12.46 -29.02 -5.29
N LEU A 1007 -13.63 -29.38 -5.80
CA LEU A 1007 -14.85 -28.74 -5.31
C LEU A 1007 -15.03 -29.02 -3.83
N ILE A 1008 -14.84 -30.27 -3.43
CA ILE A 1008 -14.94 -30.60 -2.02
C ILE A 1008 -13.86 -29.88 -1.22
N GLN A 1009 -12.65 -29.80 -1.76
CA GLN A 1009 -11.60 -29.03 -1.14
C GLN A 1009 -12.12 -27.66 -0.75
N THR A 1010 -12.59 -26.90 -1.73
CA THR A 1010 -12.98 -25.53 -1.48
C THR A 1010 -14.21 -25.43 -0.60
N ILE A 1011 -15.18 -26.33 -0.75
CA ILE A 1011 -16.34 -26.29 0.13
C ILE A 1011 -15.93 -26.55 1.56
N VAL A 1012 -15.12 -27.59 1.80
CA VAL A 1012 -14.68 -27.85 3.16
C VAL A 1012 -13.93 -26.66 3.71
N LEU A 1013 -13.05 -26.07 2.91
CA LEU A 1013 -12.32 -24.89 3.36
C LEU A 1013 -13.29 -23.82 3.83
N TRP A 1014 -14.11 -23.32 2.91
CA TRP A 1014 -14.89 -22.13 3.23
C TRP A 1014 -15.96 -22.41 4.26
N VAL A 1015 -16.66 -23.52 4.15
CA VAL A 1015 -17.75 -23.82 5.09
C VAL A 1015 -17.19 -24.30 6.42
N PHE A 1016 -16.46 -25.41 6.42
CA PHE A 1016 -16.05 -25.97 7.71
C PHE A 1016 -14.86 -25.22 8.29
N CYS A 1017 -13.79 -25.03 7.52
CA CYS A 1017 -12.54 -24.58 8.13
C CYS A 1017 -12.51 -23.07 8.33
N THR A 1018 -12.55 -22.30 7.25
CA THR A 1018 -12.26 -20.87 7.37
C THR A 1018 -13.39 -20.10 8.03
N ILE A 1019 -14.64 -20.40 7.68
CA ILE A 1019 -15.74 -19.69 8.31
C ILE A 1019 -15.87 -20.07 9.77
N HIS A 1020 -15.65 -21.35 10.10
CA HIS A 1020 -15.64 -21.73 11.51
C HIS A 1020 -14.60 -20.92 12.28
N ALA A 1021 -13.40 -20.81 11.74
CA ALA A 1021 -12.34 -20.07 12.42
C ALA A 1021 -12.68 -18.59 12.52
N SER A 1022 -13.24 -18.01 11.46
CA SER A 1022 -13.61 -16.60 11.51
C SER A 1022 -14.65 -16.35 12.59
N LYS A 1023 -15.70 -17.17 12.61
CA LYS A 1023 -16.73 -17.02 13.62
C LYS A 1023 -16.14 -17.18 15.01
N TYR A 1024 -15.35 -18.24 15.22
CA TYR A 1024 -14.78 -18.49 16.53
C TYR A 1024 -13.88 -17.35 16.98
N LEU A 1025 -13.01 -16.87 16.09
CA LEU A 1025 -12.11 -15.79 16.48
C LEU A 1025 -12.85 -14.51 16.78
N HIS A 1026 -13.86 -14.16 15.99
CA HIS A 1026 -14.60 -12.94 16.29
C HIS A 1026 -15.35 -13.07 17.61
N ASN A 1027 -16.01 -14.20 17.85
CA ASN A 1027 -16.72 -14.37 19.10
C ASN A 1027 -15.76 -14.28 20.27
N LEU A 1028 -14.59 -14.90 20.14
CA LEU A 1028 -13.58 -14.83 21.19
C LEU A 1028 -13.12 -13.39 21.42
N MET A 1029 -12.81 -12.68 20.34
CA MET A 1029 -12.30 -11.32 20.47
C MET A 1029 -13.33 -10.40 21.11
N THR A 1030 -14.59 -10.49 20.69
CA THR A 1030 -15.60 -9.64 21.30
C THR A 1030 -15.88 -10.07 22.74
N ASN A 1031 -15.82 -11.38 23.00
CA ASN A 1031 -16.00 -11.86 24.35
C ASN A 1031 -14.94 -11.29 25.28
N SER A 1032 -13.74 -11.06 24.74
CA SER A 1032 -12.66 -10.53 25.56
C SER A 1032 -12.69 -9.01 25.65
N VAL A 1033 -12.62 -8.31 24.50
CA VAL A 1033 -12.49 -6.86 24.51
C VAL A 1033 -13.60 -6.21 25.33
N LEU A 1034 -14.85 -6.44 24.95
CA LEU A 1034 -15.96 -5.86 25.71
C LEU A 1034 -15.87 -6.27 27.17
N ARG A 1035 -15.33 -7.44 27.44
CA ARG A 1035 -15.16 -7.97 28.78
C ARG A 1035 -13.90 -7.47 29.46
N ALA A 1036 -13.07 -6.70 28.75
CA ALA A 1036 -11.82 -6.20 29.32
C ALA A 1036 -12.08 -5.03 30.25
N PRO A 1037 -11.16 -4.75 31.16
CA PRO A 1037 -11.35 -3.63 32.08
C PRO A 1037 -11.08 -2.29 31.42
N MET A 1038 -11.57 -1.23 32.07
CA MET A 1038 -11.41 0.12 31.55
C MET A 1038 -9.94 0.50 31.36
N THR A 1039 -9.04 -0.16 32.08
CA THR A 1039 -7.62 0.13 31.90
C THR A 1039 -7.19 -0.13 30.46
N PHE A 1040 -7.68 -1.22 29.87
CA PHE A 1040 -7.32 -1.53 28.50
C PHE A 1040 -7.67 -0.38 27.57
N PHE A 1041 -8.92 0.12 27.67
CA PHE A 1041 -9.35 1.17 26.76
C PHE A 1041 -8.66 2.49 27.05
N GLU A 1042 -8.37 2.78 28.32
CA GLU A 1042 -7.64 4.00 28.63
C GLU A 1042 -6.24 3.96 28.06
N THR A 1043 -5.57 2.81 28.15
CA THR A 1043 -4.19 2.72 27.70
C THR A 1043 -4.08 2.62 26.18
N THR A 1044 -5.04 1.96 25.52
CA THR A 1044 -4.85 1.66 24.11
C THR A 1044 -5.60 2.64 23.22
N PRO A 1045 -5.05 3.01 22.07
CA PRO A 1045 -5.79 3.86 21.15
C PRO A 1045 -7.05 3.16 20.62
N ILE A 1046 -8.16 3.90 20.67
CA ILE A 1046 -9.39 3.39 20.09
C ILE A 1046 -9.20 3.13 18.60
N GLY A 1047 -8.32 3.91 17.96
CA GLY A 1047 -8.08 3.69 16.55
C GLY A 1047 -7.55 2.30 16.28
N ARG A 1048 -6.54 1.88 17.04
CA ARG A 1048 -5.99 0.54 16.83
C ARG A 1048 -6.98 -0.53 17.25
N ILE A 1049 -7.68 -0.33 18.36
CA ILE A 1049 -8.64 -1.34 18.77
C ILE A 1049 -9.70 -1.52 17.70
N LEU A 1050 -10.11 -0.43 17.05
CA LEU A 1050 -11.08 -0.52 15.97
C LEU A 1050 -10.47 -1.12 14.71
N ASN A 1051 -9.17 -0.91 14.48
CA ASN A 1051 -8.53 -1.54 13.34
C ASN A 1051 -8.58 -3.06 13.48
N ARG A 1052 -8.29 -3.58 14.67
CA ARG A 1052 -8.36 -5.03 14.85
C ARG A 1052 -9.70 -5.58 14.41
N PHE A 1053 -10.78 -4.83 14.60
CA PHE A 1053 -12.09 -5.33 14.22
C PHE A 1053 -12.44 -5.06 12.76
N SER A 1054 -12.00 -3.94 12.19
CA SER A 1054 -12.38 -3.62 10.81
C SER A 1054 -11.36 -4.19 9.82
N ASN A 1055 -10.13 -3.69 9.90
CA ASN A 1055 -9.11 -4.13 8.94
C ASN A 1055 -8.72 -5.57 9.18
N ASP A 1056 -8.47 -5.92 10.43
CA ASP A 1056 -7.76 -7.16 10.73
C ASP A 1056 -8.66 -8.38 10.56
N ILE A 1057 -9.71 -8.49 11.37
CA ILE A 1057 -10.50 -9.70 11.34
C ILE A 1057 -11.18 -9.89 10.00
N TYR A 1058 -11.29 -8.83 9.20
CA TYR A 1058 -11.74 -8.98 7.83
C TYR A 1058 -10.80 -9.87 7.03
N LYS A 1059 -9.49 -9.67 7.21
CA LYS A 1059 -8.53 -10.46 6.45
C LYS A 1059 -8.63 -11.93 6.83
N VAL A 1060 -8.68 -12.21 8.13
CA VAL A 1060 -8.87 -13.60 8.57
C VAL A 1060 -10.20 -14.14 8.04
N ASP A 1061 -11.20 -13.28 7.88
CA ASP A 1061 -12.47 -13.74 7.32
C ASP A 1061 -12.30 -14.17 5.88
N ALA A 1062 -11.71 -13.32 5.05
CA ALA A 1062 -11.85 -13.41 3.60
C ALA A 1062 -10.62 -13.94 2.88
N LEU A 1063 -9.43 -13.50 3.27
CA LEU A 1063 -8.24 -13.66 2.45
C LEU A 1063 -7.28 -14.71 2.96
N LEU A 1064 -7.19 -14.91 4.26
CA LEU A 1064 -6.26 -15.90 4.81
C LEU A 1064 -6.65 -17.30 4.37
N GLY A 1065 -7.94 -17.60 4.36
CA GLY A 1065 -8.38 -18.92 3.92
C GLY A 1065 -7.95 -19.22 2.50
N ARG A 1066 -8.17 -18.27 1.59
CA ARG A 1066 -7.77 -18.52 0.21
C ARG A 1066 -6.26 -18.59 0.09
N THR A 1067 -5.53 -17.80 0.87
CA THR A 1067 -4.07 -17.86 0.79
C THR A 1067 -3.57 -19.23 1.22
N PHE A 1068 -4.08 -19.76 2.33
CA PHE A 1068 -3.72 -21.11 2.73
C PHE A 1068 -4.11 -22.13 1.67
N SER A 1069 -5.28 -21.95 1.05
CA SER A 1069 -5.71 -22.92 0.06
C SER A 1069 -4.78 -22.92 -1.15
N GLN A 1070 -4.42 -21.73 -1.64
CA GLN A 1070 -3.49 -21.68 -2.76
C GLN A 1070 -2.15 -22.27 -2.37
N PHE A 1071 -1.65 -21.96 -1.17
CA PHE A 1071 -0.38 -22.51 -0.75
C PHE A 1071 -0.41 -24.02 -0.74
N PHE A 1072 -1.43 -24.62 -0.11
CA PHE A 1072 -1.45 -26.07 -0.03
C PHE A 1072 -1.71 -26.71 -1.37
N VAL A 1073 -2.58 -26.13 -2.19
CA VAL A 1073 -2.79 -26.69 -3.52
C VAL A 1073 -1.47 -26.76 -4.26
N ASN A 1074 -0.68 -25.68 -4.21
CA ASN A 1074 0.56 -25.67 -4.98
C ASN A 1074 1.64 -26.51 -4.32
N ALA A 1075 1.68 -26.55 -2.99
CA ALA A 1075 2.66 -27.41 -2.33
C ALA A 1075 2.40 -28.87 -2.66
N VAL A 1076 1.14 -29.30 -2.59
CA VAL A 1076 0.82 -30.67 -2.97
C VAL A 1076 1.09 -30.89 -4.46
N LYS A 1077 0.77 -29.90 -5.29
CA LYS A 1077 1.03 -30.04 -6.71
C LYS A 1077 2.50 -30.30 -6.96
N VAL A 1078 3.38 -29.54 -6.30
CA VAL A 1078 4.82 -29.72 -6.51
C VAL A 1078 5.29 -31.03 -5.90
N THR A 1079 4.74 -31.43 -4.77
CA THR A 1079 5.12 -32.71 -4.20
C THR A 1079 4.82 -33.84 -5.19
N PHE A 1080 3.65 -33.81 -5.80
CA PHE A 1080 3.31 -34.86 -6.75
C PHE A 1080 4.09 -34.73 -8.05
N THR A 1081 4.41 -33.51 -8.48
CA THR A 1081 5.24 -33.37 -9.66
C THR A 1081 6.62 -33.98 -9.43
N ILE A 1082 7.23 -33.69 -8.28
CA ILE A 1082 8.51 -34.30 -7.95
C ILE A 1082 8.36 -35.80 -7.87
N THR A 1083 7.26 -36.28 -7.30
CA THR A 1083 7.09 -37.72 -7.19
C THR A 1083 7.02 -38.37 -8.56
N VAL A 1084 6.28 -37.76 -9.50
CA VAL A 1084 6.17 -38.34 -10.83
C VAL A 1084 7.51 -38.36 -11.53
N ILE A 1085 8.26 -37.25 -11.45
CA ILE A 1085 9.55 -37.20 -12.11
C ILE A 1085 10.48 -38.24 -11.51
N CYS A 1086 10.49 -38.39 -10.19
CA CYS A 1086 11.34 -39.39 -9.56
C CYS A 1086 10.93 -40.80 -9.97
N ALA A 1087 9.62 -41.08 -10.00
CA ALA A 1087 9.18 -42.40 -10.43
C ALA A 1087 9.66 -42.69 -11.84
N THR A 1088 9.69 -41.68 -12.70
CA THR A 1088 10.23 -41.88 -14.03
C THR A 1088 11.74 -42.07 -14.01
N THR A 1089 12.45 -41.40 -13.09
CA THR A 1089 13.91 -41.52 -13.00
C THR A 1089 14.29 -41.44 -11.53
N TRP A 1090 14.49 -42.60 -10.89
CA TRP A 1090 14.67 -42.62 -9.44
C TRP A 1090 15.86 -41.77 -9.02
N GLN A 1091 16.92 -41.74 -9.82
CA GLN A 1091 18.10 -40.94 -9.48
C GLN A 1091 17.91 -39.46 -9.74
N PHE A 1092 16.68 -39.00 -9.91
CA PHE A 1092 16.38 -37.57 -9.86
C PHE A 1092 16.45 -37.03 -8.44
N ILE A 1093 16.35 -37.89 -7.43
CA ILE A 1093 16.37 -37.42 -6.05
C ILE A 1093 17.64 -36.63 -5.80
N PHE A 1094 18.76 -37.11 -6.33
CA PHE A 1094 20.04 -36.45 -6.10
C PHE A 1094 20.09 -35.08 -6.75
N ILE A 1095 19.21 -34.79 -7.69
CA ILE A 1095 19.07 -33.43 -8.20
C ILE A 1095 18.12 -32.62 -7.33
N ILE A 1096 16.96 -33.19 -7.00
CA ILE A 1096 15.96 -32.38 -6.32
C ILE A 1096 16.45 -31.95 -4.95
N ILE A 1097 17.29 -32.76 -4.31
CA ILE A 1097 17.73 -32.40 -2.96
C ILE A 1097 18.54 -31.11 -3.00
N PRO A 1098 19.61 -31.01 -3.80
CA PRO A 1098 20.30 -29.72 -3.90
C PRO A 1098 19.38 -28.59 -4.33
N LEU A 1099 18.50 -28.85 -5.30
CA LEU A 1099 17.57 -27.82 -5.71
C LEU A 1099 16.60 -27.49 -4.61
N SER A 1100 16.21 -28.47 -3.80
CA SER A 1100 15.34 -28.16 -2.68
C SER A 1100 16.04 -27.23 -1.69
N VAL A 1101 17.32 -27.49 -1.42
CA VAL A 1101 18.06 -26.61 -0.52
C VAL A 1101 18.11 -25.20 -1.08
N PHE A 1102 18.46 -25.08 -2.36
CA PHE A 1102 18.50 -23.75 -2.97
C PHE A 1102 17.13 -23.08 -2.93
N TYR A 1103 16.08 -23.84 -3.18
CA TYR A 1103 14.74 -23.26 -3.20
C TYR A 1103 14.34 -22.76 -1.82
N ILE A 1104 14.61 -23.53 -0.78
CA ILE A 1104 14.32 -23.05 0.58
C ILE A 1104 15.14 -21.81 0.86
N TYR A 1105 16.42 -21.83 0.48
CA TYR A 1105 17.29 -20.68 0.70
C TYR A 1105 16.70 -19.41 0.10
N TYR A 1106 16.36 -19.46 -1.19
CA TYR A 1106 15.83 -18.27 -1.84
C TYR A 1106 14.45 -17.91 -1.32
N GLN A 1107 13.58 -18.88 -1.05
CA GLN A 1107 12.25 -18.47 -0.65
C GLN A 1107 12.29 -17.86 0.74
N GLN A 1108 13.27 -18.28 1.56
CA GLN A 1108 13.42 -17.69 2.89
C GLN A 1108 13.96 -16.27 2.82
N TYR A 1109 15.03 -16.06 2.05
CA TYR A 1109 15.50 -14.70 1.85
C TYR A 1109 14.36 -13.81 1.37
N TYR A 1110 13.61 -14.28 0.40
CA TYR A 1110 12.52 -13.47 -0.13
C TYR A 1110 11.41 -13.31 0.88
N LEU A 1111 11.11 -14.36 1.65
CA LEU A 1111 10.04 -14.29 2.63
C LEU A 1111 10.29 -13.17 3.62
N ARG A 1112 11.52 -13.05 4.10
CA ARG A 1112 11.80 -11.96 5.02
C ARG A 1112 11.85 -10.62 4.31
N THR A 1113 12.66 -10.52 3.24
CA THR A 1113 12.93 -9.20 2.68
C THR A 1113 11.71 -8.63 1.95
N SER A 1114 10.95 -9.45 1.24
CA SER A 1114 9.79 -8.94 0.56
C SER A 1114 8.71 -8.52 1.54
N ARG A 1115 8.59 -9.23 2.65
CA ARG A 1115 7.67 -8.78 3.70
C ARG A 1115 8.08 -7.41 4.22
N GLU A 1116 9.38 -7.25 4.53
CA GLU A 1116 9.84 -5.96 5.03
C GLU A 1116 9.64 -4.86 4.01
N LEU A 1117 10.02 -5.10 2.75
CA LEU A 1117 9.92 -4.05 1.75
C LEU A 1117 8.47 -3.74 1.41
N ARG A 1118 7.59 -4.72 1.44
CA ARG A 1118 6.17 -4.44 1.23
C ARG A 1118 5.63 -3.59 2.38
N ARG A 1119 5.98 -3.92 3.62
CA ARG A 1119 5.55 -3.09 4.74
C ARG A 1119 6.08 -1.68 4.61
N LEU A 1120 7.33 -1.55 4.18
CA LEU A 1120 7.97 -0.24 4.14
C LEU A 1120 7.42 0.60 2.99
N ASP A 1121 7.12 -0.03 1.85
CA ASP A 1121 6.40 0.67 0.80
C ASP A 1121 5.02 1.10 1.25
N SER A 1122 4.30 0.25 1.97
CA SER A 1122 3.00 0.66 2.47
C SER A 1122 3.13 1.87 3.38
N ILE A 1123 4.14 1.87 4.24
CA ILE A 1123 4.36 2.99 5.15
C ILE A 1123 4.66 4.26 4.37
N THR A 1124 5.51 4.16 3.35
CA THR A 1124 5.92 5.36 2.64
C THR A 1124 4.89 5.82 1.62
N ARG A 1125 3.90 5.00 1.28
CA ARG A 1125 2.93 5.37 0.26
C ARG A 1125 2.01 6.48 0.77
N SER A 1126 1.34 6.25 1.89
CA SER A 1126 0.32 7.18 2.35
C SER A 1126 0.80 8.62 2.46
N PRO A 1127 1.97 8.91 3.01
CA PRO A 1127 2.38 10.31 3.15
C PRO A 1127 2.25 11.12 1.89
N ILE A 1128 2.31 10.52 0.71
CA ILE A 1128 2.14 11.28 -0.52
C ILE A 1128 0.72 11.85 -0.57
N TYR A 1129 -0.27 10.99 -0.37
CA TYR A 1129 -1.66 11.43 -0.49
C TYR A 1129 -2.05 12.34 0.67
N SER A 1130 -1.61 12.02 1.88
CA SER A 1130 -1.91 12.88 3.02
C SER A 1130 -1.31 14.26 2.80
N HIS A 1131 -0.06 14.31 2.33
CA HIS A 1131 0.52 15.60 2.01
C HIS A 1131 -0.28 16.32 0.95
N PHE A 1132 -0.73 15.60 -0.08
CA PHE A 1132 -1.46 16.29 -1.13
C PHE A 1132 -2.76 16.87 -0.60
N GLN A 1133 -3.47 16.12 0.24
CA GLN A 1133 -4.74 16.64 0.73
C GLN A 1133 -4.52 17.83 1.64
N GLU A 1134 -3.48 17.80 2.48
CA GLU A 1134 -3.28 18.99 3.31
C GLU A 1134 -2.91 20.18 2.44
N THR A 1135 -2.09 19.97 1.42
CA THR A 1135 -1.73 21.07 0.54
C THR A 1135 -2.95 21.63 -0.16
N LEU A 1136 -3.87 20.76 -0.58
CA LEU A 1136 -5.12 21.24 -1.15
C LEU A 1136 -5.88 22.08 -0.15
N GLY A 1137 -5.96 21.62 1.10
CA GLY A 1137 -6.66 22.40 2.10
C GLY A 1137 -6.05 23.77 2.30
N GLY A 1138 -4.72 23.84 2.37
CA GLY A 1138 -4.03 25.08 2.61
C GLY A 1138 -3.49 25.70 1.35
N LEU A 1139 -4.07 25.35 0.21
CA LEU A 1139 -3.53 25.80 -1.06
C LEU A 1139 -3.38 27.31 -1.11
N ALA A 1140 -4.23 28.04 -0.38
CA ALA A 1140 -4.16 29.50 -0.43
C ALA A 1140 -2.91 30.03 0.26
N THR A 1141 -2.62 29.53 1.47
CA THR A 1141 -1.45 30.02 2.19
C THR A 1141 -0.16 29.66 1.47
N VAL A 1142 -0.10 28.45 0.89
CA VAL A 1142 1.12 28.00 0.24
C VAL A 1142 1.54 28.99 -0.83
N ARG A 1143 0.62 29.36 -1.72
CA ARG A 1143 0.95 30.43 -2.64
C ARG A 1143 1.08 31.76 -1.90
N GLY A 1144 0.41 31.90 -0.78
CA GLY A 1144 0.52 33.10 0.00
C GLY A 1144 1.97 33.46 0.24
N TYR A 1145 2.67 32.63 0.98
CA TYR A 1145 4.06 32.90 1.31
C TYR A 1145 4.96 32.83 0.09
N SER A 1146 4.46 32.35 -1.04
CA SER A 1146 5.28 32.06 -2.21
C SER A 1146 6.18 30.86 -1.94
N GLN A 1147 5.63 29.87 -1.25
CA GLN A 1147 6.37 28.68 -0.83
C GLN A 1147 6.03 27.46 -1.68
N GLN A 1148 5.44 27.67 -2.86
CA GLN A 1148 5.16 26.55 -3.73
C GLN A 1148 6.43 25.81 -4.10
N LYS A 1149 7.57 26.49 -4.12
CA LYS A 1149 8.82 25.79 -4.42
C LYS A 1149 9.10 24.72 -3.37
N ARG A 1150 9.08 25.09 -2.10
CA ARG A 1150 9.35 24.10 -1.05
C ARG A 1150 8.28 23.02 -1.06
N PHE A 1151 7.02 23.40 -1.24
CA PHE A 1151 5.99 22.36 -1.17
C PHE A 1151 6.10 21.38 -2.32
N SER A 1152 6.40 21.88 -3.52
CA SER A 1152 6.64 20.99 -4.65
C SER A 1152 7.81 20.07 -4.36
N HIS A 1153 8.87 20.62 -3.78
CA HIS A 1153 10.03 19.78 -3.49
C HIS A 1153 9.73 18.76 -2.40
N ILE A 1154 8.91 19.11 -1.43
CA ILE A 1154 8.51 18.13 -0.42
C ILE A 1154 7.71 17.02 -1.06
N ASN A 1155 6.84 17.36 -2.01
CA ASN A 1155 6.11 16.32 -2.70
C ASN A 1155 7.04 15.41 -3.47
N GLN A 1156 8.03 15.99 -4.14
CA GLN A 1156 8.98 15.17 -4.88
C GLN A 1156 9.76 14.25 -3.95
N CYS A 1157 10.18 14.76 -2.81
CA CYS A 1157 10.91 13.90 -1.93
C CYS A 1157 9.99 13.09 -1.11
N ARG A 1158 8.75 12.97 -1.52
CA ARG A 1158 7.79 12.19 -0.78
C ARG A 1158 7.46 11.07 -1.69
N ILE A 1159 7.58 11.35 -2.97
CA ILE A 1159 7.48 10.39 -4.06
C ILE A 1159 8.78 9.58 -4.18
N ASP A 1160 9.93 10.24 -4.10
CA ASP A 1160 11.18 9.52 -4.21
C ASP A 1160 11.35 8.56 -3.05
N ASN A 1161 10.78 8.85 -1.92
CA ASN A 1161 10.89 7.94 -0.84
C ASN A 1161 10.08 6.75 -1.22
N ASN A 1162 8.87 6.94 -1.72
CA ASN A 1162 8.07 5.79 -2.11
C ASN A 1162 8.78 4.93 -3.13
N MET A 1163 9.39 5.54 -4.14
CA MET A 1163 10.08 4.72 -5.14
C MET A 1163 11.30 4.03 -4.54
N SER A 1164 11.98 4.67 -3.60
CA SER A 1164 13.05 3.96 -2.90
C SER A 1164 12.51 2.73 -2.19
N ALA A 1165 11.27 2.80 -1.72
CA ALA A 1165 10.68 1.65 -1.04
C ALA A 1165 10.11 0.63 -2.01
N PHE A 1166 9.75 1.06 -3.21
CA PHE A 1166 9.08 0.21 -4.18
C PHE A 1166 10.05 -0.51 -5.10
N TYR A 1167 10.94 0.23 -5.75
CA TYR A 1167 11.90 -0.37 -6.67
C TYR A 1167 12.58 -1.59 -6.08
N PRO A 1168 13.08 -1.57 -4.85
CA PRO A 1168 13.56 -2.81 -4.26
C PRO A 1168 12.49 -3.87 -4.15
N SER A 1169 11.23 -3.52 -3.91
CA SER A 1169 10.21 -4.56 -3.78
C SER A 1169 9.98 -5.31 -5.09
N ILE A 1170 9.74 -4.58 -6.17
CA ILE A 1170 9.48 -5.27 -7.43
C ILE A 1170 10.74 -5.96 -7.92
N ASN A 1171 11.91 -5.36 -7.72
CA ASN A 1171 13.11 -6.10 -8.08
C ASN A 1171 13.32 -7.30 -7.17
N ALA A 1172 12.75 -7.31 -5.97
CA ALA A 1172 12.76 -8.52 -5.16
C ALA A 1172 11.93 -9.60 -5.83
N ASN A 1173 10.75 -9.23 -6.31
CA ASN A 1173 9.97 -10.19 -7.07
C ASN A 1173 10.79 -10.75 -8.22
N ARG A 1174 11.50 -9.88 -8.94
CA ARG A 1174 12.30 -10.34 -10.07
C ARG A 1174 13.41 -11.27 -9.63
N TRP A 1175 14.11 -10.95 -8.55
CA TRP A 1175 15.20 -11.80 -8.10
C TRP A 1175 14.70 -13.17 -7.72
N LEU A 1176 13.65 -13.22 -6.91
CA LEU A 1176 13.07 -14.51 -6.55
C LEU A 1176 12.63 -15.27 -7.79
N ALA A 1177 11.89 -14.60 -8.68
CA ALA A 1177 11.33 -15.30 -9.82
C ALA A 1177 12.41 -15.82 -10.74
N TYR A 1178 13.50 -15.07 -10.90
CA TYR A 1178 14.60 -15.59 -11.68
C TYR A 1178 15.20 -16.83 -11.03
N ARG A 1179 15.47 -16.76 -9.73
CA ARG A 1179 16.04 -17.94 -9.09
C ARG A 1179 15.13 -19.15 -9.25
N LEU A 1180 13.83 -18.96 -9.07
CA LEU A 1180 12.92 -20.09 -9.11
C LEU A 1180 12.70 -20.60 -10.53
N GLU A 1181 12.63 -19.71 -11.51
CA GLU A 1181 12.50 -20.17 -12.88
C GLU A 1181 13.76 -20.86 -13.35
N LEU A 1182 14.93 -20.46 -12.85
CA LEU A 1182 16.13 -21.19 -13.22
C LEU A 1182 16.22 -22.52 -12.48
N ILE A 1183 15.70 -22.60 -11.25
CA ILE A 1183 15.59 -23.90 -10.60
C ILE A 1183 14.65 -24.78 -11.40
N GLY A 1184 13.57 -24.22 -11.93
CA GLY A 1184 12.68 -24.99 -12.78
C GLY A 1184 13.36 -25.46 -14.05
N SER A 1185 14.18 -24.60 -14.66
CA SER A 1185 14.91 -25.02 -15.85
C SER A 1185 15.90 -26.12 -15.53
N ILE A 1186 16.56 -26.04 -14.37
CA ILE A 1186 17.47 -27.13 -14.00
C ILE A 1186 16.70 -28.40 -13.70
N ILE A 1187 15.48 -28.30 -13.18
CA ILE A 1187 14.68 -29.51 -13.01
C ILE A 1187 14.30 -30.10 -14.36
N ILE A 1188 13.96 -29.26 -15.34
CA ILE A 1188 13.70 -29.79 -16.68
C ILE A 1188 14.92 -30.49 -17.21
N LEU A 1189 16.08 -29.86 -17.07
CA LEU A 1189 17.31 -30.47 -17.55
C LEU A 1189 17.59 -31.79 -16.83
N GLY A 1190 17.43 -31.81 -15.51
CA GLY A 1190 17.65 -33.04 -14.77
C GLY A 1190 16.72 -34.14 -15.22
N ALA A 1191 15.42 -33.85 -15.30
CA ALA A 1191 14.46 -34.87 -15.68
C ALA A 1191 14.72 -35.38 -17.09
N ALA A 1192 14.95 -34.48 -18.03
CA ALA A 1192 15.16 -34.89 -19.41
C ALA A 1192 16.44 -35.69 -19.57
N THR A 1193 17.54 -35.21 -18.97
CA THR A 1193 18.80 -35.91 -19.14
C THR A 1193 18.80 -37.25 -18.42
N LEU A 1194 18.27 -37.32 -17.21
CA LEU A 1194 18.15 -38.61 -16.56
C LEU A 1194 17.24 -39.55 -17.33
N SER A 1195 16.19 -39.02 -17.97
CA SER A 1195 15.38 -39.85 -18.83
C SER A 1195 16.18 -40.38 -19.99
N VAL A 1196 17.01 -39.54 -20.60
CA VAL A 1196 17.84 -40.04 -21.69
C VAL A 1196 18.84 -41.08 -21.19
N PHE A 1197 19.34 -40.93 -19.97
CA PHE A 1197 20.26 -41.93 -19.44
C PHE A 1197 19.55 -43.26 -19.28
N ARG A 1198 18.38 -43.24 -18.64
CA ARG A 1198 17.57 -44.45 -18.55
C ARG A 1198 17.30 -45.02 -19.93
N LEU A 1199 17.14 -44.14 -20.94
CA LEU A 1199 16.94 -44.62 -22.30
C LEU A 1199 18.16 -45.39 -22.79
N LYS A 1200 19.35 -44.83 -22.59
CA LYS A 1200 20.55 -45.53 -23.01
C LYS A 1200 20.64 -46.89 -22.33
N GLN A 1201 20.23 -46.96 -21.07
CA GLN A 1201 20.16 -48.24 -20.40
C GLN A 1201 19.09 -49.12 -21.05
N GLY A 1202 18.31 -48.55 -21.95
CA GLY A 1202 17.38 -49.31 -22.77
C GLY A 1202 16.08 -49.66 -22.10
N THR A 1203 15.80 -49.12 -20.92
CA THR A 1203 14.62 -49.48 -20.16
C THR A 1203 13.67 -48.29 -20.00
N LEU A 1204 13.63 -47.41 -20.99
CA LEU A 1204 12.73 -46.27 -20.99
C LEU A 1204 11.69 -46.42 -22.10
N THR A 1205 10.44 -46.14 -21.78
CA THR A 1205 9.37 -46.11 -22.76
C THR A 1205 8.94 -44.66 -22.98
N ALA A 1206 8.62 -44.32 -24.22
CA ALA A 1206 8.38 -42.92 -24.54
C ALA A 1206 7.34 -42.29 -23.65
N GLY A 1207 6.38 -43.09 -23.17
CA GLY A 1207 5.37 -42.54 -22.29
C GLY A 1207 5.96 -41.98 -21.01
N MET A 1208 6.96 -42.66 -20.45
CA MET A 1208 7.53 -42.19 -19.20
C MET A 1208 8.19 -40.83 -19.36
N VAL A 1209 9.00 -40.67 -20.40
CA VAL A 1209 9.63 -39.37 -20.62
C VAL A 1209 8.58 -38.32 -20.89
N GLY A 1210 7.59 -38.64 -21.71
CA GLY A 1210 6.54 -37.67 -22.00
C GLY A 1210 5.87 -37.19 -20.73
N LEU A 1211 5.49 -38.12 -19.85
CA LEU A 1211 4.80 -37.74 -18.63
C LEU A 1211 5.70 -36.94 -17.71
N SER A 1212 6.92 -37.44 -17.47
CA SER A 1212 7.79 -36.76 -16.52
C SER A 1212 8.06 -35.34 -16.97
N LEU A 1213 8.33 -35.13 -18.26
CA LEU A 1213 8.60 -33.76 -18.69
C LEU A 1213 7.33 -32.93 -18.79
N SER A 1214 6.21 -33.51 -19.22
CA SER A 1214 4.96 -32.75 -19.24
C SER A 1214 4.62 -32.26 -17.86
N TYR A 1215 5.12 -32.93 -16.83
CA TYR A 1215 4.96 -32.39 -15.48
C TYR A 1215 6.07 -31.41 -15.11
N ALA A 1216 7.32 -31.73 -15.44
CA ALA A 1216 8.42 -30.87 -15.05
C ALA A 1216 8.30 -29.48 -15.66
N LEU A 1217 7.60 -29.35 -16.78
CA LEU A 1217 7.53 -28.03 -17.41
C LEU A 1217 6.75 -27.03 -16.56
N GLN A 1218 5.78 -27.48 -15.78
CA GLN A 1218 4.94 -26.57 -15.01
C GLN A 1218 5.45 -26.32 -13.58
N ILE A 1219 6.51 -27.01 -13.16
CA ILE A 1219 7.15 -26.65 -11.90
C ILE A 1219 7.60 -25.21 -11.94
N THR A 1220 8.06 -24.74 -13.10
CA THR A 1220 8.62 -23.41 -13.19
C THR A 1220 7.65 -22.37 -12.64
N GLN A 1221 6.36 -22.59 -12.84
CA GLN A 1221 5.35 -21.67 -12.32
C GLN A 1221 4.85 -22.08 -10.93
N THR A 1222 4.67 -23.37 -10.67
CA THR A 1222 4.14 -23.72 -9.36
C THR A 1222 5.12 -23.37 -8.24
N LEU A 1223 6.43 -23.42 -8.50
CA LEU A 1223 7.39 -23.01 -7.47
C LEU A 1223 7.21 -21.54 -7.12
N ASN A 1224 7.21 -20.68 -8.13
CA ASN A 1224 7.06 -19.27 -7.89
C ASN A 1224 5.73 -18.98 -7.20
N TRP A 1225 4.69 -19.72 -7.56
CA TRP A 1225 3.40 -19.48 -6.94
C TRP A 1225 3.38 -19.93 -5.49
N ILE A 1226 4.05 -21.03 -5.17
CA ILE A 1226 4.21 -21.41 -3.76
C ILE A 1226 4.89 -20.30 -2.99
N VAL A 1227 5.94 -19.73 -3.56
CA VAL A 1227 6.68 -18.73 -2.79
C VAL A 1227 5.84 -17.47 -2.59
N ARG A 1228 5.08 -17.06 -3.61
CA ARG A 1228 4.19 -15.93 -3.42
C ARG A 1228 3.14 -16.23 -2.36
N MET A 1229 2.56 -17.42 -2.37
CA MET A 1229 1.56 -17.72 -1.35
C MET A 1229 2.16 -17.85 0.04
N THR A 1230 3.41 -18.27 0.17
CA THR A 1230 3.97 -18.34 1.51
C THR A 1230 4.30 -16.95 2.04
N VAL A 1231 4.73 -16.03 1.16
CA VAL A 1231 4.85 -14.65 1.61
C VAL A 1231 3.50 -14.10 2.03
N GLU A 1232 2.47 -14.34 1.22
CA GLU A 1232 1.16 -13.80 1.55
C GLU A 1232 0.63 -14.39 2.85
N VAL A 1233 0.83 -15.68 3.08
CA VAL A 1233 0.31 -16.29 4.30
C VAL A 1233 1.06 -15.78 5.52
N GLU A 1234 2.38 -15.57 5.42
CA GLU A 1234 3.04 -14.90 6.54
C GLU A 1234 2.53 -13.50 6.74
N THR A 1235 2.18 -12.79 5.67
CA THR A 1235 1.70 -11.42 5.85
C THR A 1235 0.31 -11.39 6.48
N ASN A 1236 -0.50 -12.41 6.24
CA ASN A 1236 -1.84 -12.45 6.82
C ASN A 1236 -1.91 -13.08 8.19
N ILE A 1237 -1.21 -14.18 8.44
CA ILE A 1237 -1.35 -14.88 9.70
C ILE A 1237 -1.01 -13.97 10.88
N VAL A 1238 -0.23 -12.92 10.64
CA VAL A 1238 -0.08 -11.90 11.68
C VAL A 1238 -1.43 -11.32 12.05
N SER A 1239 -2.41 -11.41 11.15
CA SER A 1239 -3.77 -11.03 11.50
C SER A 1239 -4.32 -11.90 12.62
N VAL A 1240 -4.14 -13.21 12.54
CA VAL A 1240 -4.58 -14.07 13.64
C VAL A 1240 -3.75 -13.80 14.88
N GLU A 1241 -2.50 -13.42 14.70
CA GLU A 1241 -1.70 -13.03 15.86
C GLU A 1241 -2.30 -11.81 16.55
N ARG A 1242 -2.66 -10.79 15.77
CA ARG A 1242 -3.24 -9.58 16.32
C ARG A 1242 -4.60 -9.84 16.95
N ILE A 1243 -5.37 -10.77 16.40
CA ILE A 1243 -6.64 -11.13 17.02
C ILE A 1243 -6.39 -11.85 18.34
N LYS A 1244 -5.48 -12.82 18.34
CA LYS A 1244 -5.23 -13.58 19.55
C LYS A 1244 -4.72 -12.68 20.66
N GLU A 1245 -3.89 -11.67 20.33
CA GLU A 1245 -3.34 -10.85 21.40
C GLU A 1245 -4.44 -10.14 22.18
N TYR A 1246 -5.56 -9.81 21.53
CA TYR A 1246 -6.70 -9.26 22.25
C TYR A 1246 -7.55 -10.34 22.88
N ALA A 1247 -7.74 -11.46 22.18
CA ALA A 1247 -8.70 -12.45 22.64
C ALA A 1247 -8.37 -13.00 24.01
N ASP A 1248 -7.09 -12.95 24.42
CA ASP A 1248 -6.68 -13.52 25.70
C ASP A 1248 -6.48 -12.46 26.78
N LEU A 1249 -6.92 -11.22 26.54
CA LEU A 1249 -6.67 -10.15 27.50
C LEU A 1249 -7.22 -10.49 28.87
N LYS A 1250 -6.43 -10.21 29.90
CA LYS A 1250 -6.91 -10.36 31.27
C LYS A 1250 -8.14 -9.49 31.49
N SER A 1251 -9.10 -10.01 32.26
CA SER A 1251 -10.40 -9.39 32.39
C SER A 1251 -10.70 -9.05 33.84
N GLU A 1252 -11.68 -8.18 34.02
CA GLU A 1252 -12.17 -7.84 35.35
C GLU A 1252 -12.93 -9.04 35.93
N ALA A 1253 -13.49 -8.83 37.12
CA ALA A 1253 -14.13 -9.92 37.83
C ALA A 1253 -15.37 -10.42 37.08
N PRO A 1254 -15.82 -11.64 37.39
CA PRO A 1254 -16.93 -12.21 36.63
C PRO A 1254 -18.19 -11.35 36.71
N LEU A 1255 -18.94 -11.36 35.62
CA LEU A 1255 -20.20 -10.61 35.57
C LEU A 1255 -21.17 -11.10 36.63
N ILE A 1256 -21.24 -12.42 36.84
CA ILE A 1256 -22.22 -13.03 37.72
C ILE A 1256 -21.49 -13.92 38.72
N VAL A 1257 -22.02 -13.97 39.95
CA VAL A 1257 -21.48 -14.83 41.00
C VAL A 1257 -22.58 -15.04 42.01
N GLU A 1258 -22.41 -16.07 42.86
CA GLU A 1258 -23.46 -16.48 43.78
C GLU A 1258 -24.02 -15.33 44.62
N GLY A 1259 -23.24 -14.27 44.83
CA GLY A 1259 -23.68 -13.18 45.69
C GLY A 1259 -24.69 -12.27 45.04
N HIS A 1260 -25.75 -12.86 44.48
CA HIS A 1260 -26.72 -12.11 43.70
C HIS A 1260 -27.51 -11.13 44.55
N ARG A 1261 -28.07 -10.12 43.89
CA ARG A 1261 -28.96 -9.16 44.52
C ARG A 1261 -30.38 -9.68 44.35
N PRO A 1262 -31.06 -10.11 45.41
CA PRO A 1262 -32.28 -10.91 45.24
C PRO A 1262 -33.34 -10.21 44.41
N PRO A 1263 -33.56 -8.91 44.59
CA PRO A 1263 -34.54 -8.24 43.73
C PRO A 1263 -34.26 -8.42 42.23
N GLY A 1270 -32.12 1.35 50.03
CA GLY A 1270 -30.74 0.90 49.97
C GLY A 1270 -29.75 2.01 50.26
N ASP A 1271 -28.77 1.71 51.11
CA ASP A 1271 -27.76 2.69 51.51
C ASP A 1271 -26.38 2.07 51.41
N ILE A 1272 -25.36 2.93 51.49
CA ILE A 1272 -23.98 2.55 51.21
C ILE A 1272 -23.08 3.05 52.34
N LYS A 1273 -21.91 2.41 52.44
CA LYS A 1273 -20.91 2.83 53.41
C LYS A 1273 -19.53 2.41 52.92
N PHE A 1274 -18.65 3.39 52.70
CA PHE A 1274 -17.26 3.10 52.40
C PHE A 1274 -16.56 2.55 53.64
N ASN A 1275 -15.64 1.61 53.44
CA ASN A 1275 -14.92 0.95 54.54
C ASN A 1275 -13.44 0.92 54.19
N ASN A 1276 -12.71 1.96 54.60
CA ASN A 1276 -11.27 2.06 54.36
C ASN A 1276 -10.96 1.82 52.89
N TYR A 1277 -11.86 2.30 52.03
CA TYR A 1277 -11.80 1.99 50.61
C TYR A 1277 -10.69 2.79 49.93
N SER A 1278 -10.03 2.16 48.97
CA SER A 1278 -8.96 2.84 48.24
C SER A 1278 -8.78 2.17 46.88
N THR A 1279 -8.34 2.97 45.92
CA THR A 1279 -8.13 2.47 44.56
C THR A 1279 -7.30 3.49 43.80
N ARG A 1280 -6.79 3.05 42.64
CA ARG A 1280 -5.97 3.89 41.78
C ARG A 1280 -6.50 3.81 40.36
N TYR A 1281 -6.47 4.96 39.68
CA TYR A 1281 -7.04 5.06 38.34
C TYR A 1281 -6.26 4.22 37.33
N ARG A 1282 -5.00 3.91 37.61
CA ARG A 1282 -4.13 3.14 36.74
C ARG A 1282 -3.24 2.31 37.66
N PRO A 1283 -3.00 1.02 37.35
CA PRO A 1283 -2.29 0.17 38.31
C PRO A 1283 -0.93 0.70 38.72
N GLU A 1284 -0.24 1.43 37.84
CA GLU A 1284 1.05 2.01 38.19
C GLU A 1284 0.93 3.39 38.84
N LEU A 1285 -0.30 3.89 39.01
CA LEU A 1285 -0.52 5.20 39.59
C LEU A 1285 -0.66 5.10 41.11
N ASP A 1286 -0.48 6.23 41.77
CA ASP A 1286 -0.75 6.32 43.20
C ASP A 1286 -2.26 6.30 43.45
N LEU A 1287 -2.62 5.95 44.69
CA LEU A 1287 -4.03 5.81 45.02
C LEU A 1287 -4.74 7.15 44.88
N VAL A 1288 -5.84 7.16 44.12
CA VAL A 1288 -6.66 8.35 44.00
C VAL A 1288 -7.71 8.45 45.11
N LEU A 1289 -8.10 7.32 45.69
CA LEU A 1289 -8.94 7.28 46.88
C LEU A 1289 -8.21 6.51 47.96
N LYS A 1290 -8.24 7.03 49.18
CA LYS A 1290 -7.49 6.43 50.29
C LYS A 1290 -8.34 6.39 51.53
N HIS A 1291 -8.47 5.20 52.13
CA HIS A 1291 -9.08 5.04 53.44
C HIS A 1291 -10.40 5.80 53.54
N ILE A 1292 -11.23 5.64 52.52
CA ILE A 1292 -12.53 6.27 52.49
C ILE A 1292 -13.50 5.43 53.32
N ASN A 1293 -14.21 6.09 54.25
CA ASN A 1293 -15.05 5.40 55.22
C ASN A 1293 -16.45 6.01 55.30
N ILE A 1294 -16.83 6.83 54.32
CA ILE A 1294 -18.07 7.58 54.42
C ILE A 1294 -19.27 6.64 54.47
N HIS A 1295 -20.26 7.00 55.27
CA HIS A 1295 -21.55 6.33 55.31
C HIS A 1295 -22.63 7.28 54.82
N ILE A 1296 -23.46 6.81 53.90
CA ILE A 1296 -24.59 7.57 53.38
C ILE A 1296 -25.87 6.78 53.66
N LYS A 1297 -26.89 7.47 54.14
CA LYS A 1297 -28.16 6.85 54.44
C LYS A 1297 -29.02 6.74 53.19
N PRO A 1298 -30.07 5.90 53.23
CA PRO A 1298 -30.74 5.50 51.99
C PRO A 1298 -31.26 6.63 51.11
N ASN A 1299 -31.55 7.80 51.67
CA ASN A 1299 -32.23 8.85 50.94
C ASN A 1299 -31.44 10.13 50.81
N GLU A 1300 -30.24 10.20 51.39
CA GLU A 1300 -29.52 11.46 51.45
C GLU A 1300 -29.09 11.90 50.06
N LYS A 1301 -29.40 13.15 49.72
CA LYS A 1301 -29.02 13.72 48.42
C LYS A 1301 -27.61 14.30 48.53
N VAL A 1302 -26.65 13.38 48.63
CA VAL A 1302 -25.27 13.78 48.84
C VAL A 1302 -24.68 14.34 47.55
N GLY A 1303 -23.81 15.34 47.72
CA GLY A 1303 -22.95 15.79 46.65
C GLY A 1303 -21.52 15.80 47.15
N ILE A 1304 -20.58 15.85 46.21
CA ILE A 1304 -19.17 15.83 46.58
C ILE A 1304 -18.43 16.94 45.87
N VAL A 1305 -17.38 17.42 46.53
CA VAL A 1305 -16.50 18.47 46.02
C VAL A 1305 -15.07 18.00 46.23
N GLY A 1306 -14.13 18.63 45.54
CA GLY A 1306 -12.74 18.30 45.75
C GLY A 1306 -11.85 19.15 44.87
N ARG A 1307 -10.55 18.97 45.08
CA ARG A 1307 -9.56 19.64 44.26
C ARG A 1307 -9.67 19.18 42.82
N THR A 1308 -9.33 20.06 41.88
CA THR A 1308 -9.47 19.74 40.47
C THR A 1308 -8.76 18.43 40.12
N GLY A 1309 -7.59 18.21 40.70
CA GLY A 1309 -6.82 17.00 40.46
C GLY A 1309 -7.17 15.83 41.33
N ALA A 1310 -8.16 15.98 42.21
CA ALA A 1310 -8.51 14.92 43.14
C ALA A 1310 -9.21 13.78 42.42
N GLY A 1311 -9.50 12.71 43.17
CA GLY A 1311 -10.21 11.57 42.65
C GLY A 1311 -11.71 11.79 42.56
N LYS A 1312 -12.12 13.06 42.60
CA LYS A 1312 -13.54 13.38 42.51
C LYS A 1312 -14.17 12.74 41.28
N SER A 1313 -13.54 12.92 40.12
CA SER A 1313 -14.01 12.24 38.91
C SER A 1313 -13.83 10.73 39.03
N SER A 1314 -12.75 10.28 39.64
CA SER A 1314 -12.44 8.85 39.70
C SER A 1314 -13.38 8.10 40.64
N LEU A 1315 -14.11 8.79 41.50
CA LEU A 1315 -14.95 8.07 42.45
C LEU A 1315 -16.00 7.22 41.74
N THR A 1316 -16.65 7.78 40.73
CA THR A 1316 -17.73 7.06 40.07
C THR A 1316 -17.22 5.75 39.47
N LEU A 1317 -16.06 5.79 38.82
CA LEU A 1317 -15.46 4.56 38.35
C LEU A 1317 -15.20 3.60 39.51
N ALA A 1318 -14.80 4.15 40.66
CA ALA A 1318 -14.47 3.32 41.80
C ALA A 1318 -15.70 2.66 42.39
N LEU A 1319 -16.84 3.35 42.38
CA LEU A 1319 -18.04 2.79 42.99
C LEU A 1319 -18.57 1.61 42.18
N PHE A 1320 -18.52 1.71 40.85
CA PHE A 1320 -19.01 0.64 39.99
C PHE A 1320 -17.96 -0.41 39.70
N ARG A 1321 -16.84 -0.39 40.40
CA ARG A 1321 -15.75 -1.34 40.24
C ARG A 1321 -15.08 -1.23 38.88
N MET A 1322 -15.33 -0.17 38.12
CA MET A 1322 -14.59 0.02 36.88
C MET A 1322 -13.08 0.10 37.15
N ILE A 1323 -12.72 0.57 38.34
CA ILE A 1323 -11.37 0.43 38.87
C ILE A 1323 -11.47 -0.30 40.20
N GLU A 1324 -10.72 -1.38 40.34
CA GLU A 1324 -10.95 -2.29 41.45
C GLU A 1324 -10.29 -1.79 42.71
N ALA A 1325 -10.87 -2.16 43.85
CA ALA A 1325 -10.37 -1.70 45.14
C ALA A 1325 -8.96 -2.18 45.40
N SER A 1326 -8.13 -1.29 45.95
CA SER A 1326 -6.80 -1.69 46.38
C SER A 1326 -6.85 -2.35 47.75
N GLU A 1327 -7.53 -1.71 48.71
CA GLU A 1327 -7.85 -2.34 49.98
C GLU A 1327 -9.11 -1.66 50.52
N GLY A 1328 -9.75 -2.32 51.47
CA GLY A 1328 -11.06 -1.91 51.90
C GLY A 1328 -12.09 -2.29 50.85
N ASN A 1329 -13.33 -1.91 51.10
CA ASN A 1329 -14.42 -2.26 50.20
C ASN A 1329 -15.56 -1.27 50.38
N ILE A 1330 -16.59 -1.42 49.55
CA ILE A 1330 -17.84 -0.68 49.67
C ILE A 1330 -18.92 -1.67 50.05
N VAL A 1331 -19.62 -1.41 51.13
CA VAL A 1331 -20.75 -2.23 51.54
C VAL A 1331 -22.02 -1.51 51.13
N ILE A 1332 -23.01 -2.29 50.70
CA ILE A 1332 -24.30 -1.78 50.29
C ILE A 1332 -25.26 -2.22 51.39
N ASP A 1333 -26.54 -1.92 51.24
CA ASP A 1333 -27.51 -2.11 52.31
C ASP A 1333 -27.23 -3.36 53.14
N ASN A 1334 -26.85 -4.45 52.50
CA ASN A 1334 -26.51 -5.66 53.24
C ASN A 1334 -25.32 -6.44 52.68
N ILE A 1335 -24.71 -6.01 51.58
CA ILE A 1335 -23.70 -6.80 50.90
C ILE A 1335 -22.59 -5.90 50.38
N ALA A 1336 -21.39 -6.47 50.27
CA ALA A 1336 -20.20 -5.75 49.81
C ALA A 1336 -19.99 -5.98 48.32
N ILE A 1337 -19.65 -4.91 47.60
CA ILE A 1337 -19.57 -4.98 46.15
C ILE A 1337 -18.48 -5.94 45.68
N ASN A 1338 -17.42 -6.11 46.47
CA ASN A 1338 -16.27 -6.87 46.01
C ASN A 1338 -16.59 -8.34 45.74
N GLU A 1339 -17.73 -8.85 46.21
CA GLU A 1339 -18.16 -10.19 45.87
C GLU A 1339 -19.53 -10.22 45.19
N ILE A 1340 -20.01 -9.08 44.71
CA ILE A 1340 -21.24 -9.05 43.93
C ILE A 1340 -20.89 -9.21 42.45
N GLY A 1341 -21.71 -9.97 41.74
CA GLY A 1341 -21.53 -10.07 40.29
C GLY A 1341 -21.57 -8.69 39.65
N LEU A 1342 -20.66 -8.47 38.70
CA LEU A 1342 -20.50 -7.12 38.16
C LEU A 1342 -21.74 -6.66 37.41
N TYR A 1343 -22.38 -7.55 36.65
CA TYR A 1343 -23.62 -7.15 35.98
C TYR A 1343 -24.68 -6.75 36.99
N ASP A 1344 -24.86 -7.57 38.03
CA ASP A 1344 -25.84 -7.27 39.06
C ASP A 1344 -25.56 -5.92 39.67
N LEU A 1345 -24.33 -5.70 40.14
CA LEU A 1345 -23.98 -4.41 40.72
C LEU A 1345 -24.27 -3.28 39.74
N ARG A 1346 -23.74 -3.40 38.53
CA ARG A 1346 -23.76 -2.30 37.58
C ARG A 1346 -25.17 -1.91 37.17
N HIS A 1347 -26.12 -2.85 37.13
CA HIS A 1347 -27.44 -2.49 36.67
C HIS A 1347 -28.46 -2.32 37.79
N LYS A 1348 -28.28 -2.97 38.93
CA LYS A 1348 -29.07 -2.60 40.10
C LYS A 1348 -28.75 -1.18 40.54
N LEU A 1349 -27.51 -0.74 40.40
CA LEU A 1349 -27.24 0.67 40.53
C LEU A 1349 -27.66 1.41 39.27
N SER A 1350 -27.77 2.73 39.39
CA SER A 1350 -28.12 3.59 38.27
C SER A 1350 -27.10 4.71 38.17
N ILE A 1351 -27.14 5.44 37.06
CA ILE A 1351 -26.07 6.37 36.74
C ILE A 1351 -26.52 7.28 35.60
N ILE A 1352 -25.99 8.50 35.62
CA ILE A 1352 -25.95 9.36 34.44
C ILE A 1352 -24.48 9.67 34.20
N PRO A 1353 -23.99 9.62 32.97
CA PRO A 1353 -22.55 9.62 32.74
C PRO A 1353 -21.94 10.99 32.95
N GLN A 1354 -20.60 10.99 33.07
CA GLN A 1354 -19.88 12.25 33.08
C GLN A 1354 -20.18 13.04 31.82
N ASP A 1355 -20.31 12.35 30.69
CA ASP A 1355 -20.79 12.94 29.46
C ASP A 1355 -21.58 11.89 28.69
N SER A 1356 -22.61 12.33 28.00
CA SER A 1356 -23.54 11.43 27.34
C SER A 1356 -22.97 10.91 26.03
N GLN A 1357 -23.72 9.99 25.41
CA GLN A 1357 -23.30 9.32 24.20
C GLN A 1357 -24.50 9.11 23.29
N VAL A 1358 -24.23 8.88 22.01
CA VAL A 1358 -25.26 8.63 21.02
C VAL A 1358 -24.94 7.33 20.30
N PHE A 1359 -25.95 6.47 20.18
CA PHE A 1359 -25.87 5.21 19.46
C PHE A 1359 -26.70 5.31 18.18
N GLU A 1360 -26.25 4.60 17.16
CA GLU A 1360 -27.01 4.58 15.91
C GLU A 1360 -28.33 3.83 16.12
N GLY A 1361 -29.33 4.22 15.33
CA GLY A 1361 -30.62 3.59 15.39
C GLY A 1361 -31.66 4.43 16.11
N THR A 1362 -32.58 3.75 16.80
CA THR A 1362 -33.70 4.40 17.44
C THR A 1362 -33.36 4.78 18.88
N VAL A 1363 -34.15 5.70 19.43
CA VAL A 1363 -33.98 6.10 20.82
C VAL A 1363 -34.40 5.01 21.78
N ARG A 1364 -35.23 4.05 21.34
CA ARG A 1364 -35.64 2.97 22.23
C ARG A 1364 -34.44 2.25 22.79
N GLU A 1365 -33.51 1.84 21.91
CA GLU A 1365 -32.32 1.14 22.38
C GLU A 1365 -31.34 2.05 23.09
N ASN A 1366 -31.44 3.36 22.89
CA ASN A 1366 -30.64 4.30 23.66
C ASN A 1366 -31.24 4.60 25.02
N ILE A 1367 -32.47 4.13 25.28
CA ILE A 1367 -33.07 4.22 26.60
C ILE A 1367 -33.30 2.84 27.21
N ASP A 1368 -33.75 1.87 26.41
CA ASP A 1368 -33.93 0.50 26.88
C ASP A 1368 -33.66 -0.46 25.73
N PRO A 1369 -32.40 -0.87 25.53
CA PRO A 1369 -32.10 -1.82 24.46
C PRO A 1369 -32.48 -3.24 24.82
N ILE A 1370 -32.19 -3.63 26.07
CA ILE A 1370 -32.54 -4.98 26.51
C ILE A 1370 -34.04 -5.17 26.67
N ASN A 1371 -34.81 -4.09 26.63
CA ASN A 1371 -36.27 -4.16 26.62
C ASN A 1371 -36.83 -4.83 27.87
N GLN A 1372 -36.06 -4.87 28.97
CA GLN A 1372 -36.56 -5.46 30.20
C GLN A 1372 -37.52 -4.52 30.93
N TYR A 1373 -37.55 -3.24 30.56
CA TYR A 1373 -38.49 -2.29 31.12
C TYR A 1373 -39.66 -2.12 30.15
N THR A 1374 -40.87 -2.24 30.68
CA THR A 1374 -42.06 -2.33 29.83
C THR A 1374 -42.26 -1.04 29.04
N ASP A 1375 -42.99 -1.17 27.94
CA ASP A 1375 -43.23 -0.02 27.07
C ASP A 1375 -43.93 1.09 27.82
N GLU A 1376 -44.83 0.75 28.74
CA GLU A 1376 -45.49 1.78 29.54
C GLU A 1376 -44.49 2.52 30.40
N ALA A 1377 -43.53 1.80 30.98
CA ALA A 1377 -42.51 2.45 31.79
C ALA A 1377 -41.64 3.36 30.94
N ILE A 1378 -41.29 2.91 29.73
CA ILE A 1378 -40.49 3.74 28.82
C ILE A 1378 -41.26 5.01 28.48
N TRP A 1379 -42.55 4.85 28.17
CA TRP A 1379 -43.39 5.98 27.79
C TRP A 1379 -43.48 6.97 28.96
N ARG A 1380 -43.63 6.44 30.18
CA ARG A 1380 -43.64 7.27 31.38
C ARG A 1380 -42.32 8.01 31.56
N ALA A 1381 -41.20 7.34 31.30
CA ALA A 1381 -39.91 8.00 31.44
C ALA A 1381 -39.79 9.14 30.46
N LEU A 1382 -40.23 8.92 29.21
CA LEU A 1382 -40.25 10.01 28.24
C LEU A 1382 -41.12 11.16 28.72
N GLU A 1383 -42.25 10.85 29.37
CA GLU A 1383 -43.07 11.89 29.96
C GLU A 1383 -42.29 12.66 31.01
N LEU A 1384 -41.67 11.94 31.96
CA LEU A 1384 -41.02 12.58 33.09
C LEU A 1384 -39.89 13.49 32.63
N SER A 1385 -39.08 13.02 31.69
CA SER A 1385 -38.02 13.85 31.14
C SER A 1385 -38.52 14.77 30.03
N HIS A 1386 -39.80 14.64 29.65
CA HIS A 1386 -40.42 15.48 28.62
C HIS A 1386 -39.58 15.55 27.35
N LEU A 1387 -38.78 14.52 27.09
CA LEU A 1387 -38.25 14.33 25.75
C LEU A 1387 -39.32 13.88 24.77
N LYS A 1388 -40.51 13.55 25.27
CA LYS A 1388 -41.51 12.86 24.46
C LYS A 1388 -41.87 13.67 23.22
N GLU A 1389 -42.22 14.94 23.41
CA GLU A 1389 -42.53 15.79 22.26
C GLU A 1389 -41.36 15.82 21.29
N HIS A 1390 -40.14 15.83 21.82
CA HIS A 1390 -38.97 15.93 20.95
C HIS A 1390 -38.84 14.70 20.07
N VAL A 1391 -38.97 13.51 20.66
CA VAL A 1391 -38.84 12.29 19.87
C VAL A 1391 -40.01 12.18 18.89
N LEU A 1392 -41.21 12.57 19.32
CA LEU A 1392 -42.37 12.48 18.45
C LEU A 1392 -42.25 13.42 17.26
N SER A 1393 -41.67 14.61 17.47
CA SER A 1393 -41.42 15.54 16.38
C SER A 1393 -40.28 15.06 15.49
N MET A 1394 -39.28 14.39 16.08
CA MET A 1394 -38.22 13.80 15.27
C MET A 1394 -38.78 12.76 14.32
N SER A 1395 -39.68 11.92 14.82
CA SER A 1395 -40.39 10.98 13.96
C SER A 1395 -41.66 10.54 14.66
N ASN A 1396 -42.62 10.08 13.86
CA ASN A 1396 -43.89 9.61 14.41
C ASN A 1396 -43.71 8.45 15.37
N ASP A 1397 -42.62 7.69 15.23
CA ASP A 1397 -42.41 6.52 16.07
C ASP A 1397 -42.19 6.88 17.53
N GLY A 1398 -41.94 8.15 17.85
CA GLY A 1398 -41.85 8.59 19.22
C GLY A 1398 -40.77 7.88 20.02
N LEU A 1399 -41.19 7.09 21.01
CA LEU A 1399 -40.22 6.35 21.83
C LEU A 1399 -39.36 5.41 20.98
N ASP A 1400 -39.85 5.01 19.80
CA ASP A 1400 -39.10 4.19 18.87
C ASP A 1400 -38.58 5.03 17.69
N ALA A 1401 -38.47 6.33 17.88
CA ALA A 1401 -38.03 7.23 16.82
C ALA A 1401 -36.58 6.96 16.44
N GLN A 1402 -36.28 7.18 15.17
CA GLN A 1402 -34.94 6.96 14.63
C GLN A 1402 -34.02 8.10 15.03
N LEU A 1403 -32.73 7.79 15.16
CA LEU A 1403 -31.74 8.79 15.54
C LEU A 1403 -30.49 8.61 14.70
N THR A 1404 -29.99 9.72 14.17
CA THR A 1404 -28.74 9.71 13.42
C THR A 1404 -27.55 9.64 14.37
N GLU A 1405 -26.54 8.86 13.98
CA GLU A 1405 -25.42 8.57 14.86
C GLU A 1405 -24.28 9.57 14.65
N GLY A 1406 -23.64 9.96 15.75
CA GLY A 1406 -22.41 10.71 15.71
C GLY A 1406 -22.54 12.18 15.37
N GLY A 1407 -23.62 12.59 14.70
CA GLY A 1407 -23.77 13.97 14.31
C GLY A 1407 -24.27 14.85 15.44
N GLY A 1408 -24.31 16.15 15.16
CA GLY A 1408 -24.85 17.11 16.10
C GLY A 1408 -26.37 17.17 16.02
N ASN A 1409 -27.00 16.00 16.02
CA ASN A 1409 -28.44 15.91 15.92
C ASN A 1409 -29.15 16.31 17.20
N LEU A 1410 -28.41 16.51 18.30
CA LEU A 1410 -29.00 16.80 19.58
C LEU A 1410 -28.02 17.62 20.40
N SER A 1411 -28.53 18.60 21.12
CA SER A 1411 -27.71 19.41 22.02
C SER A 1411 -27.48 18.67 23.33
N VAL A 1412 -26.40 19.05 24.01
CA VAL A 1412 -25.85 18.22 25.10
C VAL A 1412 -26.91 17.94 26.14
N GLY A 1413 -27.65 18.96 26.55
CA GLY A 1413 -28.54 18.83 27.68
C GLY A 1413 -29.62 17.80 27.43
N GLN A 1414 -30.05 17.64 26.18
CA GLN A 1414 -31.07 16.65 25.86
C GLN A 1414 -30.51 15.24 25.92
N ARG A 1415 -29.26 15.04 25.50
CA ARG A 1415 -28.61 13.76 25.74
C ARG A 1415 -28.52 13.47 27.23
N GLN A 1416 -28.18 14.47 28.03
CA GLN A 1416 -28.11 14.25 29.47
C GLN A 1416 -29.48 13.90 30.03
N LEU A 1417 -30.53 14.55 29.52
CA LEU A 1417 -31.87 14.20 29.97
C LEU A 1417 -32.25 12.79 29.53
N LEU A 1418 -31.81 12.36 28.35
CA LEU A 1418 -32.06 10.98 27.93
C LEU A 1418 -31.36 10.01 28.88
N CYS A 1419 -30.13 10.35 29.28
CA CYS A 1419 -29.44 9.51 30.25
C CYS A 1419 -30.21 9.47 31.57
N LEU A 1420 -30.70 10.63 32.01
CA LEU A 1420 -31.54 10.66 33.20
C LEU A 1420 -32.78 9.82 33.01
N ALA A 1421 -33.32 9.78 31.79
CA ALA A 1421 -34.46 8.93 31.50
C ALA A 1421 -34.11 7.47 31.71
N ARG A 1422 -32.93 7.07 31.22
CA ARG A 1422 -32.44 5.73 31.54
C ARG A 1422 -32.41 5.53 33.05
N ALA A 1423 -31.89 6.50 33.77
CA ALA A 1423 -31.71 6.36 35.21
C ALA A 1423 -33.05 6.14 35.91
N MET A 1424 -34.04 6.96 35.58
CA MET A 1424 -35.33 6.80 36.24
C MET A 1424 -36.06 5.57 35.75
N LEU A 1425 -35.79 5.14 34.52
CA LEU A 1425 -36.41 3.92 34.02
C LEU A 1425 -35.90 2.69 34.76
N VAL A 1426 -34.61 2.63 35.04
CA VAL A 1426 -34.09 1.48 35.77
C VAL A 1426 -34.52 1.57 37.24
N PRO A 1427 -35.19 0.56 37.79
CA PRO A 1427 -35.46 0.59 39.23
C PRO A 1427 -34.18 0.32 40.02
N SER A 1428 -33.67 1.36 40.68
CA SER A 1428 -32.37 1.29 41.33
C SER A 1428 -32.50 1.67 42.80
N LYS A 1429 -31.60 1.13 43.61
CA LYS A 1429 -31.49 1.46 45.02
C LYS A 1429 -30.38 2.44 45.31
N ILE A 1430 -29.60 2.82 44.30
CA ILE A 1430 -28.70 3.97 44.35
C ILE A 1430 -28.77 4.66 43.00
N LEU A 1431 -28.51 5.97 43.00
CA LEU A 1431 -28.39 6.73 41.76
C LEU A 1431 -27.24 7.71 41.89
N VAL A 1432 -26.16 7.46 41.17
CA VAL A 1432 -25.01 8.36 41.12
C VAL A 1432 -25.20 9.31 39.95
N LEU A 1433 -24.81 10.56 40.14
CA LEU A 1433 -24.92 11.60 39.13
C LEU A 1433 -23.56 12.20 38.84
N ASP A 1434 -23.40 12.68 37.62
CA ASP A 1434 -22.14 13.29 37.22
C ASP A 1434 -22.39 14.38 36.20
N GLU A 1435 -21.43 15.27 36.09
CA GLU A 1435 -21.46 16.39 35.15
C GLU A 1435 -20.06 16.93 35.06
N ALA A 1436 -19.68 17.39 33.88
CA ALA A 1436 -18.32 17.87 33.63
C ALA A 1436 -18.36 19.21 32.92
N THR A 1437 -17.29 19.98 33.08
CA THR A 1437 -17.19 21.28 32.45
C THR A 1437 -17.36 21.14 30.94
N ALA A 1438 -18.45 21.69 30.42
CA ALA A 1438 -18.75 21.60 29.00
C ALA A 1438 -19.68 22.75 28.64
N ALA A 1439 -19.92 22.91 27.34
CA ALA A 1439 -20.74 24.00 26.85
C ALA A 1439 -22.22 23.68 26.98
N VAL A 1440 -22.68 23.38 28.18
CA VAL A 1440 -24.09 23.08 28.40
C VAL A 1440 -24.87 24.39 28.45
N ASP A 1441 -25.95 24.45 27.68
CA ASP A 1441 -26.82 25.62 27.72
C ASP A 1441 -27.47 25.70 29.10
N VAL A 1442 -27.49 26.91 29.66
CA VAL A 1442 -27.98 27.08 31.03
C VAL A 1442 -29.44 26.67 31.14
N GLU A 1443 -30.21 26.83 30.05
CA GLU A 1443 -31.62 26.47 30.09
C GLU A 1443 -31.80 24.98 30.34
N THR A 1444 -31.28 24.15 29.44
CA THR A 1444 -31.37 22.71 29.64
C THR A 1444 -30.63 22.29 30.90
N ASP A 1445 -29.60 23.04 31.30
CA ASP A 1445 -28.89 22.72 32.53
C ASP A 1445 -29.82 22.84 33.74
N LYS A 1446 -30.55 23.95 33.84
CA LYS A 1446 -31.49 24.10 34.95
C LYS A 1446 -32.64 23.10 34.84
N VAL A 1447 -33.06 22.78 33.61
CA VAL A 1447 -34.06 21.75 33.43
C VAL A 1447 -33.56 20.43 34.04
N VAL A 1448 -32.29 20.10 33.77
CA VAL A 1448 -31.70 18.91 34.35
C VAL A 1448 -31.65 19.01 35.86
N GLN A 1449 -31.22 20.16 36.37
CA GLN A 1449 -31.02 20.31 37.81
C GLN A 1449 -32.34 20.19 38.57
N GLU A 1450 -33.45 20.51 37.92
CA GLU A 1450 -34.74 20.34 38.56
C GLU A 1450 -35.35 18.96 38.30
N THR A 1451 -35.15 18.40 37.10
CA THR A 1451 -35.69 17.08 36.80
C THR A 1451 -34.95 15.96 37.53
N ILE A 1452 -33.71 16.19 37.95
CA ILE A 1452 -32.98 15.16 38.68
C ILE A 1452 -33.69 14.84 39.98
N ARG A 1453 -34.26 15.86 40.63
CA ARG A 1453 -35.12 15.61 41.78
C ARG A 1453 -36.35 14.81 41.39
N THR A 1454 -37.00 15.17 40.28
CA THR A 1454 -38.20 14.46 39.88
C THR A 1454 -37.91 13.01 39.57
N ALA A 1455 -36.67 12.70 39.15
CA ALA A 1455 -36.32 11.33 38.79
C ALA A 1455 -36.55 10.38 39.95
N PHE A 1456 -35.98 10.70 41.11
CA PHE A 1456 -36.20 9.92 42.33
C PHE A 1456 -36.36 10.90 43.49
N LYS A 1457 -37.56 10.93 44.06
CA LYS A 1457 -37.78 11.73 45.27
C LYS A 1457 -36.96 11.20 46.42
N ASP A 1458 -36.73 9.88 46.48
CA ASP A 1458 -36.24 9.23 47.68
C ASP A 1458 -34.90 8.54 47.53
N ARG A 1459 -34.44 8.25 46.32
CA ARG A 1459 -33.22 7.48 46.15
C ARG A 1459 -31.99 8.29 46.55
N THR A 1460 -31.04 7.61 47.19
CA THR A 1460 -29.78 8.26 47.53
C THR A 1460 -29.09 8.77 46.28
N ILE A 1461 -28.61 10.02 46.35
CA ILE A 1461 -28.05 10.70 45.20
C ILE A 1461 -26.61 11.06 45.53
N LEU A 1462 -25.68 10.58 44.72
CA LEU A 1462 -24.26 10.92 44.85
C LEU A 1462 -23.94 11.92 43.74
N THR A 1463 -24.24 13.18 44.00
CA THR A 1463 -24.19 14.22 42.97
C THR A 1463 -22.75 14.68 42.78
N ILE A 1464 -22.07 14.04 41.83
CA ILE A 1464 -20.79 14.56 41.34
C ILE A 1464 -21.08 15.68 40.36
N ALA A 1465 -20.36 16.79 40.51
CA ALA A 1465 -20.55 17.90 39.58
C ALA A 1465 -19.38 18.86 39.70
N HIS A 1466 -18.95 19.38 38.55
CA HIS A 1466 -18.01 20.50 38.57
C HIS A 1466 -18.71 21.81 38.90
N ARG A 1467 -20.03 21.87 38.68
CA ARG A 1467 -20.79 23.09 38.94
C ARG A 1467 -21.24 23.12 40.39
N LEU A 1468 -20.59 23.96 41.20
CA LEU A 1468 -21.08 24.19 42.54
C LEU A 1468 -22.52 24.65 42.51
N ASN A 1469 -22.91 25.41 41.48
CA ASN A 1469 -24.32 25.76 41.33
C ASN A 1469 -25.18 24.51 41.41
N THR A 1470 -24.75 23.44 40.74
CA THR A 1470 -25.44 22.17 40.85
C THR A 1470 -25.34 21.61 42.27
N ILE A 1471 -24.21 21.83 42.93
CA ILE A 1471 -23.97 21.12 44.20
C ILE A 1471 -24.68 21.76 45.40
N MET A 1472 -24.89 23.08 45.40
CA MET A 1472 -25.34 23.75 46.62
C MET A 1472 -26.63 23.16 47.18
N ASP A 1473 -27.51 22.65 46.33
CA ASP A 1473 -28.76 22.11 46.82
C ASP A 1473 -28.58 20.79 47.56
N SER A 1474 -27.36 20.26 47.61
CA SER A 1474 -27.12 18.97 48.26
C SER A 1474 -27.28 19.08 49.76
N ASP A 1475 -27.85 18.05 50.38
CA ASP A 1475 -28.03 18.03 51.82
C ASP A 1475 -26.76 17.66 52.57
N ARG A 1476 -25.86 16.91 51.93
CA ARG A 1476 -24.60 16.52 52.54
C ARG A 1476 -23.49 16.74 51.52
N ILE A 1477 -22.28 17.01 52.02
CA ILE A 1477 -21.16 17.37 51.16
C ILE A 1477 -19.94 16.55 51.56
N ILE A 1478 -19.25 16.02 50.56
CA ILE A 1478 -17.97 15.32 50.75
C ILE A 1478 -16.90 16.13 50.02
N VAL A 1479 -15.84 16.48 50.72
CA VAL A 1479 -14.71 17.20 50.15
C VAL A 1479 -13.56 16.22 50.03
N LEU A 1480 -13.06 16.05 48.81
CA LEU A 1480 -12.01 15.09 48.52
C LEU A 1480 -10.71 15.82 48.24
N ASP A 1481 -9.65 15.39 48.89
CA ASP A 1481 -8.36 16.05 48.85
C ASP A 1481 -7.30 15.02 48.43
N ASN A 1482 -7.18 14.81 47.11
CA ASN A 1482 -6.12 13.97 46.55
C ASN A 1482 -6.02 12.63 47.30
N GLY A 1483 -7.18 12.01 47.52
CA GLY A 1483 -7.27 10.77 48.25
C GLY A 1483 -7.62 10.93 49.71
N LYS A 1484 -7.39 12.12 50.27
CA LYS A 1484 -7.91 12.46 51.59
C LYS A 1484 -9.33 13.00 51.44
N VAL A 1485 -10.12 12.86 52.51
CA VAL A 1485 -11.55 13.16 52.46
C VAL A 1485 -11.98 13.88 53.72
N ALA A 1486 -12.98 14.75 53.55
CA ALA A 1486 -13.72 15.33 54.66
C ALA A 1486 -15.20 15.30 54.30
N GLU A 1487 -16.04 15.15 55.32
CA GLU A 1487 -17.47 14.98 55.12
C GLU A 1487 -18.21 16.00 55.96
N PHE A 1488 -19.33 16.49 55.42
CA PHE A 1488 -20.10 17.54 56.07
C PHE A 1488 -21.56 17.37 55.71
N ASP A 1489 -22.39 18.16 56.39
CA ASP A 1489 -23.79 18.33 56.02
C ASP A 1489 -23.86 19.33 54.88
N SER A 1490 -25.05 19.88 54.64
CA SER A 1490 -25.28 20.73 53.49
C SER A 1490 -24.25 21.85 53.40
N PRO A 1491 -24.13 22.50 52.23
CA PRO A 1491 -23.10 23.55 52.09
C PRO A 1491 -23.25 24.69 53.08
N GLY A 1492 -24.49 25.03 53.46
CA GLY A 1492 -24.67 26.06 54.46
C GLY A 1492 -24.03 25.69 55.78
N GLN A 1493 -24.26 24.45 56.23
CA GLN A 1493 -23.62 23.98 57.45
C GLN A 1493 -22.10 23.95 57.28
N LEU A 1494 -21.63 23.52 56.11
CA LEU A 1494 -20.19 23.44 55.88
C LEU A 1494 -19.54 24.82 56.00
N LEU A 1495 -20.06 25.80 55.26
CA LEU A 1495 -19.49 27.13 55.27
C LEU A 1495 -19.73 27.87 56.58
N SER A 1496 -20.75 27.47 57.35
CA SER A 1496 -20.97 28.09 58.64
C SER A 1496 -19.80 27.86 59.60
N ASP A 1497 -18.96 26.86 59.32
CA ASP A 1497 -17.85 26.52 60.20
C ASP A 1497 -16.57 27.27 59.85
N ASN A 1498 -16.29 27.45 58.57
CA ASN A 1498 -15.04 28.05 58.12
C ASN A 1498 -15.22 28.65 56.73
N LYS A 1499 -14.27 29.50 56.35
CA LYS A 1499 -14.22 30.04 54.99
C LYS A 1499 -13.55 29.00 54.09
N SER A 1500 -14.37 28.08 53.59
CA SER A 1500 -13.88 26.96 52.82
C SER A 1500 -13.25 27.42 51.50
N LEU A 1501 -12.46 26.52 50.91
CA LEU A 1501 -11.80 26.83 49.64
C LEU A 1501 -12.83 27.13 48.56
N PHE A 1502 -13.78 26.23 48.37
CA PHE A 1502 -14.82 26.47 47.36
C PHE A 1502 -15.63 27.71 47.71
N TYR A 1503 -15.90 27.90 49.00
CA TYR A 1503 -16.64 29.09 49.43
C TYR A 1503 -15.91 30.38 49.05
N SER A 1504 -14.60 30.31 48.80
CA SER A 1504 -13.88 31.47 48.30
C SER A 1504 -14.40 31.88 46.93
N LEU A 1505 -14.66 30.90 46.06
CA LEU A 1505 -15.23 31.20 44.75
C LEU A 1505 -16.70 31.57 44.87
N CYS A 1506 -17.42 30.92 45.77
CA CYS A 1506 -18.84 31.18 45.96
C CYS A 1506 -19.07 32.37 46.88
N UNK B 1 15.30 47.40 13.32
CA UNK B 1 16.00 47.14 12.07
C UNK B 1 15.06 46.52 11.03
N UNK B 2 15.54 46.46 9.79
CA UNK B 2 14.74 45.95 8.67
C UNK B 2 15.00 44.48 8.38
N UNK B 3 15.50 43.72 9.36
CA UNK B 3 15.87 42.33 9.11
C UNK B 3 14.67 41.53 8.62
N UNK B 4 14.97 40.44 7.91
CA UNK B 4 13.95 39.53 7.39
C UNK B 4 14.43 38.10 7.57
N UNK B 5 13.49 37.16 7.49
CA UNK B 5 13.83 35.76 7.66
C UNK B 5 14.38 35.17 6.36
N UNK B 6 14.86 33.93 6.44
CA UNK B 6 15.43 33.23 5.29
C UNK B 6 14.96 31.78 5.30
N UNK B 7 14.90 31.19 4.11
CA UNK B 7 14.36 29.85 3.96
C UNK B 7 15.41 28.79 4.24
N UNK B 8 14.94 27.63 4.70
CA UNK B 8 15.82 26.49 4.94
C UNK B 8 16.08 25.75 3.64
N UNK B 9 17.24 25.10 3.57
CA UNK B 9 17.62 24.37 2.36
C UNK B 9 16.75 23.13 2.21
N UNK B 10 16.20 22.96 1.00
CA UNK B 10 15.34 21.82 0.71
C UNK B 10 16.18 20.57 0.48
N UNK B 11 15.82 19.46 1.13
CA UNK B 11 16.53 18.20 0.97
C UNK B 11 15.64 17.02 1.31
N UNK B 12 16.26 15.87 1.55
CA UNK B 12 15.50 14.66 1.82
C UNK B 12 14.61 14.81 3.03
N UNK B 13 13.39 14.30 2.92
CA UNK B 13 12.37 14.34 3.96
C UNK B 13 12.28 13.09 4.83
N UNK B 14 13.22 12.17 4.66
CA UNK B 14 13.29 10.95 5.46
C UNK B 14 11.98 10.18 5.60
#